data_2MX6
#
_entry.id   2MX6
#
loop_
_entity.id
_entity.type
_entity.pdbx_description
1 polymer 'Segment polarity protein dishevelled homolog DVL-1'
2 polymer '(PHQ)WV peptide'
#
loop_
_entity_poly.entity_id
_entity_poly.type
_entity_poly.pdbx_seq_one_letter_code
_entity_poly.pdbx_strand_id
1 'polypeptide(L)'
;NIITVTLNMERHHFLGISIVGQSNDRGDGGIYIGSIMKGGAVAADGRIEPGDMLLQVNDVNFENMSNDDAVRVLREIVSQ
TGPISLTVAK
;
A
2 'polypeptide(L)' (PHQ)WV B
#
loop_
_chem_comp.id
_chem_comp.type
_chem_comp.name
_chem_comp.formula
PHQ non-polymer 'benzyl chlorocarbonate' 'C8 H7 Cl O2'
#
# COMPACT_ATOMS: atom_id res chain seq x y z
N ASN A 1 -3.25 15.31 3.24
CA ASN A 1 -1.79 15.43 3.09
C ASN A 1 -1.24 14.24 2.31
N ILE A 2 -0.32 14.51 1.39
CA ILE A 2 0.26 13.45 0.59
C ILE A 2 1.66 13.11 1.09
N ILE A 3 1.87 11.86 1.45
CA ILE A 3 3.16 11.42 1.94
C ILE A 3 3.74 10.32 1.06
N THR A 4 4.95 10.56 0.57
CA THR A 4 5.63 9.58 -0.27
C THR A 4 6.82 8.99 0.48
N VAL A 5 6.73 7.71 0.82
CA VAL A 5 7.80 7.04 1.56
C VAL A 5 8.54 6.04 0.69
N THR A 6 9.76 5.75 1.07
CA THR A 6 10.59 4.79 0.36
C THR A 6 11.06 3.74 1.37
N LEU A 7 10.60 2.51 1.19
CA LEU A 7 10.95 1.44 2.12
C LEU A 7 12.10 0.58 1.63
N ASN A 8 12.99 0.25 2.55
CA ASN A 8 14.14 -0.58 2.26
C ASN A 8 13.73 -2.05 2.22
N MET A 9 13.77 -2.63 1.02
CA MET A 9 13.38 -4.02 0.84
C MET A 9 14.60 -4.94 0.88
N GLU A 10 15.68 -4.45 1.48
CA GLU A 10 16.90 -5.25 1.60
C GLU A 10 16.88 -5.98 2.93
N ARG A 11 16.65 -5.23 4.00
CA ARG A 11 16.60 -5.79 5.34
C ARG A 11 15.19 -6.29 5.65
N HIS A 12 14.30 -6.16 4.67
CA HIS A 12 12.92 -6.61 4.82
C HIS A 12 12.55 -7.51 3.66
N HIS A 13 11.57 -8.38 3.87
CA HIS A 13 11.14 -9.29 2.82
C HIS A 13 9.64 -9.17 2.55
N PHE A 14 9.02 -8.17 3.17
CA PHE A 14 7.59 -7.95 3.01
C PHE A 14 7.21 -6.55 3.46
N LEU A 15 6.01 -6.12 3.08
CA LEU A 15 5.52 -4.81 3.45
C LEU A 15 4.99 -4.85 4.88
N GLY A 16 4.05 -5.75 5.12
CA GLY A 16 3.49 -5.92 6.44
C GLY A 16 2.24 -5.08 6.65
N ILE A 17 1.37 -5.07 5.66
CA ILE A 17 0.13 -4.30 5.75
C ILE A 17 -1.05 -5.03 5.12
N SER A 18 -2.23 -4.75 5.66
CA SER A 18 -3.46 -5.32 5.16
C SER A 18 -4.14 -4.28 4.28
N ILE A 19 -4.56 -4.69 3.09
CA ILE A 19 -5.19 -3.76 2.17
C ILE A 19 -6.71 -3.88 2.24
N VAL A 20 -7.35 -2.81 2.68
CA VAL A 20 -8.81 -2.76 2.81
C VAL A 20 -9.45 -2.34 1.50
N GLY A 21 -10.38 -3.16 1.01
CA GLY A 21 -11.05 -2.86 -0.24
C GLY A 21 -12.41 -2.22 -0.02
N GLN A 22 -12.44 -0.90 0.07
CA GLN A 22 -13.68 -0.17 0.27
C GLN A 22 -14.51 -0.18 -1.00
N SER A 23 -15.70 -0.75 -0.92
CA SER A 23 -16.59 -0.83 -2.07
C SER A 23 -17.99 -0.32 -1.73
N ASN A 24 -18.36 0.80 -2.33
CA ASN A 24 -19.67 1.41 -2.09
C ASN A 24 -20.67 0.89 -3.14
N ASP A 25 -21.68 1.70 -3.45
CA ASP A 25 -22.70 1.33 -4.43
C ASP A 25 -22.08 1.04 -5.79
N ARG A 26 -21.19 1.93 -6.23
CA ARG A 26 -20.51 1.76 -7.52
C ARG A 26 -19.43 0.70 -7.41
N GLY A 27 -18.53 0.89 -6.46
CA GLY A 27 -17.45 -0.05 -6.26
C GLY A 27 -16.13 0.65 -6.00
N ASP A 28 -15.94 1.79 -6.65
CA ASP A 28 -14.70 2.54 -6.50
C ASP A 28 -14.69 3.28 -5.16
N GLY A 29 -14.11 2.63 -4.16
CA GLY A 29 -14.03 3.22 -2.83
C GLY A 29 -12.60 3.53 -2.45
N GLY A 30 -11.67 2.73 -2.94
CA GLY A 30 -10.27 2.96 -2.63
C GLY A 30 -9.72 1.93 -1.68
N ILE A 31 -8.39 1.76 -1.69
CA ILE A 31 -7.73 0.82 -0.83
C ILE A 31 -7.06 1.53 0.34
N TYR A 32 -7.43 1.12 1.55
CA TYR A 32 -6.89 1.74 2.75
C TYR A 32 -5.99 0.78 3.51
N ILE A 33 -5.09 1.34 4.31
CA ILE A 33 -4.18 0.56 5.11
C ILE A 33 -4.89 0.05 6.36
N GLY A 34 -4.98 -1.26 6.50
CA GLY A 34 -5.62 -1.84 7.67
C GLY A 34 -4.64 -2.05 8.80
N SER A 35 -4.39 -3.30 9.13
CA SER A 35 -3.48 -3.64 10.20
C SER A 35 -2.03 -3.67 9.71
N ILE A 36 -1.12 -3.15 10.54
CA ILE A 36 0.30 -3.15 10.21
C ILE A 36 0.99 -4.25 11.00
N MET A 37 1.81 -5.03 10.32
CA MET A 37 2.53 -6.15 10.94
C MET A 37 3.93 -5.72 11.38
N LYS A 38 4.30 -6.10 12.59
CA LYS A 38 5.61 -5.76 13.13
C LYS A 38 6.70 -6.55 12.41
N GLY A 39 7.75 -5.86 12.01
CA GLY A 39 8.83 -6.50 11.31
C GLY A 39 8.82 -6.19 9.84
N GLY A 40 7.67 -5.71 9.36
CA GLY A 40 7.53 -5.37 7.97
C GLY A 40 8.21 -4.07 7.63
N ALA A 41 8.35 -3.80 6.34
CA ALA A 41 8.99 -2.58 5.87
C ALA A 41 8.19 -1.34 6.29
N VAL A 42 6.87 -1.47 6.29
CA VAL A 42 5.99 -0.36 6.66
C VAL A 42 6.13 -0.04 8.15
N ALA A 43 6.19 -1.08 8.97
CA ALA A 43 6.30 -0.92 10.42
C ALA A 43 7.66 -0.33 10.81
N ALA A 44 8.62 -0.41 9.90
CA ALA A 44 9.95 0.10 10.14
C ALA A 44 10.00 1.61 9.95
N ASP A 45 9.03 2.15 9.21
CA ASP A 45 8.98 3.58 8.97
C ASP A 45 8.15 4.27 10.05
N GLY A 46 6.84 4.25 9.91
CA GLY A 46 5.99 4.87 10.91
C GLY A 46 5.08 5.95 10.35
N ARG A 47 5.44 6.52 9.20
CA ARG A 47 4.63 7.57 8.60
C ARG A 47 3.26 7.04 8.15
N ILE A 48 3.24 5.78 7.76
CA ILE A 48 2.00 5.15 7.32
C ILE A 48 1.29 4.53 8.54
N GLU A 49 0.01 4.79 8.67
CA GLU A 49 -0.76 4.27 9.79
C GLU A 49 -2.12 3.75 9.30
N PRO A 50 -2.83 2.97 10.15
CA PRO A 50 -4.15 2.45 9.79
C PRO A 50 -5.11 3.56 9.42
N GLY A 51 -5.61 3.53 8.19
CA GLY A 51 -6.54 4.55 7.74
C GLY A 51 -6.03 5.27 6.52
N ASP A 52 -4.72 5.21 6.29
CA ASP A 52 -4.12 5.87 5.12
C ASP A 52 -4.59 5.21 3.84
N MET A 53 -4.83 6.00 2.81
CA MET A 53 -5.28 5.46 1.53
C MET A 53 -4.11 5.38 0.55
N LEU A 54 -3.98 4.24 -0.11
CA LEU A 54 -2.91 4.04 -1.08
C LEU A 54 -3.29 4.63 -2.43
N LEU A 55 -2.46 5.55 -2.92
CA LEU A 55 -2.71 6.19 -4.20
C LEU A 55 -1.81 5.58 -5.27
N GLN A 56 -0.53 5.90 -5.18
CA GLN A 56 0.45 5.43 -6.14
C GLN A 56 1.48 4.55 -5.47
N VAL A 57 1.77 3.42 -6.09
CA VAL A 57 2.76 2.49 -5.58
C VAL A 57 3.80 2.24 -6.65
N ASN A 58 4.91 2.96 -6.55
CA ASN A 58 6.02 2.86 -7.49
C ASN A 58 5.58 3.20 -8.90
N ASP A 59 5.37 4.50 -9.15
CA ASP A 59 4.98 5.05 -10.46
C ASP A 59 3.51 4.80 -10.81
N VAL A 60 3.03 3.57 -10.69
CA VAL A 60 1.64 3.27 -11.03
C VAL A 60 0.65 3.82 -10.00
N ASN A 61 -0.36 4.51 -10.50
CA ASN A 61 -1.40 5.10 -9.64
C ASN A 61 -2.67 4.27 -9.72
N PHE A 62 -3.14 3.80 -8.58
CA PHE A 62 -4.34 2.97 -8.52
C PHE A 62 -5.59 3.80 -8.20
N GLU A 63 -5.43 5.12 -8.18
CA GLU A 63 -6.55 6.02 -7.87
C GLU A 63 -7.66 5.95 -8.91
N ASN A 64 -7.39 5.31 -10.03
CA ASN A 64 -8.39 5.17 -11.10
C ASN A 64 -8.57 3.71 -11.49
N MET A 65 -8.29 2.82 -10.55
CA MET A 65 -8.42 1.39 -10.80
C MET A 65 -9.32 0.75 -9.75
N SER A 66 -9.81 -0.45 -10.03
CA SER A 66 -10.68 -1.13 -9.09
C SER A 66 -9.91 -1.63 -7.88
N ASN A 67 -10.61 -1.86 -6.78
CA ASN A 67 -9.99 -2.33 -5.55
C ASN A 67 -9.19 -3.61 -5.78
N ASP A 68 -9.77 -4.53 -6.54
CA ASP A 68 -9.13 -5.81 -6.85
C ASP A 68 -7.85 -5.58 -7.65
N ASP A 69 -7.98 -4.85 -8.76
CA ASP A 69 -6.85 -4.56 -9.64
C ASP A 69 -5.72 -3.85 -8.89
N ALA A 70 -6.11 -2.95 -8.00
CA ALA A 70 -5.15 -2.18 -7.20
C ALA A 70 -4.23 -3.10 -6.38
N VAL A 71 -4.82 -3.99 -5.59
CA VAL A 71 -4.03 -4.89 -4.76
C VAL A 71 -3.32 -5.94 -5.61
N ARG A 72 -3.93 -6.31 -6.73
CA ARG A 72 -3.33 -7.28 -7.63
C ARG A 72 -1.94 -6.83 -8.06
N VAL A 73 -1.85 -5.59 -8.55
CA VAL A 73 -0.59 -5.03 -8.98
C VAL A 73 0.33 -4.77 -7.78
N LEU A 74 -0.27 -4.34 -6.66
CA LEU A 74 0.48 -4.07 -5.44
C LEU A 74 1.27 -5.30 -5.02
N ARG A 75 0.59 -6.43 -4.97
CA ARG A 75 1.21 -7.68 -4.56
C ARG A 75 2.32 -8.07 -5.52
N GLU A 76 2.14 -7.78 -6.80
CA GLU A 76 3.14 -8.10 -7.81
C GLU A 76 4.42 -7.30 -7.58
N ILE A 77 4.26 -6.06 -7.13
CA ILE A 77 5.40 -5.19 -6.86
C ILE A 77 6.11 -5.62 -5.59
N VAL A 78 5.34 -5.99 -4.58
CA VAL A 78 5.90 -6.43 -3.31
C VAL A 78 6.57 -7.80 -3.47
N SER A 79 6.16 -8.53 -4.50
CA SER A 79 6.72 -9.84 -4.79
C SER A 79 7.93 -9.71 -5.72
N GLN A 80 8.66 -8.60 -5.57
CA GLN A 80 9.84 -8.35 -6.37
C GLN A 80 10.90 -7.65 -5.53
N THR A 81 12.11 -7.51 -6.07
CA THR A 81 13.19 -6.86 -5.35
C THR A 81 13.33 -5.39 -5.76
N GLY A 82 13.79 -4.57 -4.82
CA GLY A 82 13.97 -3.16 -5.10
C GLY A 82 13.21 -2.28 -4.13
N PRO A 83 13.62 -1.01 -3.99
CA PRO A 83 12.96 -0.06 -3.08
C PRO A 83 11.54 0.26 -3.53
N ILE A 84 10.60 0.23 -2.59
CA ILE A 84 9.21 0.49 -2.92
C ILE A 84 8.79 1.90 -2.48
N SER A 85 8.36 2.69 -3.46
CA SER A 85 7.90 4.05 -3.20
C SER A 85 6.39 4.06 -2.99
N LEU A 86 5.97 4.29 -1.75
CA LEU A 86 4.56 4.30 -1.42
C LEU A 86 4.03 5.72 -1.25
N THR A 87 3.01 6.06 -2.03
CA THR A 87 2.39 7.37 -1.95
C THR A 87 1.01 7.24 -1.31
N VAL A 88 0.91 7.64 -0.05
CA VAL A 88 -0.35 7.53 0.68
C VAL A 88 -1.02 8.89 0.85
N ALA A 89 -2.35 8.84 0.98
CA ALA A 89 -3.15 10.04 1.19
C ALA A 89 -3.67 10.08 2.61
N LYS A 90 -3.15 11.03 3.38
CA LYS A 90 -3.57 11.19 4.76
C LYS A 90 -4.40 12.45 4.88
C1 PHQ B 1 -4.13 -8.19 1.23
O1 PHQ B 1 -4.34 -7.43 2.17
O2 PHQ B 1 -5.13 -8.33 0.09
C2 PHQ B 1 -6.26 -7.32 0.24
C3 PHQ B 1 -7.27 -7.36 -0.89
C4 PHQ B 1 -7.13 -8.29 -1.94
C5 PHQ B 1 -7.88 -8.11 -3.12
C6 PHQ B 1 -8.89 -7.15 -3.17
C7 PHQ B 1 -9.14 -6.33 -2.06
C8 PHQ B 1 -8.36 -6.47 -0.89
H21 PHQ B 1 -5.83 -6.32 0.27
H22 PHQ B 1 -6.78 -7.51 1.18
H41 PHQ B 1 -6.45 -9.12 -1.85
H51 PHQ B 1 -7.66 -8.72 -3.99
H61 PHQ B 1 -9.50 -7.04 -4.06
H71 PHQ B 1 -9.92 -5.58 -2.08
H81 PHQ B 1 -8.60 -5.90 -0.01
N TRP B 2 -3.01 -8.91 1.21
CA TRP B 2 -2.00 -8.85 2.26
C TRP B 2 -0.60 -8.91 1.66
N VAL B 3 0.26 -7.99 2.09
CA VAL B 3 1.63 -7.97 1.60
C VAL B 3 2.56 -7.39 2.65
N ASN A 1 -3.39 15.25 2.97
CA ASN A 1 -1.94 15.23 3.23
C ASN A 1 -1.29 14.02 2.57
N ILE A 2 -0.86 14.19 1.33
CA ILE A 2 -0.21 13.11 0.59
C ILE A 2 1.24 12.98 1.02
N ILE A 3 1.66 11.76 1.36
CA ILE A 3 3.03 11.52 1.79
C ILE A 3 3.65 10.37 0.99
N THR A 4 4.85 10.58 0.49
CA THR A 4 5.56 9.57 -0.26
C THR A 4 6.68 8.99 0.58
N VAL A 5 6.56 7.73 0.96
CA VAL A 5 7.57 7.09 1.79
C VAL A 5 8.44 6.15 0.96
N THR A 6 9.69 6.00 1.38
CA THR A 6 10.63 5.12 0.70
C THR A 6 11.03 4.00 1.66
N LEU A 7 10.72 2.77 1.28
CA LEU A 7 11.02 1.63 2.13
C LEU A 7 12.19 0.82 1.58
N ASN A 8 12.89 0.15 2.50
CA ASN A 8 14.04 -0.67 2.13
C ASN A 8 13.63 -2.15 2.10
N MET A 9 13.91 -2.80 0.98
CA MET A 9 13.54 -4.20 0.82
C MET A 9 14.76 -5.11 0.95
N GLU A 10 15.79 -4.63 1.60
CA GLU A 10 17.00 -5.43 1.81
C GLU A 10 16.93 -6.10 3.18
N ARG A 11 16.68 -5.30 4.21
CA ARG A 11 16.56 -5.82 5.56
C ARG A 11 15.17 -6.42 5.76
N HIS A 12 14.22 -5.93 4.99
CA HIS A 12 12.84 -6.42 5.04
C HIS A 12 12.53 -7.17 3.77
N HIS A 13 11.64 -8.15 3.84
CA HIS A 13 11.28 -8.91 2.65
C HIS A 13 9.79 -8.86 2.39
N PHE A 14 9.10 -7.96 3.09
CA PHE A 14 7.67 -7.79 2.93
C PHE A 14 7.23 -6.44 3.47
N LEU A 15 6.04 -6.01 3.07
CA LEU A 15 5.50 -4.73 3.49
C LEU A 15 4.98 -4.83 4.92
N GLY A 16 4.11 -5.81 5.14
CA GLY A 16 3.55 -6.03 6.45
C GLY A 16 2.30 -5.21 6.68
N ILE A 17 1.43 -5.15 5.69
CA ILE A 17 0.20 -4.38 5.79
C ILE A 17 -0.99 -5.13 5.23
N SER A 18 -2.16 -4.79 5.75
CA SER A 18 -3.41 -5.39 5.31
C SER A 18 -4.17 -4.36 4.47
N ILE A 19 -4.47 -4.71 3.23
CA ILE A 19 -5.16 -3.81 2.34
C ILE A 19 -6.68 -4.02 2.42
N VAL A 20 -7.41 -2.92 2.54
CA VAL A 20 -8.87 -2.98 2.63
C VAL A 20 -9.49 -2.25 1.43
N GLY A 21 -10.33 -2.95 0.69
CA GLY A 21 -10.97 -2.34 -0.47
C GLY A 21 -12.33 -1.77 -0.13
N GLN A 22 -12.44 -0.45 -0.20
CA GLN A 22 -13.70 0.23 0.09
C GLN A 22 -14.76 -0.12 -0.95
N SER A 23 -15.73 -0.90 -0.54
CA SER A 23 -16.80 -1.30 -1.43
C SER A 23 -18.11 -0.61 -1.03
N ASN A 24 -18.89 -0.23 -2.02
CA ASN A 24 -20.16 0.45 -1.78
C ASN A 24 -21.04 0.36 -3.01
N ASP A 25 -22.13 1.11 -3.02
CA ASP A 25 -23.07 1.13 -4.15
C ASP A 25 -22.34 1.51 -5.44
N ARG A 26 -21.44 2.50 -5.34
CA ARG A 26 -20.68 2.95 -6.50
C ARG A 26 -19.60 1.92 -6.85
N GLY A 27 -18.97 1.38 -5.81
CA GLY A 27 -17.93 0.38 -6.02
C GLY A 27 -16.54 0.97 -5.96
N ASP A 28 -16.34 2.09 -6.64
CA ASP A 28 -15.03 2.74 -6.66
C ASP A 28 -14.75 3.47 -5.34
N GLY A 29 -14.38 2.70 -4.33
CA GLY A 29 -14.09 3.28 -3.04
C GLY A 29 -12.62 3.55 -2.85
N GLY A 30 -11.78 2.59 -3.22
CA GLY A 30 -10.36 2.75 -3.08
C GLY A 30 -9.78 1.79 -2.06
N ILE A 31 -8.46 1.64 -2.08
CA ILE A 31 -7.80 0.74 -1.15
C ILE A 31 -7.18 1.51 0.02
N TYR A 32 -7.53 1.10 1.23
CA TYR A 32 -7.04 1.73 2.44
C TYR A 32 -6.21 0.76 3.27
N ILE A 33 -5.38 1.31 4.15
CA ILE A 33 -4.57 0.49 5.02
C ILE A 33 -5.39 0.08 6.25
N GLY A 34 -5.69 -1.21 6.35
CA GLY A 34 -6.49 -1.70 7.46
C GLY A 34 -5.69 -1.85 8.73
N SER A 35 -4.61 -2.63 8.68
CA SER A 35 -3.77 -2.86 9.83
C SER A 35 -2.30 -2.92 9.43
N ILE A 36 -1.42 -2.75 10.40
CA ILE A 36 0.02 -2.79 10.16
C ILE A 36 0.68 -3.86 11.01
N MET A 37 1.50 -4.69 10.40
CA MET A 37 2.20 -5.76 11.10
C MET A 37 3.60 -5.31 11.50
N LYS A 38 3.84 -5.23 12.80
CA LYS A 38 5.15 -4.82 13.31
C LYS A 38 6.20 -5.85 12.91
N GLY A 39 7.07 -5.44 11.99
CA GLY A 39 8.12 -6.32 11.51
C GLY A 39 8.35 -6.11 10.03
N GLY A 40 7.32 -5.60 9.36
CA GLY A 40 7.41 -5.33 7.94
C GLY A 40 8.11 -4.02 7.65
N ALA A 41 8.28 -3.72 6.37
CA ALA A 41 8.95 -2.49 5.95
C ALA A 41 8.13 -1.26 6.31
N VAL A 42 6.82 -1.39 6.30
CA VAL A 42 5.92 -0.28 6.62
C VAL A 42 5.97 0.05 8.11
N ALA A 43 6.00 -0.97 8.94
CA ALA A 43 6.03 -0.80 10.39
C ALA A 43 7.33 -0.17 10.85
N ALA A 44 8.34 -0.23 10.00
CA ALA A 44 9.64 0.34 10.32
C ALA A 44 9.67 1.84 10.02
N ASP A 45 8.68 2.32 9.28
CA ASP A 45 8.60 3.74 8.94
C ASP A 45 7.84 4.51 10.02
N GLY A 46 6.53 4.32 10.06
CA GLY A 46 5.73 4.98 11.07
C GLY A 46 4.81 6.07 10.51
N ARG A 47 5.13 6.56 9.30
CA ARG A 47 4.29 7.60 8.69
C ARG A 47 2.95 7.05 8.27
N ILE A 48 2.94 5.82 7.79
CA ILE A 48 1.69 5.17 7.36
C ILE A 48 0.94 4.66 8.59
N GLU A 49 -0.36 4.90 8.61
CA GLU A 49 -1.20 4.48 9.72
C GLU A 49 -2.51 3.91 9.20
N PRO A 50 -3.23 3.13 10.02
CA PRO A 50 -4.53 2.57 9.62
C PRO A 50 -5.51 3.66 9.21
N GLY A 51 -6.03 3.55 8.00
CA GLY A 51 -6.96 4.54 7.49
C GLY A 51 -6.39 5.29 6.31
N ASP A 52 -5.08 5.19 6.12
CA ASP A 52 -4.41 5.85 5.00
C ASP A 52 -4.85 5.23 3.69
N MET A 53 -5.00 6.04 2.66
CA MET A 53 -5.42 5.55 1.36
C MET A 53 -4.23 5.43 0.41
N LEU A 54 -4.16 4.34 -0.33
CA LEU A 54 -3.07 4.12 -1.27
C LEU A 54 -3.43 4.71 -2.63
N LEU A 55 -2.58 5.58 -3.14
CA LEU A 55 -2.83 6.21 -4.43
C LEU A 55 -1.92 5.61 -5.49
N GLN A 56 -0.64 5.93 -5.43
CA GLN A 56 0.33 5.45 -6.39
C GLN A 56 1.45 4.70 -5.69
N VAL A 57 1.81 3.55 -6.24
CA VAL A 57 2.88 2.74 -5.69
C VAL A 57 3.83 2.31 -6.79
N ASN A 58 5.01 2.92 -6.82
CA ASN A 58 6.02 2.63 -7.82
C ASN A 58 5.52 2.94 -9.23
N ASP A 59 5.23 4.22 -9.46
CA ASP A 59 4.78 4.75 -10.75
C ASP A 59 3.31 4.43 -11.08
N VAL A 60 2.90 3.18 -10.90
CA VAL A 60 1.52 2.81 -11.21
C VAL A 60 0.53 3.42 -10.22
N ASN A 61 -0.51 4.04 -10.76
CA ASN A 61 -1.55 4.68 -9.94
C ASN A 61 -2.80 3.81 -9.89
N PHE A 62 -3.43 3.74 -8.73
CA PHE A 62 -4.63 2.93 -8.55
C PHE A 62 -5.86 3.79 -8.31
N GLU A 63 -5.70 5.12 -8.41
CA GLU A 63 -6.81 6.06 -8.20
C GLU A 63 -7.95 5.83 -9.18
N ASN A 64 -7.63 5.28 -10.35
CA ASN A 64 -8.65 5.02 -11.37
C ASN A 64 -8.78 3.52 -11.64
N MET A 65 -8.44 2.72 -10.66
CA MET A 65 -8.51 1.26 -10.81
C MET A 65 -9.48 0.67 -9.80
N SER A 66 -9.87 -0.58 -10.00
CA SER A 66 -10.80 -1.24 -9.10
C SER A 66 -10.08 -1.64 -7.82
N ASN A 67 -10.85 -1.97 -6.79
CA ASN A 67 -10.28 -2.39 -5.51
C ASN A 67 -9.51 -3.67 -5.69
N ASP A 68 -10.03 -4.54 -6.55
CA ASP A 68 -9.42 -5.83 -6.83
C ASP A 68 -8.14 -5.67 -7.64
N ASP A 69 -8.25 -4.96 -8.77
CA ASP A 69 -7.11 -4.72 -9.66
C ASP A 69 -5.96 -4.02 -8.94
N ALA A 70 -6.30 -3.13 -8.03
CA ALA A 70 -5.30 -2.37 -7.28
C ALA A 70 -4.36 -3.29 -6.49
N VAL A 71 -4.93 -4.21 -5.73
CA VAL A 71 -4.11 -5.12 -4.92
C VAL A 71 -3.38 -6.12 -5.81
N ARG A 72 -3.98 -6.44 -6.97
CA ARG A 72 -3.36 -7.37 -7.91
C ARG A 72 -1.96 -6.90 -8.29
N VAL A 73 -1.87 -5.62 -8.63
CA VAL A 73 -0.59 -5.03 -9.01
C VAL A 73 0.28 -4.80 -7.78
N LEU A 74 -0.35 -4.32 -6.72
CA LEU A 74 0.37 -4.05 -5.46
C LEU A 74 1.14 -5.26 -4.98
N ARG A 75 0.47 -6.41 -4.92
CA ARG A 75 1.09 -7.63 -4.46
C ARG A 75 2.23 -8.03 -5.38
N GLU A 76 2.07 -7.81 -6.67
CA GLU A 76 3.11 -8.13 -7.63
C GLU A 76 4.37 -7.30 -7.37
N ILE A 77 4.17 -6.02 -7.11
CA ILE A 77 5.27 -5.10 -6.83
C ILE A 77 6.03 -5.54 -5.58
N VAL A 78 5.30 -5.82 -4.51
CA VAL A 78 5.91 -6.21 -3.24
C VAL A 78 6.55 -7.61 -3.35
N SER A 79 6.20 -8.35 -4.39
CA SER A 79 6.77 -9.67 -4.60
C SER A 79 8.10 -9.59 -5.35
N GLN A 80 8.45 -8.39 -5.77
CA GLN A 80 9.69 -8.18 -6.50
C GLN A 80 10.76 -7.61 -5.57
N THR A 81 12.02 -7.95 -5.85
CA THR A 81 13.13 -7.49 -5.04
C THR A 81 13.64 -6.14 -5.52
N GLY A 82 13.06 -5.06 -5.00
CA GLY A 82 13.47 -3.72 -5.39
C GLY A 82 12.93 -2.67 -4.45
N PRO A 83 13.34 -1.40 -4.61
CA PRO A 83 12.87 -0.30 -3.77
C PRO A 83 11.38 -0.02 -3.95
N ILE A 84 10.70 0.29 -2.85
CA ILE A 84 9.28 0.56 -2.90
C ILE A 84 8.97 1.97 -2.40
N SER A 85 8.30 2.75 -3.25
CA SER A 85 7.90 4.11 -2.92
C SER A 85 6.39 4.18 -2.80
N LEU A 86 5.89 4.21 -1.58
CA LEU A 86 4.46 4.25 -1.32
C LEU A 86 3.96 5.68 -1.18
N THR A 87 3.01 6.05 -2.03
CA THR A 87 2.42 7.37 -1.99
C THR A 87 1.02 7.26 -1.36
N VAL A 88 0.94 7.58 -0.08
CA VAL A 88 -0.32 7.47 0.66
C VAL A 88 -1.01 8.82 0.82
N ALA A 89 -2.33 8.77 0.93
CA ALA A 89 -3.14 9.96 1.12
C ALA A 89 -3.69 9.99 2.54
N LYS A 90 -3.17 10.89 3.35
CA LYS A 90 -3.60 11.03 4.73
C LYS A 90 -4.48 12.26 4.86
C1 PHQ B 1 -4.06 -8.34 1.43
O1 PHQ B 1 -4.25 -7.61 2.41
O2 PHQ B 1 -5.13 -8.49 0.37
C2 PHQ B 1 -6.07 -7.30 0.37
C3 PHQ B 1 -7.27 -7.46 -0.54
C4 PHQ B 1 -8.42 -6.68 -0.33
C5 PHQ B 1 -9.45 -6.67 -1.29
C6 PHQ B 1 -9.37 -7.50 -2.42
C7 PHQ B 1 -8.26 -8.37 -2.57
C8 PHQ B 1 -7.25 -8.38 -1.60
H21 PHQ B 1 -5.51 -6.42 0.05
H22 PHQ B 1 -6.43 -7.14 1.39
H41 PHQ B 1 -8.51 -6.09 0.57
H51 PHQ B 1 -10.30 -6.02 -1.17
H61 PHQ B 1 -10.14 -7.49 -3.17
H71 PHQ B 1 -8.20 -9.01 -3.44
H81 PHQ B 1 -6.46 -9.11 -1.66
N TRP B 2 -2.91 -8.98 1.30
CA TRP B 2 -1.83 -8.87 2.29
C TRP B 2 -0.47 -8.84 1.60
N VAL B 3 0.40 -7.96 2.07
CA VAL B 3 1.74 -7.85 1.52
C VAL B 3 2.70 -7.36 2.59
N ASN A 1 -3.63 15.22 3.57
CA ASN A 1 -2.20 15.45 3.26
C ASN A 1 -1.62 14.20 2.61
N ILE A 2 -1.01 14.38 1.45
CA ILE A 2 -0.40 13.27 0.72
C ILE A 2 1.09 13.16 1.02
N ILE A 3 1.52 11.99 1.46
CA ILE A 3 2.93 11.78 1.78
C ILE A 3 3.52 10.61 0.98
N THR A 4 4.62 10.88 0.29
CA THR A 4 5.31 9.88 -0.49
C THR A 4 6.48 9.32 0.32
N VAL A 5 6.30 8.14 0.87
CA VAL A 5 7.34 7.53 1.69
C VAL A 5 8.11 6.46 0.92
N THR A 6 9.30 6.13 1.41
CA THR A 6 10.12 5.11 0.80
C THR A 6 10.42 4.04 1.84
N LEU A 7 10.46 2.79 1.43
CA LEU A 7 10.71 1.71 2.37
C LEU A 7 11.91 0.86 1.95
N ASN A 8 12.74 0.53 2.93
CA ASN A 8 13.92 -0.29 2.70
C ASN A 8 13.52 -1.76 2.60
N MET A 9 13.65 -2.33 1.41
CA MET A 9 13.29 -3.73 1.18
C MET A 9 14.52 -4.63 1.28
N GLU A 10 15.57 -4.11 1.90
CA GLU A 10 16.79 -4.88 2.08
C GLU A 10 16.70 -5.67 3.38
N ARG A 11 16.34 -4.96 4.44
CA ARG A 11 16.18 -5.55 5.76
C ARG A 11 14.76 -6.06 5.94
N HIS A 12 13.94 -5.90 4.92
CA HIS A 12 12.55 -6.33 4.97
C HIS A 12 12.21 -7.15 3.74
N HIS A 13 11.56 -8.28 3.95
CA HIS A 13 11.17 -9.14 2.84
C HIS A 13 9.68 -9.07 2.59
N PHE A 14 9.03 -8.05 3.16
CA PHE A 14 7.59 -7.85 3.01
C PHE A 14 7.19 -6.46 3.47
N LEU A 15 5.97 -6.05 3.13
CA LEU A 15 5.46 -4.74 3.51
C LEU A 15 4.93 -4.78 4.93
N GLY A 16 4.04 -5.73 5.19
CA GLY A 16 3.47 -5.89 6.51
C GLY A 16 2.22 -5.07 6.72
N ILE A 17 1.35 -5.06 5.72
CA ILE A 17 0.10 -4.30 5.81
C ILE A 17 -1.07 -5.05 5.19
N SER A 18 -2.25 -4.78 5.73
CA SER A 18 -3.48 -5.37 5.23
C SER A 18 -4.19 -4.36 4.35
N ILE A 19 -4.48 -4.77 3.13
CA ILE A 19 -5.14 -3.88 2.18
C ILE A 19 -6.65 -4.02 2.27
N VAL A 20 -7.31 -2.95 2.70
CA VAL A 20 -8.76 -2.95 2.81
C VAL A 20 -9.39 -2.25 1.61
N GLY A 21 -10.10 -3.02 0.80
CA GLY A 21 -10.73 -2.46 -0.38
C GLY A 21 -12.12 -1.95 -0.08
N GLN A 22 -12.25 -0.64 0.06
CA GLN A 22 -13.54 -0.02 0.35
C GLN A 22 -14.37 0.07 -0.92
N SER A 23 -15.42 -0.73 -0.99
CA SER A 23 -16.29 -0.74 -2.16
C SER A 23 -17.67 -0.16 -1.83
N ASN A 24 -17.98 0.99 -2.41
CA ASN A 24 -19.26 1.65 -2.19
C ASN A 24 -20.35 0.95 -3.02
N ASP A 25 -21.49 1.61 -3.20
CA ASP A 25 -22.61 1.05 -3.97
C ASP A 25 -22.19 0.72 -5.40
N ARG A 26 -21.35 1.57 -5.99
CA ARG A 26 -20.88 1.36 -7.35
C ARG A 26 -19.78 0.30 -7.37
N GLY A 27 -19.04 0.23 -6.29
CA GLY A 27 -17.94 -0.72 -6.19
C GLY A 27 -16.61 0.00 -6.05
N ASP A 28 -16.65 1.32 -6.19
CA ASP A 28 -15.47 2.15 -6.07
C ASP A 28 -15.27 2.57 -4.62
N GLY A 29 -14.14 3.22 -4.34
CA GLY A 29 -13.87 3.66 -2.99
C GLY A 29 -12.39 3.91 -2.76
N GLY A 30 -11.59 2.88 -2.97
CA GLY A 30 -10.16 3.00 -2.78
C GLY A 30 -9.63 1.99 -1.79
N ILE A 31 -8.33 1.76 -1.80
CA ILE A 31 -7.71 0.82 -0.88
C ILE A 31 -7.11 1.54 0.31
N TYR A 32 -7.53 1.14 1.49
CA TYR A 32 -7.06 1.75 2.73
C TYR A 32 -6.20 0.76 3.51
N ILE A 33 -5.33 1.29 4.36
CA ILE A 33 -4.47 0.46 5.18
C ILE A 33 -5.21 0.00 6.43
N GLY A 34 -5.37 -1.30 6.57
CA GLY A 34 -6.07 -1.82 7.73
C GLY A 34 -5.14 -2.10 8.89
N SER A 35 -4.80 -3.36 9.07
CA SER A 35 -3.91 -3.76 10.15
C SER A 35 -2.45 -3.69 9.71
N ILE A 36 -1.59 -3.20 10.61
CA ILE A 36 -0.17 -3.10 10.33
C ILE A 36 0.57 -4.18 11.09
N MET A 37 1.42 -4.92 10.40
CA MET A 37 2.18 -6.01 11.02
C MET A 37 3.56 -5.55 11.44
N LYS A 38 3.87 -5.72 12.72
CA LYS A 38 5.17 -5.32 13.24
C LYS A 38 6.26 -6.22 12.66
N GLY A 39 7.23 -5.60 12.02
CA GLY A 39 8.31 -6.34 11.40
C GLY A 39 8.42 -6.06 9.92
N GLY A 40 7.32 -5.56 9.36
CA GLY A 40 7.30 -5.23 7.94
C GLY A 40 7.99 -3.91 7.66
N ALA A 41 8.16 -3.59 6.39
CA ALA A 41 8.81 -2.36 5.98
C ALA A 41 8.02 -1.14 6.45
N VAL A 42 6.70 -1.26 6.43
CA VAL A 42 5.82 -0.18 6.85
C VAL A 42 5.95 0.09 8.35
N ALA A 43 6.15 -0.98 9.11
CA ALA A 43 6.28 -0.88 10.56
C ALA A 43 7.60 -0.25 10.97
N ALA A 44 8.51 -0.12 10.02
CA ALA A 44 9.82 0.48 10.30
C ALA A 44 9.80 1.96 9.96
N ASP A 45 8.74 2.40 9.30
CA ASP A 45 8.60 3.78 8.90
C ASP A 45 7.96 4.59 10.04
N GLY A 46 6.65 4.45 10.20
CA GLY A 46 5.96 5.16 11.26
C GLY A 46 4.98 6.21 10.76
N ARG A 47 5.09 6.60 9.49
CA ARG A 47 4.20 7.62 8.94
C ARG A 47 2.86 7.01 8.53
N ILE A 48 2.90 5.79 8.01
CA ILE A 48 1.68 5.11 7.59
C ILE A 48 0.97 4.50 8.79
N GLU A 49 -0.34 4.71 8.84
CA GLU A 49 -1.15 4.21 9.94
C GLU A 49 -2.48 3.65 9.41
N PRO A 50 -3.25 2.94 10.25
CA PRO A 50 -4.56 2.40 9.83
C PRO A 50 -5.53 3.51 9.44
N GLY A 51 -6.10 3.39 8.26
CA GLY A 51 -7.03 4.40 7.78
C GLY A 51 -6.47 5.18 6.62
N ASP A 52 -5.16 5.09 6.42
CA ASP A 52 -4.49 5.79 5.33
C ASP A 52 -4.89 5.18 3.99
N MET A 53 -5.08 6.02 2.99
CA MET A 53 -5.48 5.55 1.67
C MET A 53 -4.28 5.50 0.73
N LEU A 54 -4.13 4.37 0.03
CA LEU A 54 -3.03 4.20 -0.91
C LEU A 54 -3.44 4.73 -2.28
N LEU A 55 -2.68 5.70 -2.77
CA LEU A 55 -2.97 6.30 -4.07
C LEU A 55 -2.02 5.73 -5.13
N GLN A 56 -0.76 6.09 -5.02
CA GLN A 56 0.25 5.65 -5.96
C GLN A 56 1.23 4.70 -5.28
N VAL A 57 1.52 3.59 -5.95
CA VAL A 57 2.45 2.60 -5.44
C VAL A 57 3.57 2.37 -6.44
N ASN A 58 4.67 3.09 -6.24
CA ASN A 58 5.83 2.98 -7.10
C ASN A 58 5.50 3.31 -8.55
N ASP A 59 5.27 4.61 -8.81
CA ASP A 59 4.98 5.13 -10.15
C ASP A 59 3.54 4.89 -10.59
N VAL A 60 3.04 3.67 -10.46
CA VAL A 60 1.67 3.36 -10.87
C VAL A 60 0.64 3.91 -9.89
N ASN A 61 -0.35 4.60 -10.43
CA ASN A 61 -1.41 5.19 -9.61
C ASN A 61 -2.68 4.36 -9.70
N PHE A 62 -3.34 4.16 -8.56
CA PHE A 62 -4.56 3.37 -8.51
C PHE A 62 -5.77 4.27 -8.28
N GLU A 63 -5.58 5.58 -8.41
CA GLU A 63 -6.66 6.56 -8.20
C GLU A 63 -7.73 6.46 -9.30
N ASN A 64 -7.63 5.48 -10.17
CA ASN A 64 -8.59 5.30 -11.24
C ASN A 64 -8.70 3.82 -11.60
N MET A 65 -8.54 2.96 -10.61
CA MET A 65 -8.61 1.52 -10.82
C MET A 65 -9.47 0.87 -9.75
N SER A 66 -9.97 -0.33 -10.06
CA SER A 66 -10.80 -1.06 -9.12
C SER A 66 -10.00 -1.52 -7.91
N ASN A 67 -10.68 -1.69 -6.78
CA ASN A 67 -10.04 -2.13 -5.54
C ASN A 67 -9.26 -3.42 -5.75
N ASP A 68 -9.89 -4.38 -6.42
CA ASP A 68 -9.25 -5.66 -6.70
C ASP A 68 -8.01 -5.48 -7.56
N ASP A 69 -8.16 -4.72 -8.64
CA ASP A 69 -7.05 -4.45 -9.57
C ASP A 69 -5.87 -3.80 -8.85
N ALA A 70 -6.17 -2.93 -7.91
CA ALA A 70 -5.14 -2.22 -7.15
C ALA A 70 -4.24 -3.20 -6.41
N VAL A 71 -4.84 -4.12 -5.64
CA VAL A 71 -4.05 -5.09 -4.88
C VAL A 71 -3.37 -6.09 -5.80
N ARG A 72 -3.97 -6.35 -6.96
CA ARG A 72 -3.40 -7.27 -7.92
C ARG A 72 -1.99 -6.83 -8.32
N VAL A 73 -1.85 -5.55 -8.61
CA VAL A 73 -0.56 -4.98 -8.99
C VAL A 73 0.32 -4.79 -7.76
N LEU A 74 -0.31 -4.37 -6.66
CA LEU A 74 0.39 -4.15 -5.39
C LEU A 74 1.18 -5.38 -4.96
N ARG A 75 0.51 -6.51 -4.91
CA ARG A 75 1.15 -7.75 -4.49
C ARG A 75 2.28 -8.14 -5.45
N GLU A 76 2.10 -7.85 -6.73
CA GLU A 76 3.12 -8.15 -7.72
C GLU A 76 4.36 -7.31 -7.50
N ILE A 77 4.14 -6.05 -7.16
CA ILE A 77 5.24 -5.11 -6.90
C ILE A 77 6.00 -5.49 -5.63
N VAL A 78 5.25 -5.82 -4.57
CA VAL A 78 5.85 -6.19 -3.30
C VAL A 78 6.64 -7.50 -3.42
N SER A 79 6.33 -8.28 -4.43
CA SER A 79 7.01 -9.55 -4.66
C SER A 79 8.30 -9.33 -5.47
N GLN A 80 8.58 -8.07 -5.83
CA GLN A 80 9.77 -7.74 -6.60
C GLN A 80 10.88 -7.23 -5.68
N THR A 81 12.10 -7.22 -6.19
CA THR A 81 13.25 -6.77 -5.41
C THR A 81 13.62 -5.34 -5.77
N GLY A 82 13.54 -4.45 -4.79
CA GLY A 82 13.88 -3.06 -5.01
C GLY A 82 13.18 -2.14 -4.03
N PRO A 83 13.60 -0.87 -3.93
CA PRO A 83 12.98 0.09 -3.03
C PRO A 83 11.59 0.50 -3.51
N ILE A 84 10.60 0.41 -2.64
CA ILE A 84 9.24 0.75 -3.00
C ILE A 84 8.80 2.05 -2.36
N SER A 85 8.25 2.95 -3.15
CA SER A 85 7.76 4.22 -2.66
C SER A 85 6.23 4.19 -2.62
N LEU A 86 5.66 4.56 -1.48
CA LEU A 86 4.22 4.55 -1.31
C LEU A 86 3.68 5.96 -1.12
N THR A 87 2.72 6.33 -1.96
CA THR A 87 2.08 7.63 -1.86
C THR A 87 0.75 7.48 -1.15
N VAL A 88 0.74 7.76 0.14
CA VAL A 88 -0.46 7.62 0.95
C VAL A 88 -1.16 8.95 1.18
N ALA A 89 -2.46 8.88 1.36
CA ALA A 89 -3.28 10.05 1.62
C ALA A 89 -3.81 9.98 3.05
N LYS A 90 -3.35 10.90 3.88
CA LYS A 90 -3.76 10.94 5.27
C LYS A 90 -4.73 12.09 5.51
C1 PHQ B 1 -4.13 -8.33 1.31
O1 PHQ B 1 -4.36 -7.60 2.27
O2 PHQ B 1 -5.15 -8.50 0.20
C2 PHQ B 1 -6.22 -7.40 0.26
C3 PHQ B 1 -7.43 -7.69 -0.60
C4 PHQ B 1 -7.68 -9.00 -1.07
C5 PHQ B 1 -8.84 -9.27 -1.81
C6 PHQ B 1 -9.71 -8.23 -2.17
C7 PHQ B 1 -9.45 -6.92 -1.73
C8 PHQ B 1 -8.33 -6.65 -0.93
H21 PHQ B 1 -5.78 -6.46 -0.08
H22 PHQ B 1 -6.54 -7.28 1.29
H41 PHQ B 1 -6.97 -9.78 -0.86
H51 PHQ B 1 -9.07 -10.28 -2.11
H61 PHQ B 1 -10.58 -8.43 -2.79
H71 PHQ B 1 -10.12 -6.12 -2.00
H81 PHQ B 1 -8.15 -5.65 -0.57
N TRP B 2 -2.98 -8.98 1.24
CA TRP B 2 -1.95 -8.89 2.28
C TRP B 2 -0.57 -8.89 1.65
N VAL B 3 0.29 -8.00 2.12
CA VAL B 3 1.66 -7.92 1.62
C VAL B 3 2.57 -7.33 2.69
N ASN A 1 -3.64 15.08 3.58
CA ASN A 1 -2.17 15.22 3.49
C ASN A 1 -1.56 14.00 2.83
N ILE A 2 -0.81 14.22 1.77
CA ILE A 2 -0.17 13.12 1.04
C ILE A 2 1.29 12.98 1.48
N ILE A 3 1.68 11.76 1.82
CA ILE A 3 3.04 11.50 2.26
C ILE A 3 3.67 10.35 1.45
N THR A 4 4.85 10.60 0.92
CA THR A 4 5.57 9.60 0.15
C THR A 4 6.72 9.05 0.97
N VAL A 5 6.70 7.75 1.22
CA VAL A 5 7.73 7.11 2.02
C VAL A 5 8.44 6.02 1.24
N THR A 6 9.74 5.87 1.46
CA THR A 6 10.52 4.84 0.82
C THR A 6 10.87 3.77 1.85
N LEU A 7 10.64 2.52 1.52
CA LEU A 7 10.91 1.43 2.45
C LEU A 7 12.03 0.53 1.96
N ASN A 8 12.87 0.11 2.90
CA ASN A 8 14.00 -0.77 2.60
C ASN A 8 13.52 -2.21 2.52
N MET A 9 13.65 -2.80 1.34
CA MET A 9 13.23 -4.18 1.10
C MET A 9 14.41 -5.14 1.19
N GLU A 10 15.54 -4.67 1.70
CA GLU A 10 16.72 -5.52 1.84
C GLU A 10 16.66 -6.27 3.15
N ARG A 11 16.34 -5.55 4.22
CA ARG A 11 16.24 -6.14 5.55
C ARG A 11 14.84 -6.71 5.78
N HIS A 12 13.89 -6.24 4.98
CA HIS A 12 12.50 -6.69 5.10
C HIS A 12 12.12 -7.49 3.87
N HIS A 13 11.41 -8.60 4.07
CA HIS A 13 11.01 -9.46 2.95
C HIS A 13 9.56 -9.23 2.57
N PHE A 14 8.90 -8.29 3.22
CA PHE A 14 7.49 -8.00 2.96
C PHE A 14 7.11 -6.61 3.44
N LEU A 15 5.95 -6.14 3.00
CA LEU A 15 5.46 -4.82 3.37
C LEU A 15 4.92 -4.86 4.80
N GLY A 16 4.02 -5.80 5.05
CA GLY A 16 3.46 -5.97 6.38
C GLY A 16 2.22 -5.11 6.61
N ILE A 17 1.36 -5.04 5.61
CA ILE A 17 0.15 -4.25 5.73
C ILE A 17 -1.06 -4.98 5.13
N SER A 18 -2.23 -4.72 5.69
CA SER A 18 -3.46 -5.30 5.22
C SER A 18 -4.19 -4.30 4.34
N ILE A 19 -4.59 -4.72 3.16
CA ILE A 19 -5.28 -3.84 2.23
C ILE A 19 -6.79 -3.98 2.41
N VAL A 20 -7.44 -2.88 2.74
CA VAL A 20 -8.88 -2.86 2.93
C VAL A 20 -9.56 -2.17 1.76
N GLY A 21 -10.33 -2.93 0.99
CA GLY A 21 -11.03 -2.38 -0.14
C GLY A 21 -12.47 -2.04 0.21
N GLN A 22 -12.87 -0.80 -0.01
CA GLN A 22 -14.22 -0.37 0.29
C GLN A 22 -15.14 -0.64 -0.90
N SER A 23 -15.79 -1.79 -0.88
CA SER A 23 -16.70 -2.17 -1.95
C SER A 23 -18.08 -2.51 -1.38
N ASN A 24 -19.07 -1.65 -1.63
CA ASN A 24 -20.42 -1.89 -1.14
C ASN A 24 -21.42 -1.88 -2.30
N ASP A 25 -21.29 -0.89 -3.16
CA ASP A 25 -22.17 -0.75 -4.32
C ASP A 25 -21.40 -0.19 -5.51
N ARG A 26 -20.96 1.05 -5.37
CA ARG A 26 -20.19 1.74 -6.40
C ARG A 26 -18.90 0.99 -6.69
N GLY A 27 -18.16 0.69 -5.64
CA GLY A 27 -16.91 -0.03 -5.78
C GLY A 27 -15.70 0.87 -5.76
N ASP A 28 -15.82 2.06 -6.35
CA ASP A 28 -14.70 3.01 -6.40
C ASP A 28 -14.51 3.70 -5.05
N GLY A 29 -14.29 2.91 -4.01
CA GLY A 29 -14.07 3.45 -2.69
C GLY A 29 -12.60 3.62 -2.39
N GLY A 30 -11.78 2.79 -3.00
CA GLY A 30 -10.34 2.86 -2.79
C GLY A 30 -9.87 1.82 -1.78
N ILE A 31 -8.55 1.74 -1.60
CA ILE A 31 -7.97 0.79 -0.68
C ILE A 31 -7.28 1.51 0.48
N TYR A 32 -7.60 1.08 1.70
CA TYR A 32 -7.04 1.68 2.90
C TYR A 32 -6.17 0.69 3.66
N ILE A 33 -5.34 1.20 4.56
CA ILE A 33 -4.48 0.36 5.37
C ILE A 33 -5.24 -0.15 6.59
N GLY A 34 -5.38 -1.47 6.68
CA GLY A 34 -6.08 -2.07 7.80
C GLY A 34 -5.23 -2.11 9.05
N SER A 35 -4.19 -2.91 9.02
CA SER A 35 -3.30 -3.04 10.16
C SER A 35 -1.86 -3.25 9.69
N ILE A 36 -0.91 -2.89 10.55
CA ILE A 36 0.50 -3.04 10.22
C ILE A 36 1.10 -4.18 11.03
N MET A 37 1.87 -5.03 10.37
CA MET A 37 2.49 -6.17 11.02
C MET A 37 3.91 -5.84 11.46
N LYS A 38 4.17 -5.98 12.75
CA LYS A 38 5.49 -5.71 13.31
C LYS A 38 6.54 -6.59 12.65
N GLY A 39 7.49 -5.95 11.98
CA GLY A 39 8.53 -6.69 11.29
C GLY A 39 8.54 -6.37 9.81
N GLY A 40 7.41 -5.84 9.33
CA GLY A 40 7.30 -5.47 7.94
C GLY A 40 8.04 -4.19 7.62
N ALA A 41 8.15 -3.88 6.34
CA ALA A 41 8.83 -2.67 5.90
C ALA A 41 8.13 -1.41 6.39
N VAL A 42 6.80 -1.46 6.42
CA VAL A 42 6.00 -0.33 6.86
C VAL A 42 6.16 -0.08 8.37
N ALA A 43 6.29 -1.17 9.11
CA ALA A 43 6.43 -1.09 10.57
C ALA A 43 7.75 -0.41 10.97
N ALA A 44 8.72 -0.43 10.07
CA ALA A 44 10.01 0.18 10.35
C ALA A 44 9.96 1.69 10.15
N ASP A 45 8.99 2.17 9.40
CA ASP A 45 8.85 3.60 9.16
C ASP A 45 8.05 4.25 10.29
N GLY A 46 6.75 4.00 10.31
CA GLY A 46 5.91 4.56 11.36
C GLY A 46 4.99 5.68 10.90
N ARG A 47 5.27 6.29 9.75
CA ARG A 47 4.44 7.37 9.24
C ARG A 47 3.10 6.86 8.73
N ILE A 48 3.10 5.62 8.26
CA ILE A 48 1.87 5.01 7.76
C ILE A 48 1.15 4.34 8.92
N GLU A 49 -0.17 4.44 8.93
CA GLU A 49 -0.97 3.85 9.99
C GLU A 49 -2.34 3.42 9.44
N PRO A 50 -3.11 2.64 10.23
CA PRO A 50 -4.44 2.21 9.81
C PRO A 50 -5.32 3.41 9.46
N GLY A 51 -6.01 3.31 8.34
CA GLY A 51 -6.88 4.40 7.91
C GLY A 51 -6.29 5.15 6.73
N ASP A 52 -4.98 5.05 6.54
CA ASP A 52 -4.30 5.72 5.43
C ASP A 52 -4.73 5.11 4.11
N MET A 53 -4.98 5.94 3.11
CA MET A 53 -5.40 5.46 1.80
C MET A 53 -4.21 5.36 0.85
N LEU A 54 -4.10 4.25 0.14
CA LEU A 54 -3.02 4.04 -0.81
C LEU A 54 -3.39 4.64 -2.15
N LEU A 55 -2.54 5.52 -2.65
CA LEU A 55 -2.78 6.17 -3.93
C LEU A 55 -1.86 5.59 -5.00
N GLN A 56 -0.59 5.92 -4.90
CA GLN A 56 0.38 5.46 -5.88
C GLN A 56 1.44 4.58 -5.23
N VAL A 57 1.78 3.50 -5.89
CA VAL A 57 2.78 2.57 -5.41
C VAL A 57 3.82 2.31 -6.48
N ASN A 58 4.92 3.07 -6.43
CA ASN A 58 5.99 2.94 -7.41
C ASN A 58 5.50 3.20 -8.84
N ASP A 59 5.27 4.48 -9.14
CA ASP A 59 4.82 4.94 -10.46
C ASP A 59 3.34 4.68 -10.72
N VAL A 60 2.92 3.42 -10.65
CA VAL A 60 1.52 3.08 -10.91
C VAL A 60 0.58 3.69 -9.88
N ASN A 61 -0.35 4.50 -10.37
CA ASN A 61 -1.34 5.15 -9.53
C ASN A 61 -2.66 4.40 -9.61
N PHE A 62 -3.23 4.06 -8.46
CA PHE A 62 -4.48 3.31 -8.43
C PHE A 62 -5.66 4.21 -8.11
N GLU A 63 -5.50 5.51 -8.33
CA GLU A 63 -6.54 6.49 -8.05
C GLU A 63 -7.78 6.27 -8.92
N ASN A 64 -7.58 5.70 -10.11
CA ASN A 64 -8.69 5.46 -11.02
C ASN A 64 -8.76 3.99 -11.43
N MET A 65 -8.47 3.10 -10.49
CA MET A 65 -8.49 1.66 -10.77
C MET A 65 -9.40 0.96 -9.77
N SER A 66 -9.69 -0.31 -10.04
CA SER A 66 -10.55 -1.09 -9.16
C SER A 66 -9.80 -1.51 -7.90
N ASN A 67 -10.56 -1.80 -6.84
CA ASN A 67 -9.96 -2.22 -5.57
C ASN A 67 -9.20 -3.54 -5.77
N ASP A 68 -9.74 -4.37 -6.66
CA ASP A 68 -9.13 -5.66 -6.96
C ASP A 68 -7.81 -5.48 -7.71
N ASP A 69 -7.87 -4.75 -8.82
CA ASP A 69 -6.69 -4.51 -9.65
C ASP A 69 -5.59 -3.83 -8.86
N ALA A 70 -5.99 -2.96 -7.93
CA ALA A 70 -5.05 -2.23 -7.10
C ALA A 70 -4.15 -3.20 -6.33
N VAL A 71 -4.77 -4.16 -5.63
CA VAL A 71 -4.01 -5.12 -4.85
C VAL A 71 -3.32 -6.14 -5.77
N ARG A 72 -3.93 -6.38 -6.93
CA ARG A 72 -3.37 -7.32 -7.91
C ARG A 72 -1.97 -6.87 -8.29
N VAL A 73 -1.84 -5.61 -8.68
CA VAL A 73 -0.55 -5.05 -9.09
C VAL A 73 0.33 -4.82 -7.86
N LEU A 74 -0.30 -4.44 -6.75
CA LEU A 74 0.42 -4.19 -5.51
C LEU A 74 1.25 -5.39 -5.10
N ARG A 75 0.62 -6.56 -5.08
CA ARG A 75 1.28 -7.79 -4.71
C ARG A 75 2.44 -8.11 -5.65
N GLU A 76 2.28 -7.77 -6.93
CA GLU A 76 3.33 -8.01 -7.92
C GLU A 76 4.57 -7.20 -7.59
N ILE A 77 4.37 -5.96 -7.17
CA ILE A 77 5.46 -5.07 -6.81
C ILE A 77 6.13 -5.52 -5.51
N VAL A 78 5.32 -5.88 -4.52
CA VAL A 78 5.83 -6.32 -3.23
C VAL A 78 6.61 -7.64 -3.38
N SER A 79 6.18 -8.46 -4.33
CA SER A 79 6.84 -9.74 -4.58
C SER A 79 8.01 -9.57 -5.56
N GLN A 80 8.36 -8.32 -5.84
CA GLN A 80 9.45 -8.01 -6.75
C GLN A 80 10.61 -7.39 -5.98
N THR A 81 11.82 -7.59 -6.49
CA THR A 81 13.01 -7.05 -5.85
C THR A 81 13.16 -5.56 -6.16
N GLY A 82 13.45 -4.77 -5.14
CA GLY A 82 13.62 -3.34 -5.34
C GLY A 82 12.93 -2.52 -4.27
N PRO A 83 13.39 -1.28 -4.03
CA PRO A 83 12.79 -0.39 -3.02
C PRO A 83 11.39 0.06 -3.41
N ILE A 84 10.50 0.11 -2.44
CA ILE A 84 9.12 0.51 -2.68
C ILE A 84 8.82 1.88 -2.07
N SER A 85 8.30 2.78 -2.91
CA SER A 85 7.93 4.11 -2.48
C SER A 85 6.41 4.21 -2.42
N LEU A 86 5.86 4.26 -1.21
CA LEU A 86 4.43 4.33 -1.03
C LEU A 86 3.94 5.77 -0.91
N THR A 87 2.94 6.10 -1.70
CA THR A 87 2.34 7.42 -1.65
C THR A 87 0.94 7.30 -1.02
N VAL A 88 0.86 7.57 0.27
CA VAL A 88 -0.40 7.46 1.00
C VAL A 88 -1.05 8.82 1.26
N ALA A 89 -2.35 8.79 1.51
CA ALA A 89 -3.11 9.99 1.81
C ALA A 89 -3.68 9.91 3.21
N LYS A 90 -3.24 10.82 4.06
CA LYS A 90 -3.68 10.86 5.44
C LYS A 90 -4.74 11.95 5.61
C1 PHQ B 1 -4.10 -8.14 1.48
O1 PHQ B 1 -4.32 -7.47 2.49
O2 PHQ B 1 -5.08 -8.11 0.30
C2 PHQ B 1 -6.38 -7.44 0.69
C3 PHQ B 1 -7.41 -7.40 -0.41
C4 PHQ B 1 -8.48 -6.49 -0.35
C5 PHQ B 1 -9.35 -6.35 -1.44
C6 PHQ B 1 -9.19 -7.17 -2.57
C7 PHQ B 1 -8.16 -8.13 -2.61
C8 PHQ B 1 -7.29 -8.27 -1.52
H21 PHQ B 1 -6.16 -6.41 1.00
H22 PHQ B 1 -6.80 -7.96 1.55
H41 PHQ B 1 -8.64 -5.91 0.55
H51 PHQ B 1 -10.14 -5.62 -1.42
H61 PHQ B 1 -9.85 -7.05 -3.42
H71 PHQ B 1 -8.03 -8.76 -3.48
H81 PHQ B 1 -6.54 -9.05 -1.51
N TRP B 2 -3.01 -8.89 1.39
CA TRP B 2 -2.04 -8.96 2.47
C TRP B 2 -0.62 -9.07 1.90
N VAL B 3 0.18 -8.04 2.12
CA VAL B 3 1.55 -8.02 1.63
C VAL B 3 2.46 -7.35 2.64
N ASN A 1 -3.32 15.08 3.00
CA ASN A 1 -1.84 15.21 2.93
C ASN A 1 -1.24 14.02 2.20
N ILE A 2 -0.75 14.25 1.00
CA ILE A 2 -0.15 13.20 0.21
C ILE A 2 1.35 13.11 0.50
N ILE A 3 1.76 12.02 1.13
CA ILE A 3 3.15 11.81 1.48
C ILE A 3 3.68 10.56 0.78
N THR A 4 4.81 10.71 0.10
CA THR A 4 5.43 9.59 -0.59
C THR A 4 6.56 9.01 0.27
N VAL A 5 6.36 7.79 0.75
CA VAL A 5 7.37 7.15 1.58
C VAL A 5 8.17 6.14 0.77
N THR A 6 9.31 5.75 1.29
CA THR A 6 10.16 4.78 0.62
C THR A 6 10.56 3.69 1.61
N LEU A 7 10.47 2.44 1.18
CA LEU A 7 10.81 1.32 2.03
C LEU A 7 11.91 0.46 1.43
N ASN A 8 12.87 0.09 2.27
CA ASN A 8 13.99 -0.74 1.87
C ASN A 8 13.59 -2.21 1.92
N MET A 9 13.57 -2.87 0.78
CA MET A 9 13.19 -4.27 0.72
C MET A 9 14.41 -5.18 0.73
N GLU A 10 15.46 -4.73 1.42
CA GLU A 10 16.68 -5.51 1.54
C GLU A 10 16.74 -6.16 2.91
N ARG A 11 16.59 -5.35 3.96
CA ARG A 11 16.61 -5.84 5.32
C ARG A 11 15.34 -6.64 5.58
N HIS A 12 14.22 -6.12 5.09
CA HIS A 12 12.93 -6.77 5.23
C HIS A 12 12.52 -7.35 3.89
N HIS A 13 11.64 -8.34 3.88
CA HIS A 13 11.21 -8.96 2.64
C HIS A 13 9.69 -8.92 2.47
N PHE A 14 9.04 -7.99 3.16
CA PHE A 14 7.59 -7.85 3.08
C PHE A 14 7.14 -6.48 3.58
N LEU A 15 5.96 -6.07 3.17
CA LEU A 15 5.41 -4.78 3.56
C LEU A 15 4.89 -4.86 4.99
N GLY A 16 4.00 -5.80 5.23
CA GLY A 16 3.44 -6.00 6.54
C GLY A 16 2.19 -5.18 6.77
N ILE A 17 1.31 -5.13 5.79
CA ILE A 17 0.07 -4.37 5.91
C ILE A 17 -1.09 -5.07 5.22
N SER A 18 -2.29 -4.78 5.70
CA SER A 18 -3.51 -5.34 5.13
C SER A 18 -4.17 -4.30 4.24
N ILE A 19 -4.55 -4.70 3.04
CA ILE A 19 -5.18 -3.79 2.10
C ILE A 19 -6.69 -3.91 2.16
N VAL A 20 -7.34 -2.89 2.68
CA VAL A 20 -8.79 -2.89 2.82
C VAL A 20 -9.46 -2.14 1.67
N GLY A 21 -10.14 -2.87 0.81
CA GLY A 21 -10.84 -2.25 -0.30
C GLY A 21 -12.23 -1.81 0.10
N GLN A 22 -12.47 -0.51 0.12
CA GLN A 22 -13.75 0.03 0.52
C GLN A 22 -14.78 -0.11 -0.60
N SER A 23 -15.94 -0.66 -0.26
CA SER A 23 -17.00 -0.86 -1.23
C SER A 23 -18.23 -0.05 -0.83
N ASN A 24 -19.15 0.13 -1.78
CA ASN A 24 -20.37 0.89 -1.54
C ASN A 24 -21.27 0.80 -2.76
N ASP A 25 -22.19 1.76 -2.91
CA ASP A 25 -23.11 1.78 -4.04
C ASP A 25 -22.34 1.89 -5.36
N ARG A 26 -21.21 2.57 -5.29
CA ARG A 26 -20.36 2.77 -6.44
C ARG A 26 -19.43 1.57 -6.63
N GLY A 27 -18.69 1.24 -5.57
CA GLY A 27 -17.79 0.11 -5.63
C GLY A 27 -16.33 0.54 -5.60
N ASP A 28 -16.05 1.69 -6.22
CA ASP A 28 -14.70 2.22 -6.27
C ASP A 28 -14.45 3.17 -5.10
N GLY A 29 -14.33 2.59 -3.91
CA GLY A 29 -14.10 3.39 -2.72
C GLY A 29 -12.63 3.60 -2.43
N GLY A 30 -11.78 2.78 -3.04
CA GLY A 30 -10.35 2.89 -2.84
C GLY A 30 -9.84 1.91 -1.82
N ILE A 31 -8.53 1.75 -1.75
CA ILE A 31 -7.91 0.82 -0.81
C ILE A 31 -7.25 1.58 0.34
N TYR A 32 -7.57 1.18 1.55
CA TYR A 32 -7.04 1.81 2.76
C TYR A 32 -6.19 0.83 3.56
N ILE A 33 -5.32 1.36 4.39
CA ILE A 33 -4.46 0.55 5.24
C ILE A 33 -5.24 -0.01 6.43
N GLY A 34 -5.36 -1.32 6.49
CA GLY A 34 -6.07 -1.95 7.59
C GLY A 34 -5.29 -1.92 8.88
N SER A 35 -4.25 -2.71 8.95
CA SER A 35 -3.40 -2.76 10.12
C SER A 35 -1.94 -2.93 9.73
N ILE A 36 -1.04 -2.50 10.60
CA ILE A 36 0.39 -2.61 10.33
C ILE A 36 1.01 -3.71 11.18
N MET A 37 1.68 -4.64 10.52
CA MET A 37 2.31 -5.75 11.20
C MET A 37 3.70 -5.38 11.68
N LYS A 38 3.96 -5.58 12.96
CA LYS A 38 5.26 -5.26 13.54
C LYS A 38 6.31 -6.22 12.98
N GLY A 39 7.20 -5.69 12.16
CA GLY A 39 8.22 -6.48 11.54
C GLY A 39 8.31 -6.19 10.06
N GLY A 40 7.25 -5.62 9.52
CA GLY A 40 7.23 -5.28 8.12
C GLY A 40 7.99 -4.00 7.83
N ALA A 41 8.20 -3.71 6.56
CA ALA A 41 8.92 -2.51 6.15
C ALA A 41 8.14 -1.25 6.53
N VAL A 42 6.81 -1.35 6.50
CA VAL A 42 5.94 -0.23 6.83
C VAL A 42 6.08 0.14 8.30
N ALA A 43 6.31 -0.86 9.14
CA ALA A 43 6.46 -0.65 10.58
C ALA A 43 7.78 0.03 10.90
N ALA A 44 8.70 0.03 9.95
CA ALA A 44 10.00 0.65 10.14
C ALA A 44 9.94 2.14 9.81
N ASP A 45 9.03 2.51 8.92
CA ASP A 45 8.88 3.90 8.51
C ASP A 45 8.16 4.71 9.59
N GLY A 46 6.88 4.44 9.77
CA GLY A 46 6.13 5.13 10.80
C GLY A 46 5.25 6.27 10.29
N ARG A 47 5.37 6.64 9.02
CA ARG A 47 4.56 7.73 8.48
C ARG A 47 3.19 7.24 8.06
N ILE A 48 3.06 5.94 7.87
CA ILE A 48 1.79 5.34 7.47
C ILE A 48 1.07 4.80 8.70
N GLU A 49 -0.24 5.02 8.75
CA GLU A 49 -1.04 4.56 9.87
C GLU A 49 -2.29 3.84 9.38
N PRO A 50 -2.90 2.98 10.22
CA PRO A 50 -4.11 2.24 9.86
C PRO A 50 -5.28 3.18 9.56
N GLY A 51 -5.45 3.50 8.29
CA GLY A 51 -6.51 4.39 7.86
C GLY A 51 -6.14 5.16 6.61
N ASP A 52 -4.84 5.23 6.33
CA ASP A 52 -4.33 5.94 5.15
C ASP A 52 -4.82 5.27 3.87
N MET A 53 -4.96 6.05 2.82
CA MET A 53 -5.42 5.54 1.53
C MET A 53 -4.25 5.41 0.56
N LEU A 54 -4.11 4.25 -0.06
CA LEU A 54 -3.05 4.01 -1.01
C LEU A 54 -3.45 4.51 -2.40
N LEU A 55 -2.74 5.52 -2.89
CA LEU A 55 -3.03 6.08 -4.20
C LEU A 55 -2.11 5.50 -5.25
N GLN A 56 -0.85 5.93 -5.21
CA GLN A 56 0.14 5.48 -6.17
C GLN A 56 1.23 4.69 -5.48
N VAL A 57 1.54 3.52 -6.01
CA VAL A 57 2.57 2.67 -5.45
C VAL A 57 3.58 2.31 -6.53
N ASN A 58 4.75 2.91 -6.44
CA ASN A 58 5.83 2.66 -7.41
C ASN A 58 5.40 3.06 -8.82
N ASP A 59 5.19 4.37 -9.00
CA ASP A 59 4.80 4.96 -10.29
C ASP A 59 3.33 4.71 -10.67
N VAL A 60 2.90 3.45 -10.66
CA VAL A 60 1.52 3.12 -11.03
C VAL A 60 0.51 3.71 -10.04
N ASN A 61 -0.54 4.31 -10.56
CA ASN A 61 -1.57 4.94 -9.73
C ASN A 61 -2.84 4.11 -9.74
N PHE A 62 -3.34 3.76 -8.56
CA PHE A 62 -4.54 2.95 -8.43
C PHE A 62 -5.78 3.80 -8.21
N GLU A 63 -5.62 5.13 -8.26
CA GLU A 63 -6.74 6.05 -8.05
C GLU A 63 -7.84 5.82 -9.08
N ASN A 64 -7.49 5.34 -10.26
CA ASN A 64 -8.46 5.09 -11.30
C ASN A 64 -8.54 3.60 -11.62
N MET A 65 -8.31 2.77 -10.62
CA MET A 65 -8.34 1.33 -10.80
C MET A 65 -9.25 0.68 -9.75
N SER A 66 -9.79 -0.48 -10.09
CA SER A 66 -10.66 -1.21 -9.19
C SER A 66 -9.90 -1.68 -7.95
N ASN A 67 -10.61 -1.80 -6.82
CA ASN A 67 -10.00 -2.22 -5.55
C ASN A 67 -9.22 -3.52 -5.72
N ASP A 68 -9.84 -4.50 -6.37
CA ASP A 68 -9.20 -5.80 -6.58
C ASP A 68 -7.94 -5.68 -7.43
N ASP A 69 -8.05 -4.93 -8.52
CA ASP A 69 -6.92 -4.74 -9.44
C ASP A 69 -5.78 -4.01 -8.75
N ALA A 70 -6.14 -3.15 -7.80
CA ALA A 70 -5.16 -2.37 -7.06
C ALA A 70 -4.24 -3.31 -6.26
N VAL A 71 -4.83 -4.28 -5.55
CA VAL A 71 -4.04 -5.21 -4.76
C VAL A 71 -3.31 -6.19 -5.66
N ARG A 72 -3.92 -6.49 -6.81
CA ARG A 72 -3.31 -7.41 -7.77
C ARG A 72 -1.94 -6.92 -8.19
N VAL A 73 -1.88 -5.67 -8.65
CA VAL A 73 -0.63 -5.06 -9.07
C VAL A 73 0.28 -4.81 -7.86
N LEU A 74 -0.33 -4.43 -6.74
CA LEU A 74 0.39 -4.15 -5.52
C LEU A 74 1.23 -5.36 -5.09
N ARG A 75 0.60 -6.52 -5.03
CA ARG A 75 1.28 -7.74 -4.62
C ARG A 75 2.41 -8.08 -5.58
N GLU A 76 2.22 -7.80 -6.86
CA GLU A 76 3.24 -8.05 -7.87
C GLU A 76 4.46 -7.18 -7.60
N ILE A 77 4.21 -5.93 -7.23
CA ILE A 77 5.27 -4.98 -6.93
C ILE A 77 6.00 -5.36 -5.64
N VAL A 78 5.23 -5.75 -4.62
CA VAL A 78 5.82 -6.15 -3.35
C VAL A 78 6.65 -7.43 -3.51
N SER A 79 6.33 -8.20 -4.54
CA SER A 79 7.04 -9.43 -4.82
C SER A 79 8.28 -9.16 -5.66
N GLN A 80 8.59 -7.89 -5.88
CA GLN A 80 9.75 -7.50 -6.66
C GLN A 80 10.84 -6.97 -5.74
N THR A 81 12.06 -7.40 -5.99
CA THR A 81 13.20 -6.98 -5.18
C THR A 81 13.67 -5.58 -5.57
N GLY A 82 13.15 -4.57 -4.89
CA GLY A 82 13.53 -3.21 -5.16
C GLY A 82 12.91 -2.25 -4.16
N PRO A 83 13.30 -0.97 -4.18
CA PRO A 83 12.75 0.03 -3.27
C PRO A 83 11.29 0.35 -3.59
N ILE A 84 10.43 0.22 -2.58
CA ILE A 84 9.01 0.47 -2.78
C ILE A 84 8.61 1.84 -2.23
N SER A 85 8.04 2.67 -3.08
CA SER A 85 7.58 3.98 -2.68
C SER A 85 6.06 3.99 -2.63
N LEU A 86 5.53 4.31 -1.46
CA LEU A 86 4.09 4.34 -1.26
C LEU A 86 3.60 5.77 -1.13
N THR A 87 2.69 6.16 -2.02
CA THR A 87 2.11 7.49 -1.99
C THR A 87 0.74 7.41 -1.33
N VAL A 88 0.69 7.69 -0.05
CA VAL A 88 -0.55 7.60 0.71
C VAL A 88 -1.21 8.96 0.90
N ALA A 89 -2.53 8.93 0.98
CA ALA A 89 -3.32 10.13 1.19
C ALA A 89 -3.76 10.18 2.65
N LYS A 90 -2.99 10.87 3.46
CA LYS A 90 -3.28 10.98 4.87
C LYS A 90 -4.32 12.06 5.13
C1 PHQ B 1 -4.10 -8.33 1.39
O1 PHQ B 1 -4.33 -7.54 2.30
O2 PHQ B 1 -5.09 -8.52 0.24
C2 PHQ B 1 -6.11 -7.38 0.20
C3 PHQ B 1 -7.45 -7.73 0.81
C4 PHQ B 1 -7.51 -8.42 2.05
C5 PHQ B 1 -8.72 -8.43 2.77
C6 PHQ B 1 -9.86 -7.82 2.23
C7 PHQ B 1 -9.82 -7.28 0.92
C8 PHQ B 1 -8.64 -7.35 0.18
H21 PHQ B 1 -6.27 -7.11 -0.85
H22 PHQ B 1 -5.69 -6.53 0.73
H41 PHQ B 1 -6.64 -8.92 2.44
H51 PHQ B 1 -8.76 -8.91 3.73
H61 PHQ B 1 -10.77 -7.77 2.80
H71 PHQ B 1 -10.71 -6.81 0.50
H81 PHQ B 1 -8.64 -7.12 -0.88
N TRP B 2 -2.99 -9.06 1.40
CA TRP B 2 -1.98 -8.94 2.45
C TRP B 2 -0.58 -9.03 1.87
N VAL B 3 0.25 -8.04 2.18
CA VAL B 3 1.62 -8.03 1.70
C VAL B 3 2.54 -7.38 2.71
N ASN A 1 -2.81 15.32 3.54
CA ASN A 1 -1.39 15.44 3.12
C ASN A 1 -0.94 14.17 2.41
N ILE A 2 -0.26 14.33 1.29
CA ILE A 2 0.23 13.20 0.51
C ILE A 2 1.73 13.01 0.74
N ILE A 3 2.13 11.80 1.11
CA ILE A 3 3.54 11.51 1.37
C ILE A 3 3.99 10.23 0.66
N THR A 4 5.16 10.30 0.03
CA THR A 4 5.72 9.15 -0.66
C THR A 4 6.89 8.59 0.14
N VAL A 5 6.75 7.36 0.61
CA VAL A 5 7.80 6.74 1.40
C VAL A 5 8.59 5.72 0.56
N THR A 6 9.88 5.64 0.82
CA THR A 6 10.75 4.72 0.11
C THR A 6 11.27 3.67 1.09
N LEU A 7 10.79 2.44 0.94
CA LEU A 7 11.19 1.37 1.83
C LEU A 7 12.25 0.46 1.20
N ASN A 8 13.15 -0.03 2.04
CA ASN A 8 14.22 -0.91 1.61
C ASN A 8 13.77 -2.36 1.72
N MET A 9 13.76 -3.07 0.60
CA MET A 9 13.33 -4.46 0.58
C MET A 9 14.53 -5.41 0.58
N GLU A 10 15.66 -4.93 1.05
CA GLU A 10 16.86 -5.74 1.13
C GLU A 10 16.89 -6.48 2.46
N ARG A 11 16.68 -5.73 3.54
CA ARG A 11 16.66 -6.31 4.88
C ARG A 11 15.26 -6.82 5.18
N HIS A 12 14.26 -6.09 4.69
CA HIS A 12 12.87 -6.47 4.91
C HIS A 12 12.44 -7.44 3.83
N HIS A 13 11.57 -8.37 4.17
CA HIS A 13 11.11 -9.35 3.19
C HIS A 13 9.63 -9.20 2.88
N PHE A 14 8.97 -8.26 3.55
CA PHE A 14 7.55 -8.04 3.33
C PHE A 14 7.16 -6.63 3.76
N LEU A 15 6.00 -6.17 3.29
CA LEU A 15 5.51 -4.84 3.63
C LEU A 15 4.92 -4.86 5.02
N GLY A 16 4.02 -5.80 5.26
CA GLY A 16 3.39 -5.95 6.55
C GLY A 16 2.18 -5.06 6.72
N ILE A 17 1.29 -5.09 5.74
CA ILE A 17 0.08 -4.28 5.80
C ILE A 17 -1.10 -5.00 5.16
N SER A 18 -2.28 -4.79 5.73
CA SER A 18 -3.49 -5.39 5.20
C SER A 18 -4.20 -4.37 4.32
N ILE A 19 -4.51 -4.76 3.10
CA ILE A 19 -5.17 -3.86 2.17
C ILE A 19 -6.69 -4.01 2.26
N VAL A 20 -7.36 -2.94 2.68
CA VAL A 20 -8.80 -2.96 2.80
C VAL A 20 -9.44 -2.25 1.62
N GLY A 21 -10.24 -2.97 0.85
CA GLY A 21 -10.90 -2.41 -0.30
C GLY A 21 -12.28 -1.85 0.04
N GLN A 22 -12.48 -0.57 -0.23
CA GLN A 22 -13.75 0.07 0.04
C GLN A 22 -14.70 -0.13 -1.13
N SER A 23 -15.45 -1.22 -1.08
CA SER A 23 -16.40 -1.55 -2.13
C SER A 23 -17.83 -1.47 -1.60
N ASN A 24 -18.36 -0.27 -1.52
CA ASN A 24 -19.72 -0.06 -1.03
C ASN A 24 -20.70 -0.05 -2.20
N ASP A 25 -21.82 0.68 -2.05
CA ASP A 25 -22.83 0.78 -3.09
C ASP A 25 -22.24 1.41 -4.35
N ARG A 26 -21.28 2.31 -4.15
CA ARG A 26 -20.61 2.97 -5.25
C ARG A 26 -19.72 1.99 -6.02
N GLY A 27 -19.35 0.90 -5.38
CA GLY A 27 -18.49 -0.08 -6.01
C GLY A 27 -17.03 0.24 -5.80
N ASP A 28 -16.60 1.35 -6.38
CA ASP A 28 -15.22 1.80 -6.25
C ASP A 28 -15.09 2.74 -5.05
N GLY A 29 -13.90 2.78 -4.48
CA GLY A 29 -13.67 3.63 -3.32
C GLY A 29 -12.20 3.79 -3.01
N GLY A 30 -11.42 2.74 -3.24
CA GLY A 30 -10.01 2.82 -2.97
C GLY A 30 -9.57 1.79 -1.96
N ILE A 31 -8.27 1.72 -1.73
CA ILE A 31 -7.71 0.76 -0.78
C ILE A 31 -7.05 1.49 0.39
N TYR A 32 -7.43 1.10 1.59
CA TYR A 32 -6.90 1.70 2.81
C TYR A 32 -6.07 0.69 3.60
N ILE A 33 -5.17 1.21 4.43
CA ILE A 33 -4.33 0.36 5.26
C ILE A 33 -5.10 -0.10 6.50
N GLY A 34 -5.34 -1.40 6.59
CA GLY A 34 -6.07 -1.95 7.72
C GLY A 34 -5.25 -1.97 9.00
N SER A 35 -4.12 -2.67 8.95
CA SER A 35 -3.23 -2.79 10.10
C SER A 35 -1.80 -2.99 9.63
N ILE A 36 -0.85 -2.75 10.53
CA ILE A 36 0.56 -2.90 10.20
C ILE A 36 1.19 -4.02 11.03
N MET A 37 1.96 -4.86 10.38
CA MET A 37 2.62 -5.98 11.03
C MET A 37 4.04 -5.62 11.43
N LYS A 38 4.35 -5.78 12.71
CA LYS A 38 5.68 -5.48 13.24
C LYS A 38 6.72 -6.37 12.57
N GLY A 39 7.73 -5.76 11.98
CA GLY A 39 8.77 -6.51 11.29
C GLY A 39 8.76 -6.24 9.80
N GLY A 40 7.64 -5.70 9.33
CA GLY A 40 7.51 -5.38 7.92
C GLY A 40 8.19 -4.06 7.58
N ALA A 41 8.38 -3.82 6.29
CA ALA A 41 9.02 -2.61 5.83
C ALA A 41 8.23 -1.36 6.24
N VAL A 42 6.90 -1.46 6.18
CA VAL A 42 6.04 -0.34 6.55
C VAL A 42 6.15 -0.03 8.04
N ALA A 43 6.40 -1.06 8.84
CA ALA A 43 6.53 -0.90 10.29
C ALA A 43 7.83 -0.20 10.66
N ALA A 44 8.78 -0.21 9.74
CA ALA A 44 10.07 0.43 9.98
C ALA A 44 10.05 1.89 9.54
N ASP A 45 9.02 2.30 8.82
CA ASP A 45 8.92 3.68 8.34
C ASP A 45 8.49 4.62 9.48
N GLY A 46 7.23 4.54 9.87
CA GLY A 46 6.74 5.38 10.95
C GLY A 46 5.71 6.41 10.52
N ARG A 47 5.63 6.68 9.22
CA ARG A 47 4.68 7.66 8.71
C ARG A 47 3.34 7.01 8.38
N ILE A 48 3.40 5.91 7.63
CA ILE A 48 2.20 5.18 7.24
C ILE A 48 1.56 4.53 8.46
N GLU A 49 0.24 4.63 8.55
CA GLU A 49 -0.49 4.06 9.67
C GLU A 49 -1.84 3.52 9.18
N PRO A 50 -2.50 2.68 10.00
CA PRO A 50 -3.81 2.13 9.66
C PRO A 50 -4.84 3.23 9.45
N GLY A 51 -5.29 3.38 8.22
CA GLY A 51 -6.26 4.41 7.91
C GLY A 51 -5.85 5.19 6.67
N ASP A 52 -4.56 5.11 6.36
CA ASP A 52 -4.02 5.81 5.19
C ASP A 52 -4.50 5.14 3.91
N MET A 53 -4.71 5.95 2.88
CA MET A 53 -5.18 5.43 1.60
C MET A 53 -4.02 5.38 0.59
N LEU A 54 -3.95 4.28 -0.14
CA LEU A 54 -2.91 4.11 -1.14
C LEU A 54 -3.35 4.69 -2.47
N LEU A 55 -2.56 5.62 -3.01
CA LEU A 55 -2.89 6.25 -4.28
C LEU A 55 -1.98 5.73 -5.38
N GLN A 56 -0.70 6.11 -5.30
CA GLN A 56 0.27 5.71 -6.30
C GLN A 56 1.41 4.92 -5.64
N VAL A 57 1.66 3.72 -6.14
CA VAL A 57 2.71 2.89 -5.61
C VAL A 57 3.65 2.45 -6.73
N ASN A 58 4.81 3.12 -6.80
CA ASN A 58 5.81 2.83 -7.82
C ASN A 58 5.27 3.09 -9.22
N ASP A 59 4.99 4.37 -9.49
CA ASP A 59 4.51 4.85 -10.79
C ASP A 59 3.04 4.52 -11.06
N VAL A 60 2.59 3.31 -10.75
CA VAL A 60 1.21 2.93 -11.01
C VAL A 60 0.25 3.66 -10.07
N ASN A 61 -0.85 4.14 -10.63
CA ASN A 61 -1.86 4.87 -9.87
C ASN A 61 -3.12 4.03 -9.75
N PHE A 62 -3.67 3.95 -8.55
CA PHE A 62 -4.87 3.16 -8.30
C PHE A 62 -6.10 4.03 -8.10
N GLU A 63 -5.97 5.32 -8.42
CA GLU A 63 -7.08 6.25 -8.26
C GLU A 63 -8.23 5.93 -9.20
N ASN A 64 -7.92 5.38 -10.36
CA ASN A 64 -8.93 5.02 -11.35
C ASN A 64 -8.86 3.54 -11.70
N MET A 65 -8.58 2.73 -10.69
CA MET A 65 -8.50 1.28 -10.86
C MET A 65 -9.44 0.62 -9.87
N SER A 66 -9.89 -0.59 -10.19
CA SER A 66 -10.80 -1.31 -9.30
C SER A 66 -10.06 -1.74 -8.04
N ASN A 67 -10.80 -1.89 -6.95
CA ASN A 67 -10.21 -2.31 -5.68
C ASN A 67 -9.52 -3.67 -5.84
N ASP A 68 -10.02 -4.44 -6.81
CA ASP A 68 -9.48 -5.76 -7.12
C ASP A 68 -8.12 -5.64 -7.77
N ASP A 69 -8.07 -4.91 -8.89
CA ASP A 69 -6.83 -4.73 -9.65
C ASP A 69 -5.77 -4.00 -8.85
N ALA A 70 -6.23 -3.12 -7.95
CA ALA A 70 -5.33 -2.34 -7.12
C ALA A 70 -4.37 -3.21 -6.31
N VAL A 71 -4.91 -4.22 -5.61
CA VAL A 71 -4.07 -5.10 -4.80
C VAL A 71 -3.32 -6.09 -5.68
N ARG A 72 -3.88 -6.40 -6.84
CA ARG A 72 -3.23 -7.32 -7.78
C ARG A 72 -1.85 -6.81 -8.16
N VAL A 73 -1.82 -5.57 -8.63
CA VAL A 73 -0.57 -4.94 -9.03
C VAL A 73 0.34 -4.74 -7.81
N LEU A 74 -0.28 -4.32 -6.70
CA LEU A 74 0.45 -4.08 -5.47
C LEU A 74 1.25 -5.30 -5.05
N ARG A 75 0.58 -6.45 -4.99
CA ARG A 75 1.23 -7.69 -4.58
C ARG A 75 2.37 -8.05 -5.52
N GLU A 76 2.17 -7.88 -6.82
CA GLU A 76 3.20 -8.19 -7.80
C GLU A 76 4.44 -7.31 -7.57
N ILE A 77 4.22 -6.03 -7.31
CA ILE A 77 5.32 -5.10 -7.07
C ILE A 77 6.07 -5.49 -5.79
N VAL A 78 5.31 -5.84 -4.75
CA VAL A 78 5.90 -6.23 -3.48
C VAL A 78 6.59 -7.59 -3.58
N SER A 79 6.23 -8.37 -4.60
CA SER A 79 6.84 -9.67 -4.81
C SER A 79 8.22 -9.54 -5.44
N GLN A 80 8.49 -8.37 -6.02
CA GLN A 80 9.77 -8.12 -6.65
C GLN A 80 10.64 -7.26 -5.75
N THR A 81 11.93 -7.25 -6.02
CA THR A 81 12.88 -6.49 -5.22
C THR A 81 12.91 -5.02 -5.64
N GLY A 82 13.61 -4.20 -4.87
CA GLY A 82 13.72 -2.79 -5.18
C GLY A 82 13.09 -1.91 -4.12
N PRO A 83 13.34 -0.60 -4.17
CA PRO A 83 12.78 0.35 -3.21
C PRO A 83 11.34 0.70 -3.53
N ILE A 84 10.41 0.14 -2.76
CA ILE A 84 9.01 0.38 -2.97
C ILE A 84 8.62 1.79 -2.49
N SER A 85 8.22 2.63 -3.44
CA SER A 85 7.83 3.99 -3.14
C SER A 85 6.30 4.06 -3.04
N LEU A 86 5.81 4.11 -1.82
CA LEU A 86 4.36 4.16 -1.59
C LEU A 86 3.90 5.59 -1.33
N THR A 87 3.02 6.08 -2.19
CA THR A 87 2.46 7.41 -2.06
C THR A 87 1.09 7.28 -1.41
N VAL A 88 1.03 7.57 -0.12
CA VAL A 88 -0.21 7.47 0.64
C VAL A 88 -0.87 8.82 0.87
N ALA A 89 -2.17 8.78 1.08
CA ALA A 89 -2.94 9.99 1.34
C ALA A 89 -3.40 10.00 2.79
N LYS A 90 -2.85 10.92 3.56
CA LYS A 90 -3.20 11.06 4.97
C LYS A 90 -4.06 12.31 5.16
C1 PHQ B 1 -4.17 -8.37 1.46
O1 PHQ B 1 -4.47 -7.67 2.44
O2 PHQ B 1 -5.14 -8.55 0.31
C2 PHQ B 1 -6.16 -7.41 0.25
C3 PHQ B 1 -7.28 -7.66 -0.75
C4 PHQ B 1 -7.07 -8.52 -1.84
C5 PHQ B 1 -8.15 -8.88 -2.65
C6 PHQ B 1 -9.42 -8.31 -2.44
C7 PHQ B 1 -9.60 -7.38 -1.40
C8 PHQ B 1 -8.51 -7.01 -0.58
H21 PHQ B 1 -5.64 -6.49 -0.03
H22 PHQ B 1 -6.59 -7.28 1.23
H41 PHQ B 1 -6.08 -8.90 -2.05
H51 PHQ B 1 -8.01 -9.60 -3.45
H61 PHQ B 1 -10.25 -8.59 -3.07
H71 PHQ B 1 -10.58 -6.94 -1.23
H81 PHQ B 1 -8.63 -6.24 0.17
N TRP B 2 -2.99 -8.99 1.42
CA TRP B 2 -2.00 -8.89 2.49
C TRP B 2 -0.60 -8.96 1.91
N VAL B 3 0.23 -7.97 2.19
CA VAL B 3 1.60 -7.96 1.71
C VAL B 3 2.52 -7.39 2.77
N ASN A 1 -3.92 15.21 3.63
CA ASN A 1 -2.44 15.26 3.67
C ASN A 1 -1.85 14.02 2.98
N ILE A 2 -1.28 14.22 1.81
CA ILE A 2 -0.66 13.14 1.06
C ILE A 2 0.84 13.10 1.30
N ILE A 3 1.35 11.93 1.67
CA ILE A 3 2.77 11.78 1.95
C ILE A 3 3.37 10.63 1.15
N THR A 4 4.48 10.91 0.49
CA THR A 4 5.18 9.90 -0.30
C THR A 4 6.38 9.38 0.48
N VAL A 5 6.32 8.13 0.92
CA VAL A 5 7.40 7.54 1.69
C VAL A 5 8.07 6.40 0.93
N THR A 6 9.36 6.23 1.16
CA THR A 6 10.11 5.15 0.52
C THR A 6 10.50 4.10 1.56
N LEU A 7 10.34 2.83 1.21
CA LEU A 7 10.66 1.75 2.13
C LEU A 7 11.83 0.92 1.63
N ASN A 8 12.72 0.56 2.55
CA ASN A 8 13.88 -0.25 2.23
C ASN A 8 13.51 -1.73 2.23
N MET A 9 13.66 -2.36 1.08
CA MET A 9 13.32 -3.77 0.93
C MET A 9 14.56 -4.66 1.04
N GLU A 10 15.65 -4.09 1.52
CA GLU A 10 16.89 -4.84 1.68
C GLU A 10 16.93 -5.51 3.04
N ARG A 11 16.43 -4.81 4.04
CA ARG A 11 16.39 -5.32 5.41
C ARG A 11 15.02 -5.93 5.70
N HIS A 12 14.15 -5.90 4.71
CA HIS A 12 12.79 -6.43 4.84
C HIS A 12 12.49 -7.34 3.67
N HIS A 13 11.47 -8.18 3.81
CA HIS A 13 11.09 -9.09 2.72
C HIS A 13 9.66 -8.84 2.27
N PHE A 14 8.94 -8.00 3.00
CA PHE A 14 7.55 -7.70 2.67
C PHE A 14 7.16 -6.33 3.22
N LEU A 15 5.94 -5.91 2.91
CA LEU A 15 5.43 -4.62 3.36
C LEU A 15 4.92 -4.73 4.78
N GLY A 16 4.04 -5.69 5.01
CA GLY A 16 3.49 -5.91 6.33
C GLY A 16 2.24 -5.11 6.59
N ILE A 17 1.35 -5.06 5.62
CA ILE A 17 0.11 -4.30 5.77
C ILE A 17 -1.10 -5.06 5.22
N SER A 18 -2.25 -4.72 5.77
CA SER A 18 -3.52 -5.30 5.37
C SER A 18 -4.26 -4.32 4.47
N ILE A 19 -4.49 -4.73 3.23
CA ILE A 19 -5.18 -3.87 2.28
C ILE A 19 -6.69 -4.08 2.39
N VAL A 20 -7.40 -3.01 2.73
CA VAL A 20 -8.85 -3.09 2.86
C VAL A 20 -9.53 -2.27 1.77
N GLY A 21 -10.16 -2.97 0.84
CA GLY A 21 -10.86 -2.31 -0.23
C GLY A 21 -12.31 -2.06 0.12
N GLN A 22 -12.74 -0.81 0.05
CA GLN A 22 -14.11 -0.46 0.38
C GLN A 22 -15.01 -0.63 -0.83
N SER A 23 -15.91 -1.61 -0.76
CA SER A 23 -16.83 -1.88 -1.83
C SER A 23 -18.18 -1.23 -1.55
N ASN A 24 -18.37 -0.03 -2.07
CA ASN A 24 -19.61 0.72 -1.88
C ASN A 24 -20.64 0.33 -2.93
N ASP A 25 -21.78 1.01 -2.91
CA ASP A 25 -22.85 0.75 -3.87
C ASP A 25 -22.41 1.20 -5.27
N ARG A 26 -21.35 1.99 -5.31
CA ARG A 26 -20.79 2.49 -6.56
C ARG A 26 -19.70 1.55 -7.05
N GLY A 27 -19.39 0.53 -6.26
CA GLY A 27 -18.35 -0.41 -6.63
C GLY A 27 -16.99 0.03 -6.16
N ASP A 28 -16.49 1.13 -6.71
CA ASP A 28 -15.18 1.65 -6.35
C ASP A 28 -15.26 2.43 -5.05
N GLY A 29 -14.15 2.47 -4.33
CA GLY A 29 -14.09 3.18 -3.07
C GLY A 29 -12.67 3.52 -2.67
N GLY A 30 -11.76 2.61 -2.96
CA GLY A 30 -10.36 2.82 -2.63
C GLY A 30 -9.82 1.77 -1.71
N ILE A 31 -8.50 1.66 -1.67
CA ILE A 31 -7.83 0.70 -0.81
C ILE A 31 -7.20 1.40 0.38
N TYR A 32 -7.71 1.10 1.57
CA TYR A 32 -7.22 1.72 2.79
C TYR A 32 -6.41 0.71 3.61
N ILE A 33 -5.50 1.22 4.42
CA ILE A 33 -4.68 0.37 5.27
C ILE A 33 -5.49 -0.06 6.50
N GLY A 34 -5.76 -1.35 6.59
CA GLY A 34 -6.52 -1.87 7.71
C GLY A 34 -5.68 -1.98 8.97
N SER A 35 -4.59 -2.74 8.88
CA SER A 35 -3.71 -2.93 10.02
C SER A 35 -2.27 -3.05 9.54
N ILE A 36 -1.34 -2.78 10.44
CA ILE A 36 0.08 -2.86 10.12
C ILE A 36 0.75 -3.92 10.98
N MET A 37 1.52 -4.80 10.36
CA MET A 37 2.20 -5.87 11.08
C MET A 37 3.60 -5.43 11.49
N LYS A 38 3.87 -5.53 12.79
CA LYS A 38 5.18 -5.15 13.34
C LYS A 38 6.29 -5.97 12.70
N GLY A 39 7.34 -5.28 12.24
CA GLY A 39 8.46 -5.95 11.60
C GLY A 39 8.50 -5.69 10.12
N GLY A 40 7.34 -5.38 9.54
CA GLY A 40 7.26 -5.10 8.12
C GLY A 40 7.95 -3.81 7.74
N ALA A 41 8.13 -3.60 6.44
CA ALA A 41 8.79 -2.40 5.94
C ALA A 41 7.99 -1.15 6.30
N VAL A 42 6.68 -1.27 6.27
CA VAL A 42 5.79 -0.15 6.59
C VAL A 42 5.86 0.18 8.09
N ALA A 43 5.94 -0.88 8.90
CA ALA A 43 5.99 -0.72 10.35
C ALA A 43 7.31 -0.09 10.79
N ALA A 44 8.30 -0.14 9.89
CA ALA A 44 9.60 0.42 10.18
C ALA A 44 9.64 1.92 9.85
N ASP A 45 8.60 2.40 9.17
CA ASP A 45 8.53 3.80 8.81
C ASP A 45 7.85 4.59 9.93
N GLY A 46 6.57 4.34 10.13
CA GLY A 46 5.84 4.99 11.20
C GLY A 46 4.93 6.12 10.74
N ARG A 47 5.10 6.60 9.51
CA ARG A 47 4.27 7.68 9.01
C ARG A 47 2.91 7.17 8.54
N ILE A 48 2.89 5.95 8.02
CA ILE A 48 1.65 5.34 7.55
C ILE A 48 0.91 4.72 8.74
N GLU A 49 -0.41 4.86 8.75
CA GLU A 49 -1.23 4.32 9.84
C GLU A 49 -2.55 3.77 9.30
N PRO A 50 -3.26 2.96 10.11
CA PRO A 50 -4.55 2.40 9.72
C PRO A 50 -5.57 3.48 9.38
N GLY A 51 -6.01 3.49 8.13
CA GLY A 51 -6.96 4.48 7.69
C GLY A 51 -6.46 5.23 6.47
N ASP A 52 -5.15 5.22 6.28
CA ASP A 52 -4.54 5.88 5.13
C ASP A 52 -4.89 5.14 3.85
N MET A 53 -5.11 5.87 2.77
CA MET A 53 -5.45 5.26 1.49
C MET A 53 -4.25 5.25 0.55
N LEU A 54 -4.03 4.12 -0.09
CA LEU A 54 -2.92 3.97 -1.03
C LEU A 54 -3.30 4.53 -2.39
N LEU A 55 -2.51 5.48 -2.89
CA LEU A 55 -2.79 6.08 -4.19
C LEU A 55 -1.82 5.55 -5.24
N GLN A 56 -0.58 5.99 -5.15
CA GLN A 56 0.45 5.61 -6.10
C GLN A 56 1.48 4.69 -5.45
N VAL A 57 1.84 3.63 -6.17
CA VAL A 57 2.81 2.66 -5.68
C VAL A 57 3.86 2.38 -6.76
N ASN A 58 4.96 3.12 -6.71
CA ASN A 58 6.04 2.98 -7.67
C ASN A 58 5.58 3.23 -9.10
N ASP A 59 5.40 4.51 -9.41
CA ASP A 59 4.98 4.97 -10.75
C ASP A 59 3.50 4.74 -11.04
N VAL A 60 3.03 3.51 -10.88
CA VAL A 60 1.63 3.20 -11.16
C VAL A 60 0.69 3.81 -10.13
N ASN A 61 -0.43 4.31 -10.61
CA ASN A 61 -1.43 4.94 -9.76
C ASN A 61 -2.70 4.10 -9.71
N PHE A 62 -3.20 3.85 -8.51
CA PHE A 62 -4.41 3.04 -8.34
C PHE A 62 -5.64 3.90 -8.07
N GLU A 63 -5.47 5.22 -8.14
CA GLU A 63 -6.59 6.14 -7.89
C GLU A 63 -7.74 5.90 -8.86
N ASN A 64 -7.44 5.47 -10.08
CA ASN A 64 -8.47 5.20 -11.07
C ASN A 64 -8.43 3.74 -11.50
N MET A 65 -8.48 2.85 -10.51
CA MET A 65 -8.47 1.41 -10.78
C MET A 65 -9.42 0.70 -9.83
N SER A 66 -9.81 -0.51 -10.20
CA SER A 66 -10.71 -1.32 -9.39
C SER A 66 -10.03 -1.76 -8.10
N ASN A 67 -10.81 -1.89 -7.03
CA ASN A 67 -10.30 -2.30 -5.72
C ASN A 67 -9.41 -3.55 -5.82
N ASP A 68 -9.94 -4.57 -6.47
CA ASP A 68 -9.22 -5.84 -6.62
C ASP A 68 -7.95 -5.67 -7.46
N ASP A 69 -8.09 -4.99 -8.59
CA ASP A 69 -6.97 -4.76 -9.50
C ASP A 69 -5.84 -3.99 -8.83
N ALA A 70 -6.20 -3.06 -7.95
CA ALA A 70 -5.21 -2.27 -7.24
C ALA A 70 -4.27 -3.16 -6.43
N VAL A 71 -4.85 -4.12 -5.71
CA VAL A 71 -4.05 -5.03 -4.89
C VAL A 71 -3.30 -6.02 -5.76
N ARG A 72 -3.90 -6.40 -6.89
CA ARG A 72 -3.28 -7.35 -7.81
C ARG A 72 -1.90 -6.87 -8.22
N VAL A 73 -1.82 -5.62 -8.65
CA VAL A 73 -0.56 -5.02 -9.06
C VAL A 73 0.34 -4.80 -7.85
N LEU A 74 -0.26 -4.35 -6.75
CA LEU A 74 0.47 -4.10 -5.52
C LEU A 74 1.25 -5.32 -5.07
N ARG A 75 0.58 -6.46 -5.00
CA ARG A 75 1.19 -7.69 -4.56
C ARG A 75 2.30 -8.13 -5.51
N GLU A 76 2.18 -7.79 -6.78
CA GLU A 76 3.20 -8.14 -7.77
C GLU A 76 4.46 -7.33 -7.50
N ILE A 77 4.28 -6.06 -7.14
CA ILE A 77 5.39 -5.16 -6.85
C ILE A 77 6.10 -5.56 -5.55
N VAL A 78 5.31 -5.90 -4.54
CA VAL A 78 5.86 -6.30 -3.24
C VAL A 78 6.57 -7.65 -3.35
N SER A 79 6.28 -8.39 -4.41
CA SER A 79 6.91 -9.69 -4.63
C SER A 79 8.10 -9.55 -5.58
N GLN A 80 8.66 -8.34 -5.62
CA GLN A 80 9.80 -8.06 -6.47
C GLN A 80 10.94 -7.47 -5.65
N THR A 81 12.05 -7.15 -6.29
CA THR A 81 13.19 -6.57 -5.61
C THR A 81 13.33 -5.09 -5.97
N GLY A 82 13.79 -4.30 -5.02
CA GLY A 82 13.98 -2.88 -5.26
C GLY A 82 13.23 -2.03 -4.25
N PRO A 83 13.48 -0.72 -4.24
CA PRO A 83 12.83 0.21 -3.31
C PRO A 83 11.37 0.47 -3.69
N ILE A 84 10.50 0.47 -2.71
CA ILE A 84 9.09 0.72 -2.95
C ILE A 84 8.64 2.01 -2.28
N SER A 85 8.13 2.94 -3.08
CA SER A 85 7.66 4.21 -2.57
C SER A 85 6.13 4.24 -2.58
N LEU A 86 5.55 4.45 -1.40
CA LEU A 86 4.11 4.45 -1.24
C LEU A 86 3.59 5.88 -1.05
N THR A 87 2.56 6.22 -1.83
CA THR A 87 1.93 7.52 -1.72
C THR A 87 0.60 7.36 -1.00
N VAL A 88 0.57 7.74 0.27
CA VAL A 88 -0.64 7.61 1.07
C VAL A 88 -1.38 8.91 1.24
N ALA A 89 -2.70 8.83 1.22
CA ALA A 89 -3.56 9.99 1.39
C ALA A 89 -4.22 9.93 2.75
N LYS A 90 -3.85 10.86 3.62
CA LYS A 90 -4.39 10.92 4.96
C LYS A 90 -5.43 12.03 5.04
C1 PHQ B 1 -4.19 -8.27 1.30
O1 PHQ B 1 -4.42 -7.49 2.23
O2 PHQ B 1 -5.22 -8.46 0.20
C2 PHQ B 1 -6.22 -7.31 0.19
C3 PHQ B 1 -7.50 -7.61 -0.56
C4 PHQ B 1 -8.37 -6.56 -0.92
C5 PHQ B 1 -9.49 -6.82 -1.73
C6 PHQ B 1 -9.81 -8.14 -2.08
C7 PHQ B 1 -8.98 -9.20 -1.66
C8 PHQ B 1 -7.83 -8.94 -0.89
H21 PHQ B 1 -5.75 -6.44 -0.29
H22 PHQ B 1 -6.47 -7.06 1.21
H41 PHQ B 1 -8.17 -5.55 -0.58
H51 PHQ B 1 -10.11 -6.01 -2.07
H61 PHQ B 1 -10.69 -8.35 -2.67
H71 PHQ B 1 -9.22 -10.21 -1.93
H81 PHQ B 1 -7.21 -9.74 -0.55
N TRP B 2 -3.05 -8.95 1.25
CA TRP B 2 -2.02 -8.82 2.29
C TRP B 2 -0.63 -8.87 1.66
N VAL B 3 0.21 -7.91 2.02
CA VAL B 3 1.57 -7.86 1.51
C VAL B 3 2.50 -7.28 2.55
N ASN A 1 -3.68 15.06 2.87
CA ASN A 1 -2.22 15.08 3.14
C ASN A 1 -1.57 13.88 2.47
N ILE A 2 -0.97 14.11 1.30
CA ILE A 2 -0.31 13.05 0.56
C ILE A 2 1.17 12.97 0.93
N ILE A 3 1.62 11.78 1.27
CA ILE A 3 3.02 11.57 1.64
C ILE A 3 3.61 10.42 0.87
N THR A 4 4.70 10.68 0.17
CA THR A 4 5.39 9.65 -0.59
C THR A 4 6.53 9.09 0.25
N VAL A 5 6.33 7.91 0.82
CA VAL A 5 7.34 7.30 1.65
C VAL A 5 8.12 6.21 0.90
N THR A 6 9.39 6.06 1.25
CA THR A 6 10.23 5.04 0.65
C THR A 6 10.61 4.02 1.72
N LEU A 7 10.42 2.75 1.40
CA LEU A 7 10.72 1.69 2.35
C LEU A 7 11.92 0.87 1.91
N ASN A 8 12.64 0.35 2.89
CA ASN A 8 13.84 -0.45 2.65
C ASN A 8 13.49 -1.93 2.59
N MET A 9 13.74 -2.54 1.43
CA MET A 9 13.46 -3.95 1.23
C MET A 9 14.73 -4.79 1.38
N GLU A 10 15.76 -4.20 1.97
CA GLU A 10 17.01 -4.91 2.17
C GLU A 10 16.94 -5.68 3.48
N ARG A 11 16.51 -4.99 4.54
CA ARG A 11 16.39 -5.59 5.85
C ARG A 11 15.02 -6.25 5.99
N HIS A 12 14.07 -5.79 5.19
CA HIS A 12 12.72 -6.33 5.23
C HIS A 12 12.44 -7.20 4.02
N HIS A 13 11.51 -8.14 4.15
CA HIS A 13 11.18 -9.03 3.05
C HIS A 13 9.74 -8.82 2.59
N PHE A 14 9.02 -7.93 3.26
CA PHE A 14 7.63 -7.66 2.91
C PHE A 14 7.20 -6.28 3.42
N LEU A 15 6.00 -5.87 3.02
CA LEU A 15 5.47 -4.58 3.42
C LEU A 15 4.94 -4.65 4.84
N GLY A 16 4.10 -5.64 5.09
CA GLY A 16 3.53 -5.82 6.40
C GLY A 16 2.27 -5.00 6.61
N ILE A 17 1.36 -5.04 5.66
CA ILE A 17 0.11 -4.29 5.76
C ILE A 17 -1.06 -5.06 5.18
N SER A 18 -2.23 -4.79 5.74
CA SER A 18 -3.47 -5.40 5.28
C SER A 18 -4.20 -4.42 4.39
N ILE A 19 -4.45 -4.79 3.15
CA ILE A 19 -5.12 -3.91 2.22
C ILE A 19 -6.64 -4.10 2.28
N VAL A 20 -7.33 -3.05 2.69
CA VAL A 20 -8.78 -3.07 2.78
C VAL A 20 -9.39 -2.36 1.59
N GLY A 21 -10.17 -3.08 0.81
CA GLY A 21 -10.79 -2.49 -0.34
C GLY A 21 -12.22 -2.11 -0.08
N GLN A 22 -12.56 -0.86 -0.38
CA GLN A 22 -13.91 -0.36 -0.19
C GLN A 22 -14.79 -0.84 -1.35
N SER A 23 -15.05 -2.14 -1.36
CA SER A 23 -15.85 -2.74 -2.40
C SER A 23 -17.34 -2.69 -2.07
N ASN A 24 -17.98 -1.62 -2.53
CA ASN A 24 -19.40 -1.43 -2.32
C ASN A 24 -20.16 -1.85 -3.57
N ASP A 25 -21.28 -1.21 -3.84
CA ASP A 25 -22.09 -1.53 -5.01
C ASP A 25 -21.29 -1.39 -6.30
N ARG A 26 -20.36 -0.44 -6.33
CA ARG A 26 -19.54 -0.22 -7.50
C ARG A 26 -18.15 -0.81 -7.32
N GLY A 27 -17.49 -0.45 -6.22
CA GLY A 27 -16.15 -0.96 -5.95
C GLY A 27 -15.07 0.00 -6.42
N ASP A 28 -15.41 1.29 -6.46
CA ASP A 28 -14.47 2.32 -6.89
C ASP A 28 -14.07 3.20 -5.71
N GLY A 29 -14.38 2.73 -4.50
CA GLY A 29 -14.06 3.48 -3.29
C GLY A 29 -12.57 3.58 -3.05
N GLY A 30 -11.82 2.59 -3.51
CA GLY A 30 -10.39 2.61 -3.32
C GLY A 30 -9.93 1.65 -2.24
N ILE A 31 -8.62 1.58 -2.04
CA ILE A 31 -8.04 0.70 -1.03
C ILE A 31 -7.39 1.50 0.09
N TYR A 32 -7.60 1.06 1.31
CA TYR A 32 -7.04 1.74 2.48
C TYR A 32 -6.23 0.78 3.33
N ILE A 33 -5.33 1.32 4.13
CA ILE A 33 -4.51 0.50 5.02
C ILE A 33 -5.33 0.05 6.20
N GLY A 34 -5.63 -1.24 6.25
CA GLY A 34 -6.42 -1.78 7.35
C GLY A 34 -5.62 -1.87 8.64
N SER A 35 -4.54 -2.62 8.60
CA SER A 35 -3.70 -2.79 9.78
C SER A 35 -2.24 -2.91 9.36
N ILE A 36 -1.34 -2.61 10.29
CA ILE A 36 0.09 -2.69 10.02
C ILE A 36 0.72 -3.80 10.86
N MET A 37 1.49 -4.65 10.22
CA MET A 37 2.15 -5.76 10.89
C MET A 37 3.49 -5.31 11.45
N LYS A 38 3.64 -5.39 12.76
CA LYS A 38 4.88 -5.02 13.42
C LYS A 38 6.04 -5.89 12.93
N GLY A 39 7.01 -5.27 12.29
CA GLY A 39 8.15 -6.00 11.77
C GLY A 39 8.28 -5.81 10.27
N GLY A 40 7.20 -5.35 9.65
CA GLY A 40 7.21 -5.13 8.22
C GLY A 40 7.90 -3.82 7.85
N ALA A 41 8.08 -3.58 6.57
CA ALA A 41 8.74 -2.37 6.09
C ALA A 41 7.95 -1.12 6.48
N VAL A 42 6.62 -1.23 6.45
CA VAL A 42 5.76 -0.12 6.80
C VAL A 42 5.84 0.20 8.29
N ALA A 43 5.95 -0.83 9.11
CA ALA A 43 6.03 -0.67 10.56
C ALA A 43 7.33 0.00 10.99
N ALA A 44 8.32 0.00 10.11
CA ALA A 44 9.61 0.60 10.40
C ALA A 44 9.64 2.08 10.01
N ASP A 45 8.55 2.53 9.40
CA ASP A 45 8.46 3.92 8.98
C ASP A 45 7.76 4.74 10.04
N GLY A 46 6.43 4.67 10.06
CA GLY A 46 5.68 5.40 11.07
C GLY A 46 4.74 6.44 10.49
N ARG A 47 4.99 6.89 9.27
CA ARG A 47 4.13 7.90 8.65
C ARG A 47 2.82 7.30 8.15
N ILE A 48 2.80 6.00 7.97
CA ILE A 48 1.59 5.31 7.52
C ILE A 48 0.82 4.77 8.71
N GLU A 49 -0.49 4.95 8.70
CA GLU A 49 -1.34 4.50 9.79
C GLU A 49 -2.60 3.82 9.25
N PRO A 50 -3.32 3.07 10.10
CA PRO A 50 -4.55 2.38 9.69
C PRO A 50 -5.63 3.38 9.28
N GLY A 51 -5.90 3.43 7.98
CA GLY A 51 -6.89 4.34 7.46
C GLY A 51 -6.37 5.11 6.26
N ASP A 52 -5.05 5.13 6.09
CA ASP A 52 -4.42 5.83 4.97
C ASP A 52 -4.83 5.19 3.65
N MET A 53 -5.07 6.00 2.64
CA MET A 53 -5.45 5.50 1.33
C MET A 53 -4.24 5.33 0.43
N LEU A 54 -4.18 4.21 -0.27
CA LEU A 54 -3.08 3.94 -1.18
C LEU A 54 -3.42 4.44 -2.57
N LEU A 55 -2.62 5.39 -3.07
CA LEU A 55 -2.86 5.96 -4.38
C LEU A 55 -1.88 5.40 -5.40
N GLN A 56 -0.65 5.90 -5.35
CA GLN A 56 0.38 5.49 -6.28
C GLN A 56 1.39 4.59 -5.58
N VAL A 57 1.74 3.49 -6.25
CA VAL A 57 2.71 2.55 -5.71
C VAL A 57 3.74 2.22 -6.78
N ASN A 58 4.91 2.83 -6.65
CA ASN A 58 6.01 2.63 -7.60
C ASN A 58 5.60 3.01 -9.02
N ASP A 59 5.43 4.31 -9.23
CA ASP A 59 5.08 4.89 -10.54
C ASP A 59 3.61 4.71 -10.91
N VAL A 60 3.11 3.47 -10.88
CA VAL A 60 1.72 3.20 -11.24
C VAL A 60 0.73 3.72 -10.20
N ASN A 61 -0.30 4.42 -10.67
CA ASN A 61 -1.34 4.97 -9.81
C ASN A 61 -2.59 4.11 -9.88
N PHE A 62 -3.14 3.75 -8.73
CA PHE A 62 -4.32 2.90 -8.67
C PHE A 62 -5.61 3.72 -8.52
N GLU A 63 -5.49 5.04 -8.54
CA GLU A 63 -6.66 5.92 -8.41
C GLU A 63 -7.70 5.65 -9.48
N ASN A 64 -7.23 5.26 -10.65
CA ASN A 64 -8.11 4.98 -11.78
C ASN A 64 -8.26 3.48 -12.03
N MET A 65 -8.32 2.71 -10.96
CA MET A 65 -8.47 1.26 -11.08
C MET A 65 -9.40 0.73 -10.00
N SER A 66 -9.85 -0.50 -10.16
CA SER A 66 -10.75 -1.12 -9.19
C SER A 66 -9.96 -1.59 -7.98
N ASN A 67 -10.67 -1.84 -6.88
CA ASN A 67 -10.02 -2.33 -5.66
C ASN A 67 -9.26 -3.62 -5.93
N ASP A 68 -9.88 -4.47 -6.75
CA ASP A 68 -9.31 -5.75 -7.12
C ASP A 68 -8.00 -5.55 -7.89
N ASP A 69 -8.09 -4.78 -8.97
CA ASP A 69 -6.92 -4.51 -9.83
C ASP A 69 -5.82 -3.81 -9.05
N ALA A 70 -6.20 -2.95 -8.13
CA ALA A 70 -5.26 -2.21 -7.31
C ALA A 70 -4.33 -3.12 -6.52
N VAL A 71 -4.90 -4.02 -5.71
CA VAL A 71 -4.09 -4.93 -4.90
C VAL A 71 -3.37 -5.96 -5.76
N ARG A 72 -3.94 -6.27 -6.92
CA ARG A 72 -3.32 -7.23 -7.84
C ARG A 72 -1.91 -6.79 -8.18
N VAL A 73 -1.79 -5.55 -8.64
CA VAL A 73 -0.50 -4.98 -9.01
C VAL A 73 0.35 -4.76 -7.76
N LEU A 74 -0.28 -4.31 -6.68
CA LEU A 74 0.39 -4.06 -5.41
C LEU A 74 1.14 -5.29 -4.93
N ARG A 75 0.43 -6.41 -4.88
CA ARG A 75 1.01 -7.66 -4.41
C ARG A 75 2.17 -8.09 -5.31
N GLU A 76 2.03 -7.88 -6.61
CA GLU A 76 3.07 -8.23 -7.56
C GLU A 76 4.33 -7.41 -7.31
N ILE A 77 4.15 -6.10 -7.11
CA ILE A 77 5.28 -5.21 -6.88
C ILE A 77 6.04 -5.62 -5.62
N VAL A 78 5.31 -5.94 -4.56
CA VAL A 78 5.92 -6.34 -3.30
C VAL A 78 6.54 -7.75 -3.39
N SER A 79 6.17 -8.49 -4.42
CA SER A 79 6.69 -9.83 -4.62
C SER A 79 8.08 -9.78 -5.27
N GLN A 80 8.41 -8.63 -5.86
CA GLN A 80 9.70 -8.45 -6.52
C GLN A 80 10.67 -7.74 -5.59
N THR A 81 11.96 -7.87 -5.87
CA THR A 81 12.98 -7.24 -5.06
C THR A 81 13.37 -5.87 -5.61
N GLY A 82 13.39 -4.88 -4.73
CA GLY A 82 13.75 -3.53 -5.14
C GLY A 82 13.15 -2.50 -4.22
N PRO A 83 13.47 -1.21 -4.43
CA PRO A 83 12.94 -0.12 -3.59
C PRO A 83 11.44 0.08 -3.79
N ILE A 84 10.71 0.25 -2.70
CA ILE A 84 9.28 0.45 -2.77
C ILE A 84 8.89 1.82 -2.24
N SER A 85 8.11 2.54 -3.05
CA SER A 85 7.65 3.88 -2.69
C SER A 85 6.13 3.88 -2.62
N LEU A 86 5.58 4.34 -1.50
CA LEU A 86 4.14 4.37 -1.33
C LEU A 86 3.62 5.80 -1.19
N THR A 87 2.80 6.22 -2.15
CA THR A 87 2.20 7.53 -2.12
C THR A 87 0.82 7.42 -1.46
N VAL A 88 0.79 7.59 -0.14
CA VAL A 88 -0.43 7.47 0.62
C VAL A 88 -1.13 8.81 0.78
N ALA A 89 -2.45 8.77 0.80
CA ALA A 89 -3.27 9.95 0.97
C ALA A 89 -3.96 9.94 2.32
N LYS A 90 -3.49 10.79 3.21
CA LYS A 90 -4.05 10.88 4.54
C LYS A 90 -5.06 12.03 4.60
C1 PHQ B 1 -4.10 -8.25 1.16
O1 PHQ B 1 -4.34 -7.50 2.10
O2 PHQ B 1 -5.09 -8.42 0.02
C2 PHQ B 1 -6.22 -7.40 0.14
C3 PHQ B 1 -7.28 -7.53 -0.93
C4 PHQ B 1 -8.43 -6.72 -0.90
C5 PHQ B 1 -9.32 -6.70 -1.98
C6 PHQ B 1 -9.10 -7.55 -3.08
C7 PHQ B 1 -8.00 -8.42 -3.08
C8 PHQ B 1 -7.13 -8.46 -1.98
H21 PHQ B 1 -5.79 -6.41 0.07
H22 PHQ B 1 -6.69 -7.51 1.10
H41 PHQ B 1 -8.63 -6.10 -0.02
H51 PHQ B 1 -10.17 -6.05 -1.97
H61 PHQ B 1 -9.77 -7.52 -3.93
H71 PHQ B 1 -7.83 -9.07 -3.93
H81 PHQ B 1 -6.34 -9.20 -1.94
N TRP B 2 -2.95 -8.91 1.13
CA TRP B 2 -1.94 -8.82 2.19
C TRP B 2 -0.54 -8.82 1.60
N VAL B 3 0.30 -7.90 2.02
CA VAL B 3 1.67 -7.83 1.53
C VAL B 3 2.59 -7.28 2.60
N ASN A 1 -4.07 15.18 3.66
CA ASN A 1 -2.60 15.26 3.55
C ASN A 1 -2.07 14.03 2.83
N ILE A 2 -1.35 14.26 1.73
CA ILE A 2 -0.79 13.17 0.94
C ILE A 2 0.73 13.09 1.14
N ILE A 3 1.20 11.95 1.60
CA ILE A 3 2.62 11.75 1.85
C ILE A 3 3.16 10.53 1.12
N THR A 4 4.27 10.70 0.41
CA THR A 4 4.91 9.60 -0.28
C THR A 4 6.15 9.18 0.49
N VAL A 5 6.13 7.97 1.04
CA VAL A 5 7.23 7.47 1.83
C VAL A 5 8.08 6.46 1.06
N THR A 6 9.33 6.34 1.46
CA THR A 6 10.23 5.39 0.84
C THR A 6 10.49 4.23 1.82
N LEU A 7 10.45 3.01 1.31
CA LEU A 7 10.66 1.85 2.16
C LEU A 7 11.88 1.04 1.71
N ASN A 8 12.69 0.63 2.68
CA ASN A 8 13.88 -0.16 2.42
C ASN A 8 13.51 -1.63 2.29
N MET A 9 13.71 -2.17 1.10
CA MET A 9 13.38 -3.57 0.82
C MET A 9 14.62 -4.45 0.89
N GLU A 10 15.68 -3.90 1.47
CA GLU A 10 16.92 -4.64 1.62
C GLU A 10 16.91 -5.40 2.93
N ARG A 11 16.54 -4.72 4.00
CA ARG A 11 16.46 -5.32 5.32
C ARG A 11 15.12 -6.03 5.50
N HIS A 12 14.14 -5.63 4.69
CA HIS A 12 12.81 -6.23 4.75
C HIS A 12 12.54 -7.03 3.48
N HIS A 13 11.60 -7.96 3.55
CA HIS A 13 11.27 -8.77 2.39
C HIS A 13 9.77 -8.74 2.13
N PHE A 14 9.09 -7.79 2.76
CA PHE A 14 7.65 -7.65 2.61
C PHE A 14 7.20 -6.29 3.12
N LEU A 15 5.95 -5.93 2.84
CA LEU A 15 5.40 -4.66 3.26
C LEU A 15 4.96 -4.73 4.72
N GLY A 16 4.06 -5.67 5.01
CA GLY A 16 3.57 -5.84 6.36
C GLY A 16 2.31 -5.07 6.64
N ILE A 17 1.43 -4.99 5.64
CA ILE A 17 0.18 -4.26 5.78
C ILE A 17 -0.99 -5.01 5.18
N SER A 18 -2.17 -4.71 5.68
CA SER A 18 -3.41 -5.32 5.21
C SER A 18 -4.14 -4.35 4.29
N ILE A 19 -4.52 -4.83 3.12
CA ILE A 19 -5.23 -4.01 2.15
C ILE A 19 -6.74 -4.23 2.23
N VAL A 20 -7.46 -3.21 2.65
CA VAL A 20 -8.91 -3.29 2.78
C VAL A 20 -9.60 -2.35 1.80
N GLY A 21 -10.33 -2.92 0.85
CA GLY A 21 -11.02 -2.11 -0.13
C GLY A 21 -12.42 -1.73 0.32
N GLN A 22 -12.77 -0.46 0.14
CA GLN A 22 -14.08 0.03 0.54
C GLN A 22 -14.97 0.23 -0.69
N SER A 23 -16.28 0.21 -0.49
CA SER A 23 -17.24 0.40 -1.56
C SER A 23 -18.37 1.33 -1.11
N ASN A 24 -18.54 2.43 -1.82
CA ASN A 24 -19.59 3.39 -1.49
C ASN A 24 -20.95 2.88 -1.95
N ASP A 25 -21.21 2.94 -3.25
CA ASP A 25 -22.49 2.47 -3.78
C ASP A 25 -22.31 1.84 -5.18
N ARG A 26 -21.18 2.11 -5.81
CA ARG A 26 -20.91 1.55 -7.13
C ARG A 26 -19.72 0.60 -7.06
N GLY A 27 -19.33 0.27 -5.84
CA GLY A 27 -18.20 -0.62 -5.64
C GLY A 27 -16.91 0.15 -5.48
N ASP A 28 -16.97 1.42 -5.84
CA ASP A 28 -15.83 2.32 -5.76
C ASP A 28 -15.57 2.73 -4.32
N GLY A 29 -14.36 3.18 -4.05
CA GLY A 29 -14.00 3.59 -2.71
C GLY A 29 -12.50 3.69 -2.52
N GLY A 30 -11.79 2.67 -2.95
CA GLY A 30 -10.35 2.66 -2.81
C GLY A 30 -9.88 1.67 -1.78
N ILE A 31 -8.57 1.48 -1.70
CA ILE A 31 -7.99 0.55 -0.74
C ILE A 31 -7.34 1.29 0.42
N TYR A 32 -7.67 0.87 1.63
CA TYR A 32 -7.14 1.49 2.84
C TYR A 32 -6.32 0.49 3.64
N ILE A 33 -5.46 1.00 4.50
CA ILE A 33 -4.62 0.16 5.35
C ILE A 33 -5.42 -0.33 6.55
N GLY A 34 -5.54 -1.65 6.69
CA GLY A 34 -6.28 -2.21 7.81
C GLY A 34 -5.48 -2.18 9.09
N SER A 35 -4.28 -2.73 9.04
CA SER A 35 -3.39 -2.76 10.18
C SER A 35 -1.94 -2.88 9.71
N ILE A 36 -1.01 -2.59 10.60
CA ILE A 36 0.41 -2.67 10.26
C ILE A 36 1.09 -3.73 11.11
N MET A 37 1.81 -4.63 10.47
CA MET A 37 2.50 -5.70 11.17
C MET A 37 3.92 -5.28 11.53
N LYS A 38 4.26 -5.41 12.81
CA LYS A 38 5.58 -5.04 13.30
C LYS A 38 6.64 -5.94 12.65
N GLY A 39 7.65 -5.31 12.07
CA GLY A 39 8.69 -6.07 11.41
C GLY A 39 8.68 -5.86 9.92
N GLY A 40 7.58 -5.30 9.42
CA GLY A 40 7.44 -5.04 8.00
C GLY A 40 8.14 -3.76 7.59
N ALA A 41 8.17 -3.48 6.30
CA ALA A 41 8.82 -2.28 5.80
C ALA A 41 8.05 -1.03 6.20
N VAL A 42 6.72 -1.12 6.18
CA VAL A 42 5.87 0.00 6.53
C VAL A 42 6.01 0.35 8.03
N ALA A 43 6.17 -0.68 8.85
CA ALA A 43 6.31 -0.50 10.29
C ALA A 43 7.66 0.11 10.65
N ALA A 44 8.54 0.24 9.66
CA ALA A 44 9.86 0.81 9.88
C ALA A 44 9.85 2.32 9.66
N ASP A 45 8.76 2.83 9.08
CA ASP A 45 8.64 4.26 8.82
C ASP A 45 7.96 4.96 9.98
N GLY A 46 6.63 4.87 10.03
CA GLY A 46 5.89 5.49 11.12
C GLY A 46 4.88 6.53 10.68
N ARG A 47 5.04 7.05 9.47
CA ARG A 47 4.12 8.07 8.96
C ARG A 47 2.79 7.45 8.53
N ILE A 48 2.84 6.23 8.02
CA ILE A 48 1.63 5.54 7.59
C ILE A 48 0.95 4.88 8.79
N GLU A 49 -0.36 4.95 8.83
CA GLU A 49 -1.13 4.36 9.92
C GLU A 49 -2.39 3.68 9.38
N PRO A 50 -3.00 2.77 10.15
CA PRO A 50 -4.23 2.10 9.75
C PRO A 50 -5.34 3.10 9.48
N GLY A 51 -5.89 3.05 8.28
CA GLY A 51 -6.93 3.97 7.88
C GLY A 51 -6.52 4.79 6.69
N ASP A 52 -5.21 4.83 6.44
CA ASP A 52 -4.67 5.59 5.32
C ASP A 52 -5.05 4.93 3.99
N MET A 53 -5.31 5.75 2.98
CA MET A 53 -5.70 5.25 1.67
C MET A 53 -4.51 5.25 0.71
N LEU A 54 -4.35 4.16 -0.03
CA LEU A 54 -3.26 4.05 -1.00
C LEU A 54 -3.70 4.62 -2.34
N LEU A 55 -2.94 5.59 -2.83
CA LEU A 55 -3.26 6.23 -4.10
C LEU A 55 -2.36 5.68 -5.22
N GLN A 56 -1.08 5.96 -5.10
CA GLN A 56 -0.11 5.53 -6.10
C GLN A 56 1.01 4.72 -5.45
N VAL A 57 1.38 3.61 -6.08
CA VAL A 57 2.43 2.76 -5.58
C VAL A 57 3.42 2.41 -6.69
N ASN A 58 4.57 3.06 -6.69
CA ASN A 58 5.60 2.84 -7.70
C ASN A 58 5.08 3.15 -9.11
N ASP A 59 4.76 4.43 -9.34
CA ASP A 59 4.28 4.93 -10.63
C ASP A 59 2.81 4.59 -10.90
N VAL A 60 2.43 3.33 -10.76
CA VAL A 60 1.04 2.93 -11.03
C VAL A 60 0.07 3.58 -10.06
N ASN A 61 -0.92 4.27 -10.61
CA ASN A 61 -1.93 4.95 -9.84
C ASN A 61 -3.21 4.11 -9.79
N PHE A 62 -3.74 3.88 -8.59
CA PHE A 62 -4.93 3.05 -8.44
C PHE A 62 -6.16 3.87 -8.09
N GLU A 63 -6.06 5.19 -8.22
CA GLU A 63 -7.18 6.09 -7.90
C GLU A 63 -8.38 5.84 -8.81
N ASN A 64 -8.13 5.32 -10.01
CA ASN A 64 -9.19 5.06 -10.96
C ASN A 64 -9.30 3.57 -11.29
N MET A 65 -8.85 2.73 -10.40
CA MET A 65 -8.90 1.29 -10.63
C MET A 65 -9.70 0.57 -9.56
N SER A 66 -10.21 -0.60 -9.90
CA SER A 66 -10.98 -1.43 -8.97
C SER A 66 -10.10 -1.88 -7.81
N ASN A 67 -10.69 -1.96 -6.62
CA ASN A 67 -9.96 -2.37 -5.42
C ASN A 67 -9.19 -3.68 -5.63
N ASP A 68 -9.88 -4.67 -6.18
CA ASP A 68 -9.28 -5.98 -6.45
C ASP A 68 -8.09 -5.86 -7.38
N ASP A 69 -8.27 -5.11 -8.46
CA ASP A 69 -7.21 -4.93 -9.46
C ASP A 69 -6.07 -4.09 -8.91
N ALA A 70 -6.39 -3.21 -7.97
CA ALA A 70 -5.39 -2.34 -7.36
C ALA A 70 -4.36 -3.17 -6.58
N VAL A 71 -4.85 -4.10 -5.77
CA VAL A 71 -3.96 -4.94 -4.98
C VAL A 71 -3.28 -5.98 -5.86
N ARG A 72 -3.91 -6.30 -6.98
CA ARG A 72 -3.35 -7.27 -7.93
C ARG A 72 -1.96 -6.84 -8.36
N VAL A 73 -1.81 -5.56 -8.69
CA VAL A 73 -0.53 -5.02 -9.11
C VAL A 73 0.37 -4.80 -7.89
N LEU A 74 -0.24 -4.39 -6.78
CA LEU A 74 0.49 -4.14 -5.54
C LEU A 74 1.26 -5.37 -5.09
N ARG A 75 0.59 -6.51 -5.03
CA ARG A 75 1.21 -7.75 -4.60
C ARG A 75 2.36 -8.15 -5.52
N GLU A 76 2.21 -7.83 -6.80
CA GLU A 76 3.25 -8.13 -7.78
C GLU A 76 4.52 -7.33 -7.47
N ILE A 77 4.32 -6.06 -7.17
CA ILE A 77 5.43 -5.16 -6.85
C ILE A 77 6.10 -5.53 -5.52
N VAL A 78 5.29 -5.85 -4.52
CA VAL A 78 5.81 -6.21 -3.21
C VAL A 78 6.59 -7.52 -3.26
N SER A 79 6.25 -8.39 -4.21
CA SER A 79 6.94 -9.66 -4.35
C SER A 79 8.18 -9.49 -5.24
N GLN A 80 8.39 -8.28 -5.73
CA GLN A 80 9.52 -7.97 -6.58
C GLN A 80 10.64 -7.33 -5.77
N THR A 81 11.83 -7.30 -6.34
CA THR A 81 12.98 -6.71 -5.66
C THR A 81 13.12 -5.23 -6.02
N GLY A 82 13.55 -4.43 -5.07
CA GLY A 82 13.72 -3.01 -5.31
C GLY A 82 12.94 -2.18 -4.33
N PRO A 83 13.39 -0.94 -4.06
CA PRO A 83 12.73 -0.03 -3.12
C PRO A 83 11.32 0.35 -3.57
N ILE A 84 10.39 0.40 -2.62
CA ILE A 84 9.02 0.72 -2.94
C ILE A 84 8.60 2.06 -2.30
N SER A 85 7.93 2.90 -3.08
CA SER A 85 7.45 4.18 -2.60
C SER A 85 5.94 4.14 -2.47
N LEU A 86 5.43 4.49 -1.29
CA LEU A 86 4.00 4.46 -1.05
C LEU A 86 3.42 5.86 -0.89
N THR A 87 2.51 6.21 -1.80
CA THR A 87 1.83 7.50 -1.75
C THR A 87 0.47 7.31 -1.10
N VAL A 88 0.37 7.65 0.18
CA VAL A 88 -0.87 7.49 0.92
C VAL A 88 -1.58 8.82 1.14
N ALA A 89 -2.89 8.73 1.33
CA ALA A 89 -3.71 9.90 1.57
C ALA A 89 -4.28 9.86 2.98
N LYS A 90 -3.87 10.82 3.79
CA LYS A 90 -4.32 10.91 5.17
C LYS A 90 -5.29 12.07 5.31
C1 PHQ B 1 -4.37 -8.34 1.89
O1 PHQ B 1 -4.52 -7.64 2.88
O2 PHQ B 1 -5.53 -8.57 0.93
C2 PHQ B 1 -5.20 -8.05 -0.46
C3 PHQ B 1 -6.22 -8.42 -1.50
C4 PHQ B 1 -5.95 -9.46 -2.41
C5 PHQ B 1 -6.82 -9.70 -3.48
C6 PHQ B 1 -8.01 -8.96 -3.60
C7 PHQ B 1 -8.32 -7.97 -2.65
C8 PHQ B 1 -7.44 -7.74 -1.58
H21 PHQ B 1 -4.23 -8.44 -0.75
H22 PHQ B 1 -5.14 -6.96 -0.41
H41 PHQ B 1 -5.06 -10.07 -2.29
H51 PHQ B 1 -6.58 -10.47 -4.21
H61 PHQ B 1 -8.68 -9.14 -4.43
H71 PHQ B 1 -9.23 -7.40 -2.74
H81 PHQ B 1 -7.71 -7.03 -0.80
N TRP B 2 -3.19 -8.91 1.64
CA TRP B 2 -2.04 -8.74 2.52
C TRP B 2 -0.73 -8.80 1.73
N VAL B 3 0.24 -8.01 2.15
CA VAL B 3 1.56 -8.01 1.52
C VAL B 3 2.60 -7.54 2.51
N ASN A 1 -3.07 15.40 3.47
CA ASN A 1 -1.59 15.44 3.39
C ASN A 1 -1.08 14.19 2.67
N ILE A 2 -0.48 14.38 1.50
CA ILE A 2 0.07 13.28 0.73
C ILE A 2 1.54 13.08 1.08
N ILE A 3 1.92 11.85 1.40
CA ILE A 3 3.30 11.55 1.77
C ILE A 3 3.84 10.40 0.92
N THR A 4 5.04 10.60 0.38
CA THR A 4 5.70 9.59 -0.42
C THR A 4 6.88 9.01 0.36
N VAL A 5 6.77 7.76 0.75
CA VAL A 5 7.82 7.10 1.52
C VAL A 5 8.52 6.02 0.70
N THR A 6 9.80 5.80 0.99
CA THR A 6 10.57 4.79 0.31
C THR A 6 11.00 3.73 1.33
N LEU A 7 10.36 2.57 1.25
CA LEU A 7 10.64 1.49 2.18
C LEU A 7 11.79 0.61 1.68
N ASN A 8 12.70 0.30 2.61
CA ASN A 8 13.85 -0.54 2.31
C ASN A 8 13.46 -2.01 2.27
N MET A 9 13.60 -2.62 1.10
CA MET A 9 13.26 -4.03 0.93
C MET A 9 14.50 -4.90 0.99
N GLU A 10 15.57 -4.35 1.55
CA GLU A 10 16.82 -5.09 1.68
C GLU A 10 16.83 -5.86 2.99
N ARG A 11 16.57 -5.14 4.08
CA ARG A 11 16.52 -5.75 5.39
C ARG A 11 15.15 -6.39 5.62
N HIS A 12 14.14 -5.87 4.93
CA HIS A 12 12.78 -6.37 5.04
C HIS A 12 12.49 -7.32 3.88
N HIS A 13 11.48 -8.16 4.04
CA HIS A 13 11.13 -9.10 2.98
C HIS A 13 9.64 -9.04 2.70
N PHE A 14 8.98 -8.01 3.23
CA PHE A 14 7.56 -7.81 3.05
C PHE A 14 7.15 -6.42 3.53
N LEU A 15 5.95 -6.00 3.16
CA LEU A 15 5.44 -4.70 3.54
C LEU A 15 4.93 -4.75 4.97
N GLY A 16 4.07 -5.72 5.24
CA GLY A 16 3.52 -5.89 6.56
C GLY A 16 2.26 -5.08 6.77
N ILE A 17 1.37 -5.09 5.79
CA ILE A 17 0.12 -4.35 5.89
C ILE A 17 -1.03 -5.08 5.20
N SER A 18 -2.22 -4.84 5.70
CA SER A 18 -3.42 -5.43 5.13
C SER A 18 -4.15 -4.37 4.31
N ILE A 19 -4.49 -4.70 3.07
CA ILE A 19 -5.16 -3.76 2.21
C ILE A 19 -6.67 -3.98 2.27
N VAL A 20 -7.41 -2.93 2.61
CA VAL A 20 -8.85 -3.02 2.69
C VAL A 20 -9.49 -2.35 1.49
N GLY A 21 -10.14 -3.13 0.65
CA GLY A 21 -10.80 -2.60 -0.53
C GLY A 21 -12.19 -2.09 -0.19
N GLN A 22 -12.33 -0.78 -0.14
CA GLN A 22 -13.59 -0.15 0.19
C GLN A 22 -14.58 -0.28 -0.97
N SER A 23 -15.42 -1.29 -0.90
CA SER A 23 -16.41 -1.53 -1.93
C SER A 23 -17.81 -1.27 -1.39
N ASN A 24 -18.40 -0.16 -1.81
CA ASN A 24 -19.74 0.23 -1.38
C ASN A 24 -20.73 -0.03 -2.52
N ASP A 25 -21.79 0.76 -2.58
CA ASP A 25 -22.80 0.64 -3.63
C ASP A 25 -22.13 0.76 -5.00
N ARG A 26 -21.19 1.69 -5.10
CA ARG A 26 -20.45 1.90 -6.33
C ARG A 26 -19.29 0.91 -6.41
N GLY A 27 -18.46 0.90 -5.38
CA GLY A 27 -17.32 0.00 -5.34
C GLY A 27 -16.00 0.69 -5.61
N ASP A 28 -16.05 1.99 -5.83
CA ASP A 28 -14.85 2.77 -6.11
C ASP A 28 -14.43 3.58 -4.89
N GLY A 29 -14.47 2.94 -3.72
CA GLY A 29 -14.08 3.62 -2.50
C GLY A 29 -12.57 3.76 -2.36
N GLY A 30 -11.85 2.83 -2.95
CA GLY A 30 -10.39 2.87 -2.88
C GLY A 30 -9.84 1.87 -1.89
N ILE A 31 -8.52 1.74 -1.85
CA ILE A 31 -7.87 0.81 -0.95
C ILE A 31 -7.21 1.55 0.21
N TYR A 32 -7.57 1.17 1.41
CA TYR A 32 -7.04 1.79 2.61
C TYR A 32 -6.24 0.80 3.44
N ILE A 33 -5.30 1.31 4.22
CA ILE A 33 -4.47 0.46 5.08
C ILE A 33 -5.30 -0.03 6.27
N GLY A 34 -5.51 -1.33 6.34
CA GLY A 34 -6.29 -1.90 7.42
C GLY A 34 -5.52 -1.91 8.73
N SER A 35 -4.38 -2.58 8.74
CA SER A 35 -3.56 -2.65 9.93
C SER A 35 -2.09 -2.84 9.55
N ILE A 36 -1.20 -2.56 10.48
CA ILE A 36 0.23 -2.71 10.25
C ILE A 36 0.79 -3.84 11.07
N MET A 37 1.62 -4.66 10.44
CA MET A 37 2.24 -5.80 11.12
C MET A 37 3.64 -5.45 11.56
N LYS A 38 3.95 -5.75 12.82
CA LYS A 38 5.26 -5.46 13.38
C LYS A 38 6.35 -6.26 12.67
N GLY A 39 7.42 -5.59 12.28
CA GLY A 39 8.49 -6.25 11.58
C GLY A 39 8.48 -5.95 10.09
N GLY A 40 7.34 -5.46 9.61
CA GLY A 40 7.20 -5.14 8.21
C GLY A 40 7.92 -3.86 7.85
N ALA A 41 8.10 -3.63 6.55
CA ALA A 41 8.78 -2.45 6.06
C ALA A 41 8.00 -1.18 6.43
N VAL A 42 6.68 -1.31 6.50
CA VAL A 42 5.83 -0.17 6.84
C VAL A 42 5.99 0.21 8.32
N ALA A 43 6.05 -0.81 9.17
CA ALA A 43 6.20 -0.60 10.61
C ALA A 43 7.56 0.01 10.94
N ALA A 44 8.48 -0.09 10.00
CA ALA A 44 9.82 0.46 10.18
C ALA A 44 9.85 1.95 9.85
N ASP A 45 8.80 2.44 9.21
CA ASP A 45 8.72 3.84 8.83
C ASP A 45 8.03 4.65 9.93
N GLY A 46 6.72 4.54 10.02
CA GLY A 46 5.98 5.26 11.05
C GLY A 46 5.05 6.33 10.50
N ARG A 47 5.28 6.78 9.28
CA ARG A 47 4.44 7.82 8.68
C ARG A 47 3.11 7.25 8.21
N ILE A 48 3.11 5.97 7.87
CA ILE A 48 1.89 5.31 7.41
C ILE A 48 1.13 4.75 8.61
N GLU A 49 -0.18 4.92 8.60
CA GLU A 49 -1.03 4.44 9.68
C GLU A 49 -2.31 3.81 9.13
N PRO A 50 -2.99 2.99 9.93
CA PRO A 50 -4.25 2.36 9.51
C PRO A 50 -5.30 3.41 9.18
N GLY A 51 -5.69 3.47 7.91
CA GLY A 51 -6.66 4.44 7.48
C GLY A 51 -6.17 5.22 6.26
N ASP A 52 -4.86 5.21 6.07
CA ASP A 52 -4.25 5.91 4.93
C ASP A 52 -4.68 5.24 3.63
N MET A 53 -4.87 6.04 2.59
CA MET A 53 -5.28 5.50 1.29
C MET A 53 -4.08 5.44 0.36
N LEU A 54 -3.95 4.32 -0.36
CA LEU A 54 -2.85 4.15 -1.29
C LEU A 54 -3.20 4.73 -2.65
N LEU A 55 -2.41 5.69 -3.11
CA LEU A 55 -2.63 6.33 -4.40
C LEU A 55 -1.77 5.67 -5.47
N GLN A 56 -0.50 6.06 -5.47
CA GLN A 56 0.45 5.53 -6.44
C GLN A 56 1.52 4.69 -5.75
N VAL A 57 1.73 3.49 -6.25
CA VAL A 57 2.72 2.60 -5.70
C VAL A 57 3.70 2.21 -6.80
N ASN A 58 4.83 2.91 -6.84
CA ASN A 58 5.86 2.66 -7.84
C ASN A 58 5.35 2.92 -9.26
N ASP A 59 5.17 4.21 -9.57
CA ASP A 59 4.72 4.65 -10.91
C ASP A 59 3.24 4.39 -11.18
N VAL A 60 2.76 3.19 -10.91
CA VAL A 60 1.36 2.86 -11.17
C VAL A 60 0.42 3.53 -10.15
N ASN A 61 -0.55 4.26 -10.67
CA ASN A 61 -1.53 4.95 -9.83
C ASN A 61 -2.85 4.19 -9.85
N PHE A 62 -3.34 3.82 -8.68
CA PHE A 62 -4.57 3.04 -8.56
C PHE A 62 -5.80 3.92 -8.41
N GLU A 63 -5.63 5.23 -8.57
CA GLU A 63 -6.74 6.17 -8.45
C GLU A 63 -7.85 5.90 -9.47
N ASN A 64 -7.51 5.24 -10.56
CA ASN A 64 -8.48 4.94 -11.60
C ASN A 64 -8.55 3.44 -11.88
N MET A 65 -8.42 2.64 -10.82
CA MET A 65 -8.48 1.18 -10.95
C MET A 65 -9.43 0.61 -9.90
N SER A 66 -9.84 -0.64 -10.07
CA SER A 66 -10.75 -1.27 -9.13
C SER A 66 -9.97 -1.72 -7.89
N ASN A 67 -10.68 -1.85 -6.77
CA ASN A 67 -10.07 -2.27 -5.51
C ASN A 67 -9.28 -3.56 -5.69
N ASP A 68 -9.89 -4.52 -6.37
CA ASP A 68 -9.27 -5.81 -6.63
C ASP A 68 -7.99 -5.66 -7.44
N ASP A 69 -8.08 -4.95 -8.56
CA ASP A 69 -6.93 -4.76 -9.44
C ASP A 69 -5.83 -3.95 -8.76
N ALA A 70 -6.23 -3.00 -7.93
CA ALA A 70 -5.29 -2.16 -7.21
C ALA A 70 -4.33 -3.00 -6.38
N VAL A 71 -4.87 -3.97 -5.65
CA VAL A 71 -4.04 -4.83 -4.82
C VAL A 71 -3.38 -5.92 -5.65
N ARG A 72 -3.98 -6.25 -6.79
CA ARG A 72 -3.42 -7.25 -7.68
C ARG A 72 -2.01 -6.84 -8.09
N VAL A 73 -1.89 -5.58 -8.52
CA VAL A 73 -0.61 -5.04 -8.94
C VAL A 73 0.28 -4.80 -7.72
N LEU A 74 -0.34 -4.37 -6.62
CA LEU A 74 0.37 -4.09 -5.38
C LEU A 74 1.17 -5.32 -4.93
N ARG A 75 0.49 -6.46 -4.85
CA ARG A 75 1.11 -7.70 -4.42
C ARG A 75 2.23 -8.10 -5.39
N GLU A 76 2.02 -7.81 -6.67
CA GLU A 76 3.01 -8.13 -7.69
C GLU A 76 4.29 -7.35 -7.46
N ILE A 77 4.16 -6.05 -7.20
CA ILE A 77 5.30 -5.20 -6.96
C ILE A 77 6.05 -5.62 -5.70
N VAL A 78 5.31 -5.91 -4.63
CA VAL A 78 5.92 -6.32 -3.36
C VAL A 78 6.56 -7.71 -3.49
N SER A 79 6.26 -8.41 -4.58
CA SER A 79 6.83 -9.73 -4.81
C SER A 79 8.22 -9.62 -5.46
N GLN A 80 8.63 -8.39 -5.78
CA GLN A 80 9.92 -8.16 -6.39
C GLN A 80 10.90 -7.62 -5.34
N THR A 81 12.15 -7.43 -5.74
CA THR A 81 13.17 -6.93 -4.84
C THR A 81 13.63 -5.53 -5.25
N GLY A 82 13.32 -4.54 -4.42
CA GLY A 82 13.71 -3.18 -4.71
C GLY A 82 13.02 -2.16 -3.84
N PRO A 83 13.44 -0.90 -3.87
CA PRO A 83 12.84 0.17 -3.07
C PRO A 83 11.39 0.42 -3.47
N ILE A 84 10.48 0.30 -2.51
CA ILE A 84 9.06 0.49 -2.77
C ILE A 84 8.62 1.90 -2.38
N SER A 85 8.22 2.68 -3.38
CA SER A 85 7.75 4.03 -3.15
C SER A 85 6.24 4.03 -2.92
N LEU A 86 5.84 4.34 -1.69
CA LEU A 86 4.42 4.36 -1.35
C LEU A 86 3.92 5.79 -1.22
N THR A 87 2.93 6.12 -2.04
CA THR A 87 2.32 7.43 -2.01
C THR A 87 0.96 7.35 -1.34
N VAL A 88 0.91 7.68 -0.05
CA VAL A 88 -0.33 7.61 0.70
C VAL A 88 -0.99 8.97 0.86
N ALA A 89 -2.31 8.95 0.95
CA ALA A 89 -3.09 10.16 1.12
C ALA A 89 -3.70 10.19 2.51
N LYS A 90 -3.20 11.07 3.35
CA LYS A 90 -3.70 11.21 4.71
C LYS A 90 -4.60 12.41 4.82
C1 PHQ B 1 -4.00 -8.20 1.17
O1 PHQ B 1 -4.20 -7.41 2.11
O2 PHQ B 1 -5.03 -8.34 0.05
C2 PHQ B 1 -6.08 -7.23 0.13
C3 PHQ B 1 -7.12 -7.29 -0.97
C4 PHQ B 1 -8.26 -6.46 -0.89
C5 PHQ B 1 -9.14 -6.39 -1.98
C6 PHQ B 1 -8.95 -7.23 -3.10
C7 PHQ B 1 -7.86 -8.11 -3.13
C8 PHQ B 1 -6.96 -8.15 -2.06
H21 PHQ B 1 -5.56 -6.27 0.07
H22 PHQ B 1 -6.59 -7.28 1.09
H41 PHQ B 1 -8.45 -5.89 0.00
H51 PHQ B 1 -9.96 -5.68 -1.96
H61 PHQ B 1 -9.65 -7.19 -3.92
H71 PHQ B 1 -7.72 -8.76 -3.99
H81 PHQ B 1 -6.14 -8.85 -2.08
N TRP B 2 -2.90 -8.94 1.15
CA TRP B 2 -1.88 -8.84 2.20
C TRP B 2 -0.49 -8.84 1.58
N VAL B 3 0.38 -7.96 2.08
CA VAL B 3 1.74 -7.87 1.60
C VAL B 3 2.65 -7.36 2.70
N ASN A 1 -3.56 15.18 2.82
CA ASN A 1 -2.08 15.29 2.84
C ASN A 1 -1.45 14.09 2.13
N ILE A 2 -0.72 14.35 1.07
CA ILE A 2 -0.09 13.27 0.31
C ILE A 2 1.40 13.18 0.59
N ILE A 3 1.87 11.97 0.89
CA ILE A 3 3.29 11.76 1.18
C ILE A 3 3.82 10.57 0.39
N THR A 4 5.03 10.72 -0.15
CA THR A 4 5.68 9.66 -0.91
C THR A 4 6.83 9.11 -0.08
N VAL A 5 6.68 7.88 0.40
CA VAL A 5 7.70 7.25 1.22
C VAL A 5 8.44 6.16 0.45
N THR A 6 9.64 5.85 0.93
CA THR A 6 10.46 4.81 0.33
C THR A 6 10.81 3.78 1.39
N LEU A 7 10.58 2.51 1.09
CA LEU A 7 10.86 1.45 2.05
C LEU A 7 12.02 0.57 1.60
N ASN A 8 12.84 0.16 2.58
CA ASN A 8 13.99 -0.67 2.31
C ASN A 8 13.59 -2.14 2.23
N MET A 9 13.61 -2.68 1.02
CA MET A 9 13.23 -4.07 0.81
C MET A 9 14.46 -4.98 0.83
N GLU A 10 15.53 -4.50 1.48
CA GLU A 10 16.75 -5.27 1.61
C GLU A 10 16.73 -6.02 2.92
N ARG A 11 16.39 -5.30 3.99
CA ARG A 11 16.30 -5.87 5.32
C ARG A 11 14.91 -6.46 5.53
N HIS A 12 13.94 -5.92 4.82
CA HIS A 12 12.56 -6.38 4.92
C HIS A 12 12.16 -7.11 3.65
N HIS A 13 11.51 -8.25 3.79
CA HIS A 13 11.11 -9.03 2.62
C HIS A 13 9.63 -8.87 2.32
N PHE A 14 8.94 -8.07 3.13
CA PHE A 14 7.52 -7.83 2.94
C PHE A 14 7.12 -6.46 3.45
N LEU A 15 5.96 -5.99 3.00
CA LEU A 15 5.45 -4.69 3.40
C LEU A 15 4.92 -4.76 4.82
N GLY A 16 4.06 -5.75 5.06
CA GLY A 16 3.49 -5.93 6.38
C GLY A 16 2.26 -5.08 6.61
N ILE A 17 1.34 -5.12 5.66
CA ILE A 17 0.11 -4.34 5.78
C ILE A 17 -1.08 -5.07 5.18
N SER A 18 -2.25 -4.80 5.75
CA SER A 18 -3.50 -5.38 5.28
C SER A 18 -4.22 -4.36 4.41
N ILE A 19 -4.49 -4.72 3.18
CA ILE A 19 -5.17 -3.81 2.27
C ILE A 19 -6.68 -3.96 2.39
N VAL A 20 -7.36 -2.87 2.67
CA VAL A 20 -8.81 -2.89 2.80
C VAL A 20 -9.44 -2.24 1.58
N GLY A 21 -10.15 -3.04 0.80
CA GLY A 21 -10.81 -2.52 -0.38
C GLY A 21 -12.18 -1.95 -0.06
N GLN A 22 -12.27 -0.63 -0.02
CA GLN A 22 -13.53 0.02 0.28
C GLN A 22 -14.44 -0.03 -0.94
N SER A 23 -15.48 -0.84 -0.87
CA SER A 23 -16.41 -1.00 -1.98
C SER A 23 -17.76 -0.35 -1.66
N ASN A 24 -18.07 0.71 -2.39
CA ASN A 24 -19.33 1.43 -2.21
C ASN A 24 -20.44 0.76 -3.01
N ASP A 25 -21.42 1.56 -3.43
CA ASP A 25 -22.55 1.06 -4.20
C ASP A 25 -22.12 0.55 -5.59
N ARG A 26 -20.99 1.05 -6.08
CA ARG A 26 -20.48 0.62 -7.38
C ARG A 26 -19.17 -0.14 -7.21
N GLY A 27 -18.85 -0.50 -5.97
CA GLY A 27 -17.61 -1.22 -5.70
C GLY A 27 -16.41 -0.29 -5.70
N ASP A 28 -16.68 0.99 -5.75
CA ASP A 28 -15.63 2.01 -5.76
C ASP A 28 -15.35 2.49 -4.34
N GLY A 29 -14.24 3.18 -4.17
CA GLY A 29 -13.87 3.68 -2.86
C GLY A 29 -12.37 3.79 -2.69
N GLY A 30 -11.66 2.76 -3.12
CA GLY A 30 -10.22 2.77 -3.03
C GLY A 30 -9.71 1.81 -1.97
N ILE A 31 -8.39 1.61 -1.96
CA ILE A 31 -7.78 0.71 -1.00
C ILE A 31 -7.15 1.48 0.15
N TYR A 32 -7.47 1.08 1.36
CA TYR A 32 -6.95 1.73 2.56
C TYR A 32 -6.12 0.76 3.39
N ILE A 33 -5.31 1.30 4.29
CA ILE A 33 -4.47 0.48 5.15
C ILE A 33 -5.27 0.04 6.37
N GLY A 34 -5.53 -1.26 6.48
CA GLY A 34 -6.28 -1.78 7.61
C GLY A 34 -5.45 -1.85 8.87
N SER A 35 -4.42 -2.69 8.86
CA SER A 35 -3.56 -2.86 10.02
C SER A 35 -2.11 -3.02 9.57
N ILE A 36 -1.19 -2.61 10.43
CA ILE A 36 0.23 -2.71 10.15
C ILE A 36 0.84 -3.87 10.93
N MET A 37 1.60 -4.70 10.25
CA MET A 37 2.23 -5.86 10.89
C MET A 37 3.63 -5.51 11.36
N LYS A 38 3.89 -5.76 12.64
CA LYS A 38 5.18 -5.47 13.22
C LYS A 38 6.24 -6.37 12.59
N GLY A 39 7.32 -5.76 12.12
CA GLY A 39 8.38 -6.50 11.47
C GLY A 39 8.43 -6.25 9.98
N GLY A 40 7.37 -5.62 9.48
CA GLY A 40 7.30 -5.30 8.07
C GLY A 40 8.00 -4.00 7.75
N ALA A 41 8.15 -3.71 6.47
CA ALA A 41 8.82 -2.48 6.03
C ALA A 41 8.05 -1.25 6.50
N VAL A 42 6.73 -1.33 6.48
CA VAL A 42 5.88 -0.22 6.90
C VAL A 42 6.02 0.05 8.40
N ALA A 43 6.22 -1.01 9.16
CA ALA A 43 6.36 -0.90 10.61
C ALA A 43 7.66 -0.21 11.00
N ALA A 44 8.63 -0.20 10.09
CA ALA A 44 9.92 0.44 10.33
C ALA A 44 9.90 1.90 9.90
N ASP A 45 8.82 2.31 9.25
CA ASP A 45 8.67 3.68 8.79
C ASP A 45 8.01 4.53 9.87
N GLY A 46 6.70 4.39 10.01
CA GLY A 46 5.98 5.14 11.03
C GLY A 46 5.09 6.23 10.48
N ARG A 47 5.30 6.63 9.22
CA ARG A 47 4.49 7.69 8.62
C ARG A 47 3.11 7.15 8.22
N ILE A 48 3.07 5.91 7.78
CA ILE A 48 1.82 5.28 7.38
C ILE A 48 1.09 4.78 8.62
N GLU A 49 -0.22 5.02 8.67
CA GLU A 49 -1.03 4.59 9.79
C GLU A 49 -2.31 3.92 9.31
N PRO A 50 -2.95 3.09 10.17
CA PRO A 50 -4.21 2.41 9.82
C PRO A 50 -5.31 3.41 9.49
N GLY A 51 -5.55 3.62 8.21
CA GLY A 51 -6.56 4.56 7.77
C GLY A 51 -6.13 5.33 6.56
N ASP A 52 -4.82 5.29 6.28
CA ASP A 52 -4.26 6.00 5.13
C ASP A 52 -4.76 5.36 3.83
N MET A 53 -4.94 6.18 2.81
CA MET A 53 -5.42 5.70 1.52
C MET A 53 -4.26 5.54 0.55
N LEU A 54 -4.25 4.42 -0.17
CA LEU A 54 -3.20 4.14 -1.14
C LEU A 54 -3.61 4.67 -2.50
N LEU A 55 -2.86 5.62 -3.03
CA LEU A 55 -3.16 6.21 -4.33
C LEU A 55 -2.26 5.61 -5.40
N GLN A 56 -0.96 5.83 -5.26
CA GLN A 56 0.01 5.34 -6.23
C GLN A 56 1.10 4.54 -5.54
N VAL A 57 1.41 3.38 -6.08
CA VAL A 57 2.46 2.55 -5.54
C VAL A 57 3.54 2.33 -6.57
N ASN A 58 4.49 3.25 -6.60
CA ASN A 58 5.61 3.21 -7.53
C ASN A 58 5.14 3.31 -8.98
N ASP A 59 4.91 4.56 -9.41
CA ASP A 59 4.48 4.88 -10.79
C ASP A 59 3.01 4.56 -11.04
N VAL A 60 2.62 3.30 -10.88
CA VAL A 60 1.24 2.88 -11.13
C VAL A 60 0.25 3.54 -10.16
N ASN A 61 -0.74 4.21 -10.72
CA ASN A 61 -1.78 4.89 -9.95
C ASN A 61 -3.04 4.05 -9.93
N PHE A 62 -3.60 3.81 -8.74
CA PHE A 62 -4.80 3.00 -8.60
C PHE A 62 -6.03 3.83 -8.30
N GLU A 63 -5.94 5.14 -8.53
CA GLU A 63 -7.04 6.05 -8.26
C GLU A 63 -8.26 5.74 -9.12
N ASN A 64 -8.04 5.27 -10.34
CA ASN A 64 -9.15 4.95 -11.24
C ASN A 64 -9.17 3.47 -11.59
N MET A 65 -8.82 2.63 -10.63
CA MET A 65 -8.80 1.19 -10.84
C MET A 65 -9.70 0.50 -9.83
N SER A 66 -9.99 -0.76 -10.05
CA SER A 66 -10.84 -1.52 -9.14
C SER A 66 -10.07 -1.89 -7.89
N ASN A 67 -10.78 -2.10 -6.80
CA ASN A 67 -10.16 -2.47 -5.52
C ASN A 67 -9.36 -3.76 -5.66
N ASP A 68 -9.83 -4.65 -6.52
CA ASP A 68 -9.16 -5.92 -6.73
C ASP A 68 -7.89 -5.74 -7.55
N ASP A 69 -8.00 -5.04 -8.67
CA ASP A 69 -6.86 -4.81 -9.56
C ASP A 69 -5.77 -4.03 -8.84
N ALA A 70 -6.18 -3.12 -7.96
CA ALA A 70 -5.25 -2.30 -7.20
C ALA A 70 -4.31 -3.17 -6.37
N VAL A 71 -4.87 -4.11 -5.62
CA VAL A 71 -4.07 -5.00 -4.79
C VAL A 71 -3.33 -6.03 -5.64
N ARG A 72 -3.95 -6.43 -6.75
CA ARG A 72 -3.34 -7.40 -7.65
C ARG A 72 -1.95 -6.92 -8.09
N VAL A 73 -1.88 -5.68 -8.56
CA VAL A 73 -0.62 -5.11 -9.00
C VAL A 73 0.29 -4.85 -7.79
N LEU A 74 -0.31 -4.37 -6.70
CA LEU A 74 0.42 -4.08 -5.47
C LEU A 74 1.23 -5.29 -5.02
N ARG A 75 0.57 -6.45 -5.00
CA ARG A 75 1.21 -7.68 -4.56
C ARG A 75 2.38 -8.05 -5.47
N GLU A 76 2.21 -7.85 -6.77
CA GLU A 76 3.26 -8.18 -7.73
C GLU A 76 4.47 -7.28 -7.52
N ILE A 77 4.21 -6.03 -7.13
CA ILE A 77 5.27 -5.07 -6.88
C ILE A 77 6.03 -5.44 -5.61
N VAL A 78 5.28 -5.81 -4.57
CA VAL A 78 5.88 -6.19 -3.29
C VAL A 78 6.58 -7.55 -3.42
N SER A 79 6.23 -8.31 -4.45
CA SER A 79 6.85 -9.60 -4.70
C SER A 79 8.11 -9.43 -5.53
N GLN A 80 8.48 -8.18 -5.79
CA GLN A 80 9.67 -7.88 -6.56
C GLN A 80 10.73 -7.26 -5.67
N THR A 81 11.99 -7.33 -6.10
CA THR A 81 13.08 -6.78 -5.32
C THR A 81 13.42 -5.36 -5.78
N GLY A 82 13.32 -4.41 -4.86
CA GLY A 82 13.64 -3.03 -5.19
C GLY A 82 12.93 -2.06 -4.27
N PRO A 83 13.30 -0.77 -4.32
CA PRO A 83 12.69 0.26 -3.48
C PRO A 83 11.27 0.59 -3.94
N ILE A 84 10.32 0.49 -3.02
CA ILE A 84 8.92 0.77 -3.33
C ILE A 84 8.53 2.17 -2.87
N SER A 85 8.15 3.01 -3.83
CA SER A 85 7.73 4.38 -3.53
C SER A 85 6.23 4.43 -3.30
N LEU A 86 5.82 4.50 -2.03
CA LEU A 86 4.41 4.52 -1.68
C LEU A 86 3.88 5.95 -1.56
N THR A 87 2.85 6.26 -2.33
CA THR A 87 2.22 7.57 -2.28
C THR A 87 0.86 7.42 -1.59
N VAL A 88 0.82 7.77 -0.31
CA VAL A 88 -0.40 7.64 0.48
C VAL A 88 -1.07 8.98 0.72
N ALA A 89 -2.37 8.92 0.97
CA ALA A 89 -3.17 10.12 1.24
C ALA A 89 -3.65 10.07 2.68
N LYS A 90 -3.12 10.97 3.48
CA LYS A 90 -3.48 11.06 4.89
C LYS A 90 -4.47 12.19 5.12
C1 PHQ B 1 -4.15 -8.18 1.27
O1 PHQ B 1 -4.31 -7.42 2.23
O2 PHQ B 1 -5.19 -8.27 0.17
C2 PHQ B 1 -6.37 -7.35 0.45
C3 PHQ B 1 -7.41 -7.33 -0.65
C4 PHQ B 1 -7.34 -8.27 -1.70
C5 PHQ B 1 -8.13 -8.08 -2.85
C6 PHQ B 1 -9.08 -7.05 -2.89
C7 PHQ B 1 -9.24 -6.20 -1.78
C8 PHQ B 1 -8.44 -6.37 -0.63
H21 PHQ B 1 -5.99 -6.33 0.59
H22 PHQ B 1 -6.85 -7.67 1.38
H41 PHQ B 1 -6.70 -9.13 -1.62
H51 PHQ B 1 -8.00 -8.73 -3.69
H61 PHQ B 1 -9.70 -6.91 -3.77
H71 PHQ B 1 -9.97 -5.40 -1.80
H81 PHQ B 1 -8.61 -5.78 0.26
N TRP B 2 -3.06 -8.93 1.20
CA TRP B 2 -2.01 -8.89 2.21
C TRP B 2 -0.64 -8.90 1.57
N VAL B 3 0.23 -8.02 2.03
CA VAL B 3 1.59 -7.95 1.53
C VAL B 3 2.53 -7.47 2.63
N ASN A 1 -2.73 15.27 2.78
CA ASN A 1 -1.27 15.24 2.57
C ASN A 1 -0.85 14.00 1.81
N ILE A 2 -0.06 14.18 0.76
CA ILE A 2 0.41 13.06 -0.03
C ILE A 2 1.89 12.82 0.27
N ILE A 3 2.18 11.73 0.94
CA ILE A 3 3.55 11.40 1.29
C ILE A 3 4.01 10.15 0.56
N THR A 4 5.15 10.25 -0.11
CA THR A 4 5.71 9.14 -0.85
C THR A 4 6.90 8.55 -0.08
N VAL A 5 6.67 7.41 0.55
CA VAL A 5 7.72 6.77 1.33
C VAL A 5 8.40 5.66 0.55
N THR A 6 9.71 5.52 0.75
CA THR A 6 10.47 4.48 0.08
C THR A 6 10.98 3.50 1.13
N LEU A 7 10.49 2.27 1.07
CA LEU A 7 10.86 1.26 2.04
C LEU A 7 11.99 0.37 1.52
N ASN A 8 12.75 -0.18 2.45
CA ASN A 8 13.86 -1.06 2.13
C ASN A 8 13.40 -2.51 2.13
N MET A 9 13.58 -3.19 1.00
CA MET A 9 13.15 -4.58 0.88
C MET A 9 14.34 -5.54 0.99
N GLU A 10 15.40 -5.11 1.66
CA GLU A 10 16.58 -5.94 1.84
C GLU A 10 16.56 -6.56 3.23
N ARG A 11 16.26 -5.72 4.23
CA ARG A 11 16.19 -6.18 5.62
C ARG A 11 14.76 -6.57 5.97
N HIS A 12 13.91 -6.67 4.95
CA HIS A 12 12.53 -7.04 5.14
C HIS A 12 12.13 -8.07 4.09
N HIS A 13 11.12 -8.87 4.38
CA HIS A 13 10.67 -9.89 3.45
C HIS A 13 9.28 -9.55 2.90
N PHE A 14 8.62 -8.58 3.52
CA PHE A 14 7.29 -8.18 3.11
C PHE A 14 6.98 -6.75 3.54
N LEU A 15 5.84 -6.24 3.09
CA LEU A 15 5.41 -4.89 3.43
C LEU A 15 4.89 -4.88 4.86
N GLY A 16 3.98 -5.80 5.15
CA GLY A 16 3.41 -5.91 6.47
C GLY A 16 2.19 -5.05 6.66
N ILE A 17 1.32 -5.01 5.66
CA ILE A 17 0.11 -4.22 5.74
C ILE A 17 -1.10 -4.98 5.21
N SER A 18 -2.24 -4.72 5.82
CA SER A 18 -3.49 -5.33 5.42
C SER A 18 -4.24 -4.37 4.51
N ILE A 19 -4.43 -4.75 3.27
CA ILE A 19 -5.12 -3.89 2.32
C ILE A 19 -6.63 -4.09 2.43
N VAL A 20 -7.35 -3.00 2.62
CA VAL A 20 -8.79 -3.05 2.73
C VAL A 20 -9.45 -2.30 1.58
N GLY A 21 -10.18 -3.04 0.76
CA GLY A 21 -10.85 -2.43 -0.38
C GLY A 21 -12.27 -2.04 -0.04
N GLN A 22 -12.53 -0.75 -0.04
CA GLN A 22 -13.87 -0.23 0.28
C GLN A 22 -14.78 -0.38 -0.94
N SER A 23 -15.79 -1.21 -0.80
CA SER A 23 -16.75 -1.43 -1.87
C SER A 23 -18.15 -1.04 -1.42
N ASN A 24 -18.60 0.13 -1.84
CA ASN A 24 -19.92 0.61 -1.48
C ASN A 24 -20.96 0.12 -2.49
N ASP A 25 -21.99 0.92 -2.74
CA ASP A 25 -23.04 0.57 -3.69
C ASP A 25 -22.46 0.42 -5.10
N ARG A 26 -21.52 1.28 -5.45
CA ARG A 26 -20.90 1.22 -6.76
C ARG A 26 -19.68 0.29 -6.70
N GLY A 27 -18.79 0.55 -5.75
CA GLY A 27 -17.61 -0.29 -5.61
C GLY A 27 -16.31 0.49 -5.64
N ASP A 28 -16.36 1.71 -6.16
CA ASP A 28 -15.17 2.55 -6.25
C ASP A 28 -14.94 3.33 -4.96
N GLY A 29 -14.49 2.62 -3.94
CA GLY A 29 -14.21 3.25 -2.66
C GLY A 29 -12.74 3.49 -2.44
N GLY A 30 -11.92 2.58 -2.96
CA GLY A 30 -10.48 2.72 -2.83
C GLY A 30 -9.91 1.73 -1.82
N ILE A 31 -8.60 1.58 -1.84
CA ILE A 31 -7.93 0.66 -0.93
C ILE A 31 -7.27 1.44 0.23
N TYR A 32 -7.56 1.00 1.44
CA TYR A 32 -7.02 1.64 2.63
C TYR A 32 -6.16 0.68 3.43
N ILE A 33 -5.36 1.23 4.34
CA ILE A 33 -4.51 0.42 5.19
C ILE A 33 -5.30 -0.03 6.42
N GLY A 34 -5.58 -1.32 6.49
CA GLY A 34 -6.34 -1.84 7.61
C GLY A 34 -5.53 -1.91 8.88
N SER A 35 -4.35 -2.52 8.81
CA SER A 35 -3.48 -2.67 9.96
C SER A 35 -2.04 -2.85 9.53
N ILE A 36 -1.12 -2.65 10.46
CA ILE A 36 0.30 -2.81 10.18
C ILE A 36 0.86 -3.99 10.96
N MET A 37 1.65 -4.82 10.30
CA MET A 37 2.25 -5.98 10.93
C MET A 37 3.66 -5.67 11.39
N LYS A 38 3.95 -5.95 12.65
CA LYS A 38 5.27 -5.69 13.22
C LYS A 38 6.32 -6.54 12.51
N GLY A 39 7.41 -5.91 12.12
CA GLY A 39 8.48 -6.61 11.43
C GLY A 39 8.44 -6.36 9.93
N GLY A 40 7.40 -5.69 9.47
CA GLY A 40 7.27 -5.39 8.07
C GLY A 40 8.02 -4.13 7.66
N ALA A 41 8.10 -3.89 6.36
CA ALA A 41 8.79 -2.72 5.83
C ALA A 41 8.07 -1.44 6.25
N VAL A 42 6.74 -1.50 6.30
CA VAL A 42 5.93 -0.35 6.68
C VAL A 42 6.08 -0.05 8.17
N ALA A 43 6.21 -1.11 8.97
CA ALA A 43 6.35 -0.98 10.41
C ALA A 43 7.67 -0.33 10.78
N ALA A 44 8.65 -0.44 9.89
CA ALA A 44 9.96 0.14 10.11
C ALA A 44 9.95 1.65 9.82
N ASP A 45 8.92 2.09 9.12
CA ASP A 45 8.80 3.50 8.77
C ASP A 45 8.03 4.26 9.85
N GLY A 46 6.71 4.09 9.87
CA GLY A 46 5.90 4.75 10.88
C GLY A 46 5.00 5.84 10.34
N ARG A 47 5.29 6.35 9.14
CA ARG A 47 4.49 7.42 8.55
C ARG A 47 3.10 6.92 8.16
N ILE A 48 3.05 5.71 7.62
CA ILE A 48 1.78 5.11 7.22
C ILE A 48 1.07 4.53 8.43
N GLU A 49 -0.23 4.75 8.52
CA GLU A 49 -1.02 4.27 9.64
C GLU A 49 -2.36 3.72 9.15
N PRO A 50 -3.02 2.85 9.96
CA PRO A 50 -4.33 2.30 9.60
C PRO A 50 -5.35 3.38 9.30
N GLY A 51 -5.86 3.39 8.09
CA GLY A 51 -6.81 4.39 7.68
C GLY A 51 -6.32 5.17 6.47
N ASP A 52 -5.01 5.12 6.24
CA ASP A 52 -4.40 5.81 5.11
C ASP A 52 -4.87 5.20 3.80
N MET A 53 -5.02 6.03 2.78
CA MET A 53 -5.48 5.57 1.48
C MET A 53 -4.29 5.43 0.52
N LEU A 54 -4.24 4.32 -0.19
CA LEU A 54 -3.16 4.06 -1.14
C LEU A 54 -3.52 4.62 -2.50
N LEU A 55 -2.60 5.38 -3.08
CA LEU A 55 -2.82 5.97 -4.39
C LEU A 55 -1.92 5.34 -5.44
N GLN A 56 -0.66 5.73 -5.42
CA GLN A 56 0.32 5.23 -6.37
C GLN A 56 1.41 4.42 -5.69
N VAL A 57 1.81 3.34 -6.33
CA VAL A 57 2.86 2.48 -5.80
C VAL A 57 3.85 2.15 -6.91
N ASN A 58 4.97 2.83 -6.91
CA ASN A 58 6.02 2.64 -7.92
C ASN A 58 5.51 2.98 -9.33
N ASP A 59 5.26 4.27 -9.54
CA ASP A 59 4.80 4.82 -10.83
C ASP A 59 3.33 4.52 -11.12
N VAL A 60 2.92 3.25 -11.02
CA VAL A 60 1.55 2.89 -11.31
C VAL A 60 0.58 3.46 -10.28
N ASN A 61 -0.48 4.09 -10.77
CA ASN A 61 -1.49 4.71 -9.91
C ASN A 61 -2.75 3.84 -9.92
N PHE A 62 -3.33 3.62 -8.75
CA PHE A 62 -4.53 2.79 -8.64
C PHE A 62 -5.79 3.63 -8.38
N GLU A 63 -5.67 4.93 -8.53
CA GLU A 63 -6.80 5.84 -8.29
C GLU A 63 -7.97 5.55 -9.23
N ASN A 64 -7.67 5.10 -10.45
CA ASN A 64 -8.72 4.80 -11.42
C ASN A 64 -8.80 3.31 -11.70
N MET A 65 -8.49 2.51 -10.70
CA MET A 65 -8.53 1.06 -10.83
C MET A 65 -9.45 0.46 -9.78
N SER A 66 -9.83 -0.80 -9.99
CA SER A 66 -10.72 -1.49 -9.06
C SER A 66 -9.95 -1.88 -7.81
N ASN A 67 -10.68 -2.06 -6.70
CA ASN A 67 -10.07 -2.44 -5.43
C ASN A 67 -9.24 -3.72 -5.60
N ASP A 68 -9.79 -4.66 -6.37
CA ASP A 68 -9.13 -5.94 -6.61
C ASP A 68 -7.88 -5.75 -7.46
N ASP A 69 -8.03 -5.07 -8.59
CA ASP A 69 -6.91 -4.84 -9.50
C ASP A 69 -5.79 -4.06 -8.83
N ALA A 70 -6.16 -3.11 -7.98
CA ALA A 70 -5.19 -2.29 -7.27
C ALA A 70 -4.25 -3.14 -6.44
N VAL A 71 -4.81 -4.05 -5.65
CA VAL A 71 -4.01 -4.92 -4.80
C VAL A 71 -3.28 -5.98 -5.64
N ARG A 72 -3.92 -6.41 -6.74
CA ARG A 72 -3.31 -7.40 -7.62
C ARG A 72 -1.94 -6.92 -8.09
N VAL A 73 -1.87 -5.66 -8.51
CA VAL A 73 -0.62 -5.08 -8.96
C VAL A 73 0.30 -4.81 -7.77
N LEU A 74 -0.29 -4.37 -6.66
CA LEU A 74 0.47 -4.09 -5.45
C LEU A 74 1.28 -5.30 -5.03
N ARG A 75 0.62 -6.45 -4.95
CA ARG A 75 1.27 -7.69 -4.56
C ARG A 75 2.38 -8.05 -5.55
N GLU A 76 2.15 -7.78 -6.83
CA GLU A 76 3.14 -8.05 -7.85
C GLU A 76 4.42 -7.27 -7.58
N ILE A 77 4.25 -5.99 -7.29
CA ILE A 77 5.38 -5.11 -6.99
C ILE A 77 6.09 -5.55 -5.71
N VAL A 78 5.32 -5.92 -4.70
CA VAL A 78 5.88 -6.36 -3.42
C VAL A 78 6.67 -7.67 -3.59
N SER A 79 6.44 -8.35 -4.71
CA SER A 79 7.14 -9.60 -4.99
C SER A 79 8.44 -9.34 -5.75
N GLN A 80 8.73 -8.07 -6.01
CA GLN A 80 9.93 -7.71 -6.73
C GLN A 80 10.99 -7.16 -5.77
N THR A 81 12.25 -7.40 -6.09
CA THR A 81 13.34 -6.93 -5.24
C THR A 81 13.78 -5.53 -5.65
N GLY A 82 13.38 -4.54 -4.85
CA GLY A 82 13.76 -3.17 -5.14
C GLY A 82 13.13 -2.20 -4.16
N PRO A 83 13.32 -0.88 -4.37
CA PRO A 83 12.77 0.15 -3.51
C PRO A 83 11.29 0.42 -3.80
N ILE A 84 10.44 0.06 -2.86
CA ILE A 84 9.00 0.27 -3.02
C ILE A 84 8.62 1.69 -2.59
N SER A 85 8.04 2.43 -3.52
CA SER A 85 7.62 3.80 -3.25
C SER A 85 6.11 3.86 -3.05
N LEU A 86 5.71 3.99 -1.79
CA LEU A 86 4.30 4.03 -1.45
C LEU A 86 3.81 5.48 -1.36
N THR A 87 2.96 5.86 -2.29
CA THR A 87 2.38 7.19 -2.31
C THR A 87 1.01 7.14 -1.64
N VAL A 88 0.96 7.50 -0.38
CA VAL A 88 -0.28 7.46 0.39
C VAL A 88 -0.93 8.83 0.52
N ALA A 89 -2.23 8.82 0.69
CA ALA A 89 -3.00 10.04 0.87
C ALA A 89 -3.53 10.11 2.29
N LYS A 90 -3.00 11.03 3.06
CA LYS A 90 -3.41 11.19 4.44
C LYS A 90 -4.24 12.47 4.60
C1 PHQ B 1 -4.14 -8.12 1.18
O1 PHQ B 1 -4.32 -7.35 2.13
O2 PHQ B 1 -5.14 -8.16 0.03
C2 PHQ B 1 -6.38 -7.34 0.37
C3 PHQ B 1 -7.37 -7.21 -0.76
C4 PHQ B 1 -8.44 -6.30 -0.65
C5 PHQ B 1 -9.22 -6.01 -1.77
C6 PHQ B 1 -9.04 -6.73 -2.97
C7 PHQ B 1 -8.04 -7.72 -3.03
C8 PHQ B 1 -7.24 -7.99 -1.91
H21 PHQ B 1 -6.06 -6.33 0.67
H22 PHQ B 1 -6.88 -7.80 1.23
H41 PHQ B 1 -8.66 -5.83 0.29
H51 PHQ B 1 -9.97 -5.23 -1.73
H61 PHQ B 1 -9.66 -6.53 -3.82
H71 PHQ B 1 -7.90 -8.29 -3.94
H81 PHQ B 1 -6.51 -8.79 -1.94
N TRP B 2 -3.08 -8.90 1.16
CA TRP B 2 -2.10 -8.89 2.24
C TRP B 2 -0.68 -8.95 1.68
N VAL B 3 0.15 -8.01 2.10
CA VAL B 3 1.55 -7.97 1.68
C VAL B 3 2.39 -7.32 2.75
N ASN A 1 -2.46 15.37 3.12
CA ASN A 1 -0.98 15.34 3.12
C ASN A 1 -0.49 14.10 2.38
N ILE A 2 -0.01 14.31 1.17
CA ILE A 2 0.49 13.22 0.35
C ILE A 2 1.97 12.99 0.61
N ILE A 3 2.30 11.83 1.15
CA ILE A 3 3.69 11.50 1.46
C ILE A 3 4.14 10.25 0.71
N THR A 4 5.29 10.36 0.07
CA THR A 4 5.86 9.24 -0.67
C THR A 4 7.02 8.64 0.12
N VAL A 5 6.77 7.51 0.77
CA VAL A 5 7.79 6.86 1.59
C VAL A 5 8.60 5.87 0.76
N THR A 6 9.84 5.65 1.17
CA THR A 6 10.73 4.71 0.50
C THR A 6 11.02 3.54 1.44
N LEU A 7 10.76 2.33 0.97
CA LEU A 7 10.98 1.16 1.79
C LEU A 7 12.07 0.26 1.21
N ASN A 8 12.94 -0.22 2.09
CA ASN A 8 14.04 -1.11 1.71
C ASN A 8 13.59 -2.56 1.81
N MET A 9 13.60 -3.24 0.66
CA MET A 9 13.17 -4.64 0.61
C MET A 9 14.36 -5.59 0.74
N GLU A 10 15.42 -5.13 1.39
CA GLU A 10 16.60 -5.95 1.60
C GLU A 10 16.58 -6.52 3.02
N ARG A 11 16.35 -5.65 3.99
CA ARG A 11 16.29 -6.05 5.38
C ARG A 11 14.91 -6.60 5.71
N HIS A 12 13.94 -6.24 4.87
CA HIS A 12 12.57 -6.70 5.05
C HIS A 12 12.12 -7.49 3.83
N HIS A 13 11.49 -8.62 4.08
CA HIS A 13 11.04 -9.49 2.99
C HIS A 13 9.59 -9.21 2.58
N PHE A 14 8.90 -8.38 3.34
CA PHE A 14 7.52 -8.06 3.02
C PHE A 14 7.14 -6.68 3.52
N LEU A 15 5.96 -6.21 3.12
CA LEU A 15 5.48 -4.89 3.51
C LEU A 15 4.93 -4.93 4.94
N GLY A 16 4.01 -5.84 5.18
CA GLY A 16 3.43 -5.99 6.50
C GLY A 16 2.19 -5.13 6.68
N ILE A 17 1.35 -5.07 5.68
CA ILE A 17 0.13 -4.27 5.74
C ILE A 17 -1.07 -5.03 5.20
N SER A 18 -2.23 -4.68 5.72
CA SER A 18 -3.49 -5.28 5.30
C SER A 18 -4.19 -4.33 4.34
N ILE A 19 -4.55 -4.80 3.17
CA ILE A 19 -5.21 -3.96 2.20
C ILE A 19 -6.72 -4.13 2.27
N VAL A 20 -7.41 -3.07 2.65
CA VAL A 20 -8.86 -3.11 2.77
C VAL A 20 -9.49 -2.24 1.69
N GLY A 21 -10.07 -2.90 0.69
CA GLY A 21 -10.71 -2.18 -0.40
C GLY A 21 -12.12 -1.78 -0.05
N GLN A 22 -12.39 -0.48 -0.08
CA GLN A 22 -13.71 0.04 0.22
C GLN A 22 -14.71 -0.45 -0.80
N SER A 23 -15.51 -1.43 -0.41
CA SER A 23 -16.51 -1.99 -1.31
C SER A 23 -17.91 -1.58 -0.87
N ASN A 24 -18.73 -1.18 -1.83
CA ASN A 24 -20.09 -0.73 -1.56
C ASN A 24 -20.94 -0.82 -2.82
N ASP A 25 -22.01 -0.05 -2.87
CA ASP A 25 -22.92 -0.02 -4.02
C ASP A 25 -22.19 0.29 -5.32
N ARG A 26 -21.27 1.25 -5.26
CA ARG A 26 -20.50 1.65 -6.43
C ARG A 26 -19.38 0.64 -6.71
N GLY A 27 -19.05 -0.15 -5.71
CA GLY A 27 -18.00 -1.14 -5.86
C GLY A 27 -16.63 -0.56 -5.57
N ASP A 28 -16.21 0.40 -6.38
CA ASP A 28 -14.92 1.03 -6.21
C ASP A 28 -15.00 2.16 -5.19
N GLY A 29 -13.88 2.41 -4.52
CA GLY A 29 -13.84 3.46 -3.53
C GLY A 29 -12.42 3.82 -3.14
N GLY A 30 -11.57 2.80 -3.03
CA GLY A 30 -10.19 3.03 -2.68
C GLY A 30 -9.67 1.96 -1.74
N ILE A 31 -8.35 1.79 -1.73
CA ILE A 31 -7.73 0.80 -0.87
C ILE A 31 -7.11 1.47 0.35
N TYR A 32 -7.59 1.09 1.53
CA TYR A 32 -7.10 1.65 2.77
C TYR A 32 -6.30 0.61 3.55
N ILE A 33 -5.34 1.09 4.33
CA ILE A 33 -4.51 0.21 5.14
C ILE A 33 -5.29 -0.25 6.36
N GLY A 34 -5.56 -1.55 6.44
CA GLY A 34 -6.29 -2.09 7.57
C GLY A 34 -5.49 -2.05 8.84
N SER A 35 -4.34 -2.71 8.83
CA SER A 35 -3.47 -2.75 9.99
C SER A 35 -2.03 -2.97 9.55
N ILE A 36 -1.09 -2.72 10.47
CA ILE A 36 0.33 -2.90 10.18
C ILE A 36 0.89 -4.02 11.03
N MET A 37 1.74 -4.85 10.44
CA MET A 37 2.35 -5.97 11.16
C MET A 37 3.78 -5.64 11.54
N LYS A 38 4.12 -5.91 12.80
CA LYS A 38 5.46 -5.65 13.31
C LYS A 38 6.46 -6.62 12.69
N GLY A 39 7.30 -6.10 11.81
CA GLY A 39 8.28 -6.93 11.15
C GLY A 39 8.36 -6.64 9.67
N GLY A 40 7.37 -5.90 9.18
CA GLY A 40 7.33 -5.55 7.79
C GLY A 40 8.08 -4.26 7.51
N ALA A 41 8.27 -3.93 6.24
CA ALA A 41 8.98 -2.72 5.86
C ALA A 41 8.21 -1.47 6.29
N VAL A 42 6.89 -1.53 6.22
CA VAL A 42 6.05 -0.41 6.59
C VAL A 42 6.16 -0.10 8.09
N ALA A 43 6.34 -1.14 8.88
CA ALA A 43 6.45 -1.00 10.33
C ALA A 43 7.78 -0.34 10.73
N ALA A 44 8.71 -0.31 9.79
CA ALA A 44 10.01 0.30 10.04
C ALA A 44 10.00 1.78 9.73
N ASP A 45 9.03 2.21 8.93
CA ASP A 45 8.91 3.61 8.55
C ASP A 45 8.25 4.41 9.68
N GLY A 46 6.96 4.22 9.85
CA GLY A 46 6.25 4.93 10.91
C GLY A 46 5.33 6.03 10.41
N ARG A 47 5.56 6.51 9.18
CA ARG A 47 4.72 7.58 8.64
C ARG A 47 3.35 7.04 8.24
N ILE A 48 3.31 5.82 7.75
CA ILE A 48 2.06 5.20 7.35
C ILE A 48 1.38 4.60 8.58
N GLU A 49 0.07 4.78 8.67
CA GLU A 49 -0.69 4.26 9.79
C GLU A 49 -1.98 3.61 9.29
N PRO A 50 -2.58 2.71 10.11
CA PRO A 50 -3.83 2.03 9.75
C PRO A 50 -4.93 3.03 9.43
N GLY A 51 -5.35 3.08 8.18
CA GLY A 51 -6.38 3.99 7.76
C GLY A 51 -5.97 4.78 6.54
N ASP A 52 -4.66 4.85 6.30
CA ASP A 52 -4.14 5.58 5.15
C ASP A 52 -4.57 4.93 3.85
N MET A 53 -4.77 5.73 2.81
CA MET A 53 -5.18 5.23 1.51
C MET A 53 -4.01 5.28 0.54
N LEU A 54 -3.79 4.19 -0.18
CA LEU A 54 -2.71 4.11 -1.15
C LEU A 54 -3.15 4.70 -2.48
N LEU A 55 -2.35 5.59 -3.02
CA LEU A 55 -2.64 6.21 -4.30
C LEU A 55 -1.76 5.62 -5.40
N GLN A 56 -0.52 6.05 -5.42
CA GLN A 56 0.43 5.59 -6.41
C GLN A 56 1.52 4.74 -5.76
N VAL A 57 1.74 3.57 -6.32
CA VAL A 57 2.75 2.66 -5.79
C VAL A 57 3.77 2.33 -6.87
N ASN A 58 4.89 3.04 -6.83
CA ASN A 58 5.97 2.85 -7.81
C ASN A 58 5.48 3.04 -9.24
N ASP A 59 5.31 4.32 -9.62
CA ASP A 59 4.89 4.71 -10.97
C ASP A 59 3.40 4.50 -11.24
N VAL A 60 2.92 3.28 -11.01
CA VAL A 60 1.50 2.98 -11.27
C VAL A 60 0.57 3.57 -10.21
N ASN A 61 -0.49 4.22 -10.68
CA ASN A 61 -1.48 4.82 -9.79
C ASN A 61 -2.74 3.97 -9.78
N PHE A 62 -3.26 3.69 -8.60
CA PHE A 62 -4.45 2.86 -8.46
C PHE A 62 -5.72 3.70 -8.25
N GLU A 63 -5.56 5.02 -8.31
CA GLU A 63 -6.70 5.92 -8.11
C GLU A 63 -7.76 5.72 -9.19
N ASN A 64 -7.36 5.17 -10.33
CA ASN A 64 -8.29 4.93 -11.42
C ASN A 64 -8.40 3.44 -11.73
N MET A 65 -8.38 2.63 -10.68
CA MET A 65 -8.47 1.18 -10.84
C MET A 65 -9.37 0.60 -9.77
N SER A 66 -9.89 -0.60 -10.02
CA SER A 66 -10.78 -1.27 -9.08
C SER A 66 -9.99 -1.76 -7.86
N ASN A 67 -10.69 -1.95 -6.75
CA ASN A 67 -10.06 -2.41 -5.50
C ASN A 67 -9.28 -3.71 -5.73
N ASP A 68 -9.92 -4.66 -6.39
CA ASP A 68 -9.32 -5.97 -6.66
C ASP A 68 -8.05 -5.83 -7.48
N ASP A 69 -8.14 -5.09 -8.58
CA ASP A 69 -7.00 -4.88 -9.47
C ASP A 69 -5.89 -4.10 -8.79
N ALA A 70 -6.27 -3.19 -7.90
CA ALA A 70 -5.30 -2.37 -7.18
C ALA A 70 -4.37 -3.24 -6.34
N VAL A 71 -4.94 -4.17 -5.58
CA VAL A 71 -4.13 -5.05 -4.73
C VAL A 71 -3.35 -6.05 -5.57
N ARG A 72 -3.94 -6.45 -6.71
CA ARG A 72 -3.29 -7.41 -7.60
C ARG A 72 -1.91 -6.91 -8.02
N VAL A 73 -1.87 -5.69 -8.57
CA VAL A 73 -0.61 -5.11 -9.01
C VAL A 73 0.29 -4.82 -7.81
N LEU A 74 -0.31 -4.41 -6.70
CA LEU A 74 0.43 -4.11 -5.48
C LEU A 74 1.27 -5.30 -5.04
N ARG A 75 0.63 -6.47 -4.97
CA ARG A 75 1.29 -7.68 -4.54
C ARG A 75 2.39 -8.09 -5.52
N GLU A 76 2.19 -7.77 -6.80
CA GLU A 76 3.18 -8.08 -7.81
C GLU A 76 4.45 -7.27 -7.58
N ILE A 77 4.27 -5.98 -7.31
CA ILE A 77 5.38 -5.08 -7.05
C ILE A 77 6.09 -5.44 -5.76
N VAL A 78 5.32 -5.76 -4.72
CA VAL A 78 5.89 -6.12 -3.42
C VAL A 78 6.65 -7.44 -3.51
N SER A 79 6.37 -8.23 -4.54
CA SER A 79 7.06 -9.50 -4.73
C SER A 79 8.36 -9.30 -5.52
N GLN A 80 8.57 -8.08 -5.98
CA GLN A 80 9.75 -7.74 -6.76
C GLN A 80 10.82 -7.12 -5.86
N THR A 81 12.05 -7.60 -6.01
CA THR A 81 13.15 -7.07 -5.22
C THR A 81 13.56 -5.69 -5.72
N GLY A 82 13.68 -4.74 -4.80
CA GLY A 82 14.08 -3.41 -5.17
C GLY A 82 13.44 -2.35 -4.29
N PRO A 83 13.64 -1.06 -4.60
CA PRO A 83 13.07 0.03 -3.84
C PRO A 83 11.58 0.27 -4.17
N ILE A 84 10.75 0.29 -3.14
CA ILE A 84 9.32 0.51 -3.33
C ILE A 84 8.89 1.83 -2.67
N SER A 85 8.28 2.68 -3.47
CA SER A 85 7.82 3.96 -2.99
C SER A 85 6.30 3.95 -2.84
N LEU A 86 5.83 4.13 -1.62
CA LEU A 86 4.39 4.13 -1.34
C LEU A 86 3.88 5.55 -1.17
N THR A 87 2.93 5.93 -2.01
CA THR A 87 2.33 7.24 -1.93
C THR A 87 0.98 7.13 -1.22
N VAL A 88 0.93 7.56 0.03
CA VAL A 88 -0.28 7.48 0.82
C VAL A 88 -0.93 8.85 1.02
N ALA A 89 -2.26 8.85 1.03
CA ALA A 89 -3.02 10.08 1.24
C ALA A 89 -3.36 10.22 2.72
N LYS A 90 -2.51 10.92 3.44
CA LYS A 90 -2.70 11.11 4.87
C LYS A 90 -3.52 12.35 5.16
C1 PHQ B 1 -4.19 -8.32 1.30
O1 PHQ B 1 -4.41 -7.51 2.21
O2 PHQ B 1 -5.20 -8.52 0.18
C2 PHQ B 1 -6.33 -7.51 0.28
C3 PHQ B 1 -7.45 -7.73 -0.72
C4 PHQ B 1 -7.45 -8.87 -1.54
C5 PHQ B 1 -8.36 -8.97 -2.61
C6 PHQ B 1 -9.32 -7.96 -2.79
C7 PHQ B 1 -9.38 -6.87 -1.92
C8 PHQ B 1 -8.49 -6.79 -0.83
H21 PHQ B 1 -5.91 -6.51 0.12
H22 PHQ B 1 -6.76 -7.56 1.29
H41 PHQ B 1 -6.75 -9.68 -1.36
H51 PHQ B 1 -8.33 -9.82 -3.28
H61 PHQ B 1 -10.01 -8.02 -3.64
H71 PHQ B 1 -10.12 -6.09 -2.05
H81 PHQ B 1 -8.59 -6.01 -0.10
N TRP B 2 -3.07 -9.02 1.31
CA TRP B 2 -2.07 -8.88 2.37
C TRP B 2 -0.67 -8.96 1.78
N VAL B 3 0.18 -8.02 2.14
CA VAL B 3 1.56 -7.99 1.66
C VAL B 3 2.47 -7.40 2.72
N ASN A 1 -3.58 15.29 3.54
CA ASN A 1 -2.10 15.42 3.54
C ASN A 1 -1.47 14.23 2.82
N ILE A 2 -1.13 14.44 1.55
CA ILE A 2 -0.52 13.39 0.74
C ILE A 2 0.96 13.25 1.08
N ILE A 3 1.35 12.05 1.50
CA ILE A 3 2.74 11.78 1.87
C ILE A 3 3.28 10.56 1.14
N THR A 4 4.42 10.73 0.47
CA THR A 4 5.06 9.64 -0.23
C THR A 4 6.25 9.15 0.58
N VAL A 5 6.20 7.89 1.00
CA VAL A 5 7.28 7.32 1.80
C VAL A 5 8.04 6.25 1.03
N THR A 6 9.35 6.21 1.25
CA THR A 6 10.18 5.21 0.61
C THR A 6 10.46 4.11 1.63
N LEU A 7 10.40 2.86 1.21
CA LEU A 7 10.64 1.76 2.12
C LEU A 7 11.84 0.92 1.69
N ASN A 8 12.71 0.66 2.64
CA ASN A 8 13.91 -0.14 2.39
C ASN A 8 13.57 -1.62 2.39
N MET A 9 13.59 -2.22 1.21
CA MET A 9 13.27 -3.64 1.06
C MET A 9 14.54 -4.48 1.05
N GLU A 10 15.66 -3.87 1.46
CA GLU A 10 16.92 -4.57 1.50
C GLU A 10 17.06 -5.32 2.82
N ARG A 11 16.63 -4.68 3.90
CA ARG A 11 16.68 -5.28 5.23
C ARG A 11 15.33 -5.94 5.55
N HIS A 12 14.32 -5.58 4.78
CA HIS A 12 12.98 -6.14 4.96
C HIS A 12 12.65 -7.08 3.82
N HIS A 13 11.66 -7.94 4.04
CA HIS A 13 11.28 -8.90 3.00
C HIS A 13 9.79 -8.79 2.66
N PHE A 14 9.10 -7.88 3.33
CA PHE A 14 7.68 -7.69 3.09
C PHE A 14 7.22 -6.33 3.58
N LEU A 15 6.04 -5.91 3.13
CA LEU A 15 5.48 -4.62 3.51
C LEU A 15 4.90 -4.71 4.91
N GLY A 16 4.10 -5.74 5.13
CA GLY A 16 3.49 -5.94 6.43
C GLY A 16 2.26 -5.08 6.63
N ILE A 17 1.35 -5.13 5.68
CA ILE A 17 0.13 -4.34 5.77
C ILE A 17 -1.06 -5.07 5.14
N SER A 18 -2.23 -4.83 5.72
CA SER A 18 -3.47 -5.42 5.24
C SER A 18 -4.18 -4.39 4.37
N ILE A 19 -4.42 -4.73 3.11
CA ILE A 19 -5.08 -3.80 2.22
C ILE A 19 -6.60 -3.95 2.30
N VAL A 20 -7.30 -2.86 2.53
CA VAL A 20 -8.74 -2.88 2.63
C VAL A 20 -9.38 -2.26 1.39
N GLY A 21 -10.10 -3.06 0.64
CA GLY A 21 -10.76 -2.57 -0.55
C GLY A 21 -12.21 -2.25 -0.27
N GLN A 22 -12.54 -0.97 -0.31
CA GLN A 22 -13.91 -0.54 -0.05
C GLN A 22 -14.79 -0.80 -1.27
N SER A 23 -15.51 -1.90 -1.25
CA SER A 23 -16.38 -2.28 -2.35
C SER A 23 -17.82 -1.86 -2.07
N ASN A 24 -18.13 -0.62 -2.45
CA ASN A 24 -19.46 -0.06 -2.26
C ASN A 24 -20.50 -0.73 -3.17
N ASP A 25 -20.31 -0.55 -4.46
CA ASP A 25 -21.21 -1.14 -5.45
C ASP A 25 -20.40 -1.76 -6.58
N ARG A 26 -19.68 -0.91 -7.30
CA ARG A 26 -18.87 -1.37 -8.42
C ARG A 26 -17.43 -1.59 -7.97
N GLY A 27 -17.08 -1.01 -6.83
CA GLY A 27 -15.74 -1.16 -6.31
C GLY A 27 -14.97 0.14 -6.34
N ASP A 28 -15.67 1.21 -6.70
CA ASP A 28 -15.05 2.54 -6.77
C ASP A 28 -15.03 3.18 -5.39
N GLY A 29 -14.22 2.62 -4.51
CA GLY A 29 -14.11 3.14 -3.16
C GLY A 29 -12.67 3.50 -2.81
N GLY A 30 -11.75 2.61 -3.15
CA GLY A 30 -10.36 2.85 -2.87
C GLY A 30 -9.77 1.83 -1.91
N ILE A 31 -8.46 1.73 -1.89
CA ILE A 31 -7.78 0.79 -1.00
C ILE A 31 -7.14 1.52 0.18
N TYR A 32 -7.52 1.12 1.37
CA TYR A 32 -7.02 1.72 2.59
C TYR A 32 -6.15 0.74 3.36
N ILE A 33 -5.31 1.26 4.24
CA ILE A 33 -4.46 0.43 5.07
C ILE A 33 -5.24 -0.05 6.29
N GLY A 34 -5.58 -1.33 6.30
CA GLY A 34 -6.34 -1.90 7.39
C GLY A 34 -5.56 -1.95 8.69
N SER A 35 -4.44 -2.64 8.65
CA SER A 35 -3.59 -2.78 9.84
C SER A 35 -2.13 -2.97 9.42
N ILE A 36 -1.22 -2.62 10.33
CA ILE A 36 0.20 -2.74 10.07
C ILE A 36 0.76 -3.90 10.89
N MET A 37 1.58 -4.72 10.25
CA MET A 37 2.19 -5.86 10.91
C MET A 37 3.59 -5.51 11.40
N LYS A 38 3.84 -5.71 12.69
CA LYS A 38 5.13 -5.41 13.29
C LYS A 38 6.21 -6.28 12.67
N GLY A 39 7.22 -5.65 12.07
CA GLY A 39 8.29 -6.38 11.44
C GLY A 39 8.35 -6.11 9.95
N GLY A 40 7.30 -5.48 9.44
CA GLY A 40 7.25 -5.15 8.03
C GLY A 40 7.96 -3.85 7.73
N ALA A 41 8.12 -3.55 6.45
CA ALA A 41 8.80 -2.32 6.03
C ALA A 41 8.03 -1.09 6.49
N VAL A 42 6.70 -1.19 6.49
CA VAL A 42 5.84 -0.07 6.90
C VAL A 42 5.96 0.17 8.41
N ALA A 43 6.13 -0.91 9.16
CA ALA A 43 6.25 -0.82 10.62
C ALA A 43 7.56 -0.18 11.05
N ALA A 44 8.49 -0.01 10.11
CA ALA A 44 9.78 0.59 10.40
C ALA A 44 9.77 2.08 10.05
N ASP A 45 8.69 2.54 9.45
CA ASP A 45 8.56 3.93 9.06
C ASP A 45 7.82 4.71 10.15
N GLY A 46 6.51 4.49 10.24
CA GLY A 46 5.72 5.17 11.26
C GLY A 46 4.83 6.28 10.72
N ARG A 47 5.03 6.68 9.47
CA ARG A 47 4.20 7.75 8.90
C ARG A 47 2.86 7.21 8.42
N ILE A 48 2.83 5.95 8.03
CA ILE A 48 1.61 5.32 7.57
C ILE A 48 0.86 4.71 8.75
N GLU A 49 -0.45 4.88 8.78
CA GLU A 49 -1.25 4.35 9.87
C GLU A 49 -2.53 3.72 9.32
N PRO A 50 -3.16 2.82 10.09
CA PRO A 50 -4.40 2.16 9.68
C PRO A 50 -5.51 3.18 9.40
N GLY A 51 -5.92 3.26 8.15
CA GLY A 51 -6.95 4.20 7.76
C GLY A 51 -6.53 5.04 6.57
N ASP A 52 -5.23 5.13 6.34
CA ASP A 52 -4.70 5.91 5.21
C ASP A 52 -5.01 5.21 3.89
N MET A 53 -5.21 6.00 2.85
CA MET A 53 -5.54 5.46 1.53
C MET A 53 -4.33 5.55 0.59
N LEU A 54 -4.14 4.50 -0.20
CA LEU A 54 -3.03 4.46 -1.15
C LEU A 54 -3.44 5.09 -2.48
N LEU A 55 -2.53 5.87 -3.05
CA LEU A 55 -2.78 6.55 -4.31
C LEU A 55 -1.85 6.03 -5.40
N GLN A 56 -0.57 6.33 -5.27
CA GLN A 56 0.42 5.89 -6.24
C GLN A 56 1.46 5.01 -5.57
N VAL A 57 1.78 3.89 -6.22
CA VAL A 57 2.76 2.95 -5.69
C VAL A 57 3.81 2.63 -6.73
N ASN A 58 5.05 3.00 -6.45
CA ASN A 58 6.18 2.75 -7.34
C ASN A 58 5.90 3.22 -8.77
N ASP A 59 5.37 4.44 -8.87
CA ASP A 59 5.04 5.09 -10.15
C ASP A 59 3.71 4.64 -10.75
N VAL A 60 3.12 3.55 -10.25
CA VAL A 60 1.85 3.10 -10.79
C VAL A 60 0.69 3.75 -10.02
N ASN A 61 -0.31 4.20 -10.75
CA ASN A 61 -1.47 4.86 -10.16
C ASN A 61 -2.64 3.91 -9.96
N PHE A 62 -3.26 3.96 -8.79
CA PHE A 62 -4.40 3.11 -8.48
C PHE A 62 -5.68 3.94 -8.33
N GLU A 63 -5.56 5.25 -8.49
CA GLU A 63 -6.69 6.16 -8.35
C GLU A 63 -7.82 5.84 -9.34
N ASN A 64 -7.47 5.21 -10.46
CA ASN A 64 -8.48 4.88 -11.47
C ASN A 64 -8.45 3.40 -11.81
N MET A 65 -8.57 2.55 -10.79
CA MET A 65 -8.57 1.12 -10.97
C MET A 65 -9.55 0.46 -10.00
N SER A 66 -9.83 -0.82 -10.19
CA SER A 66 -10.73 -1.54 -9.31
C SER A 66 -10.01 -1.94 -8.03
N ASN A 67 -10.76 -2.21 -6.97
CA ASN A 67 -10.17 -2.61 -5.69
C ASN A 67 -9.33 -3.86 -5.87
N ASP A 68 -9.85 -4.79 -6.63
CA ASP A 68 -9.17 -6.06 -6.90
C ASP A 68 -7.87 -5.83 -7.68
N ASP A 69 -7.99 -5.16 -8.82
CA ASP A 69 -6.84 -4.89 -9.69
C ASP A 69 -5.76 -4.10 -8.94
N ALA A 70 -6.20 -3.17 -8.10
CA ALA A 70 -5.29 -2.35 -7.33
C ALA A 70 -4.36 -3.18 -6.46
N VAL A 71 -4.93 -4.06 -5.65
CA VAL A 71 -4.13 -4.90 -4.76
C VAL A 71 -3.35 -5.93 -5.56
N ARG A 72 -3.90 -6.38 -6.69
CA ARG A 72 -3.24 -7.36 -7.54
C ARG A 72 -1.87 -6.84 -7.97
N VAL A 73 -1.84 -5.62 -8.48
CA VAL A 73 -0.60 -5.00 -8.92
C VAL A 73 0.31 -4.74 -7.72
N LEU A 74 -0.31 -4.29 -6.62
CA LEU A 74 0.43 -4.01 -5.39
C LEU A 74 1.22 -5.23 -4.93
N ARG A 75 0.53 -6.35 -4.82
CA ARG A 75 1.14 -7.59 -4.39
C ARG A 75 2.22 -8.04 -5.36
N GLU A 76 1.99 -7.80 -6.64
CA GLU A 76 2.96 -8.17 -7.67
C GLU A 76 4.24 -7.37 -7.47
N ILE A 77 4.11 -6.06 -7.25
CA ILE A 77 5.26 -5.19 -7.05
C ILE A 77 6.01 -5.56 -5.77
N VAL A 78 5.27 -5.84 -4.70
CA VAL A 78 5.87 -6.20 -3.42
C VAL A 78 6.58 -7.57 -3.51
N SER A 79 6.26 -8.33 -4.55
CA SER A 79 6.88 -9.64 -4.74
C SER A 79 8.20 -9.51 -5.51
N GLN A 80 8.59 -8.27 -5.80
CA GLN A 80 9.83 -8.01 -6.53
C GLN A 80 10.88 -7.44 -5.59
N THR A 81 12.11 -7.32 -6.08
CA THR A 81 13.21 -6.80 -5.29
C THR A 81 13.48 -5.33 -5.62
N GLY A 82 13.74 -4.54 -4.58
CA GLY A 82 14.02 -3.13 -4.80
C GLY A 82 13.22 -2.24 -3.86
N PRO A 83 13.54 -0.94 -3.81
CA PRO A 83 12.84 0.02 -2.96
C PRO A 83 11.42 0.29 -3.44
N ILE A 84 10.49 0.40 -2.51
CA ILE A 84 9.09 0.64 -2.86
C ILE A 84 8.65 2.01 -2.35
N SER A 85 8.08 2.80 -3.25
CA SER A 85 7.58 4.13 -2.90
C SER A 85 6.07 4.09 -2.74
N LEU A 86 5.59 4.44 -1.56
CA LEU A 86 4.16 4.44 -1.27
C LEU A 86 3.62 5.83 -1.06
N THR A 87 2.69 6.24 -1.90
CA THR A 87 2.08 7.55 -1.79
C THR A 87 0.69 7.40 -1.17
N VAL A 88 0.54 7.86 0.07
CA VAL A 88 -0.73 7.73 0.77
C VAL A 88 -1.37 9.09 1.02
N ALA A 89 -2.68 9.06 1.17
CA ALA A 89 -3.46 10.26 1.43
C ALA A 89 -3.94 10.24 2.87
N LYS A 90 -3.28 11.03 3.71
CA LYS A 90 -3.63 11.09 5.11
C LYS A 90 -4.69 12.16 5.35
C1 PHQ B 1 -4.13 -8.31 1.30
O1 PHQ B 1 -4.35 -7.64 2.31
O2 PHQ B 1 -5.17 -8.37 0.18
C2 PHQ B 1 -6.15 -7.21 0.28
C3 PHQ B 1 -7.35 -7.32 -0.62
C4 PHQ B 1 -7.34 -8.16 -1.75
C5 PHQ B 1 -8.30 -7.98 -2.76
C6 PHQ B 1 -9.37 -7.08 -2.57
C7 PHQ B 1 -9.48 -6.39 -1.35
C8 PHQ B 1 -8.52 -6.59 -0.34
H21 PHQ B 1 -5.62 -6.29 0.02
H22 PHQ B 1 -6.49 -7.13 1.31
H41 PHQ B 1 -6.58 -8.92 -1.85
H51 PHQ B 1 -8.22 -8.53 -3.68
H61 PHQ B 1 -10.10 -6.93 -3.34
H71 PHQ B 1 -10.29 -5.70 -1.18
H81 PHQ B 1 -8.68 -6.18 0.65
N TRP B 2 -3.00 -8.99 1.18
CA TRP B 2 -1.97 -8.96 2.22
C TRP B 2 -0.58 -8.93 1.61
N VAL B 3 0.27 -8.05 2.14
CA VAL B 3 1.66 -7.94 1.69
C VAL B 3 2.52 -7.44 2.82
N ASN A 1 -3.08 15.49 2.47
CA ASN A 1 -1.62 15.38 2.56
C ASN A 1 -1.14 14.15 1.81
N ILE A 2 -0.08 14.30 1.01
CA ILE A 2 0.46 13.19 0.26
C ILE A 2 1.93 12.98 0.60
N ILE A 3 2.31 11.75 0.91
CA ILE A 3 3.68 11.43 1.26
C ILE A 3 4.17 10.22 0.46
N THR A 4 5.29 10.40 -0.24
CA THR A 4 5.89 9.33 -1.01
C THR A 4 7.21 8.92 -0.36
N VAL A 5 7.25 7.72 0.19
CA VAL A 5 8.46 7.23 0.85
C VAL A 5 8.93 5.92 0.24
N THR A 6 10.23 5.67 0.35
CA THR A 6 10.81 4.45 -0.18
C THR A 6 11.14 3.51 0.97
N LEU A 7 10.78 2.25 0.83
CA LEU A 7 11.03 1.27 1.88
C LEU A 7 12.12 0.30 1.46
N ASN A 8 13.07 0.07 2.35
CA ASN A 8 14.18 -0.85 2.09
C ASN A 8 13.66 -2.28 2.13
N MET A 9 13.71 -2.95 1.00
CA MET A 9 13.25 -4.33 0.91
C MET A 9 14.40 -5.32 1.04
N GLU A 10 15.50 -4.86 1.63
CA GLU A 10 16.67 -5.70 1.84
C GLU A 10 16.60 -6.33 3.22
N ARG A 11 16.37 -5.49 4.23
CA ARG A 11 16.28 -5.96 5.60
C ARG A 11 14.87 -6.49 5.90
N HIS A 12 13.93 -6.13 5.04
CA HIS A 12 12.54 -6.55 5.21
C HIS A 12 12.12 -7.35 3.99
N HIS A 13 11.45 -8.47 4.20
CA HIS A 13 11.02 -9.31 3.09
C HIS A 13 9.53 -9.13 2.76
N PHE A 14 8.89 -8.17 3.42
CA PHE A 14 7.47 -7.93 3.19
C PHE A 14 7.08 -6.53 3.65
N LEU A 15 5.91 -6.08 3.23
CA LEU A 15 5.42 -4.76 3.59
C LEU A 15 4.87 -4.78 5.01
N GLY A 16 3.97 -5.72 5.27
CA GLY A 16 3.40 -5.86 6.58
C GLY A 16 2.15 -5.04 6.75
N ILE A 17 1.28 -5.04 5.75
CA ILE A 17 0.05 -4.28 5.82
C ILE A 17 -1.10 -5.01 5.14
N SER A 18 -2.30 -4.76 5.65
CA SER A 18 -3.51 -5.36 5.11
C SER A 18 -4.19 -4.35 4.19
N ILE A 19 -4.57 -4.78 3.01
CA ILE A 19 -5.21 -3.89 2.06
C ILE A 19 -6.72 -4.01 2.14
N VAL A 20 -7.34 -3.02 2.75
CA VAL A 20 -8.80 -3.02 2.90
C VAL A 20 -9.43 -2.26 1.75
N GLY A 21 -10.09 -3.00 0.86
CA GLY A 21 -10.74 -2.40 -0.29
C GLY A 21 -12.20 -2.12 -0.03
N GLN A 22 -12.53 -0.84 0.15
CA GLN A 22 -13.91 -0.46 0.42
C GLN A 22 -14.80 -0.75 -0.80
N SER A 23 -15.58 -1.81 -0.68
CA SER A 23 -16.46 -2.23 -1.76
C SER A 23 -17.92 -2.03 -1.36
N ASN A 24 -18.50 -0.93 -1.82
CA ASN A 24 -19.90 -0.63 -1.52
C ASN A 24 -20.73 -0.77 -2.79
N ASP A 25 -21.88 -0.10 -2.82
CA ASP A 25 -22.79 -0.14 -3.98
C ASP A 25 -22.08 0.27 -5.27
N ARG A 26 -21.19 1.25 -5.18
CA ARG A 26 -20.44 1.71 -6.32
C ARG A 26 -19.15 0.91 -6.47
N GLY A 27 -18.49 0.65 -5.35
CA GLY A 27 -17.26 -0.13 -5.37
C GLY A 27 -16.00 0.73 -5.51
N ASP A 28 -16.19 2.00 -5.84
CA ASP A 28 -15.05 2.92 -6.01
C ASP A 28 -14.60 3.50 -4.66
N GLY A 29 -14.59 2.65 -3.65
CA GLY A 29 -14.18 3.08 -2.33
C GLY A 29 -12.69 3.28 -2.20
N GLY A 30 -11.92 2.43 -2.86
CA GLY A 30 -10.48 2.54 -2.80
C GLY A 30 -9.88 1.59 -1.78
N ILE A 31 -8.56 1.52 -1.76
CA ILE A 31 -7.86 0.64 -0.84
C ILE A 31 -7.20 1.43 0.28
N TYR A 32 -7.45 1.00 1.51
CA TYR A 32 -6.90 1.66 2.69
C TYR A 32 -6.03 0.70 3.48
N ILE A 33 -5.17 1.25 4.31
CA ILE A 33 -4.30 0.45 5.16
C ILE A 33 -5.09 -0.04 6.37
N GLY A 34 -5.25 -1.35 6.48
CA GLY A 34 -5.98 -1.92 7.58
C GLY A 34 -5.19 -1.90 8.87
N SER A 35 -4.21 -2.79 8.97
CA SER A 35 -3.36 -2.90 10.14
C SER A 35 -1.90 -3.06 9.73
N ILE A 36 -1.00 -2.61 10.59
CA ILE A 36 0.42 -2.70 10.31
C ILE A 36 1.06 -3.82 11.14
N MET A 37 1.78 -4.69 10.47
CA MET A 37 2.44 -5.81 11.13
C MET A 37 3.89 -5.48 11.47
N LYS A 38 4.25 -5.67 12.73
CA LYS A 38 5.61 -5.39 13.17
C LYS A 38 6.60 -6.32 12.48
N GLY A 39 7.63 -5.75 11.88
CA GLY A 39 8.62 -6.53 11.18
C GLY A 39 8.62 -6.22 9.71
N GLY A 40 7.51 -5.68 9.23
CA GLY A 40 7.39 -5.32 7.84
C GLY A 40 8.09 -4.02 7.52
N ALA A 41 8.28 -3.74 6.25
CA ALA A 41 8.94 -2.52 5.81
C ALA A 41 8.15 -1.28 6.22
N VAL A 42 6.84 -1.40 6.27
CA VAL A 42 5.97 -0.29 6.66
C VAL A 42 6.14 0.05 8.14
N ALA A 43 6.24 -0.99 8.97
CA ALA A 43 6.39 -0.81 10.40
C ALA A 43 7.77 -0.23 10.74
N ALA A 44 8.66 -0.25 9.76
CA ALA A 44 10.01 0.27 9.94
C ALA A 44 10.06 1.77 9.65
N ASP A 45 8.99 2.30 9.09
CA ASP A 45 8.93 3.73 8.78
C ASP A 45 8.21 4.49 9.88
N GLY A 46 6.91 4.28 10.01
CA GLY A 46 6.15 4.94 11.05
C GLY A 46 5.24 6.07 10.58
N ARG A 47 5.39 6.52 9.35
CA ARG A 47 4.55 7.61 8.84
C ARG A 47 3.20 7.08 8.39
N ILE A 48 3.20 5.87 7.87
CA ILE A 48 1.96 5.24 7.41
C ILE A 48 1.21 4.66 8.61
N GLU A 49 -0.10 4.83 8.64
CA GLU A 49 -0.91 4.34 9.75
C GLU A 49 -2.24 3.77 9.24
N PRO A 50 -2.91 2.96 10.07
CA PRO A 50 -4.21 2.39 9.71
C PRO A 50 -5.23 3.48 9.37
N GLY A 51 -5.71 3.46 8.13
CA GLY A 51 -6.67 4.45 7.71
C GLY A 51 -6.21 5.18 6.47
N ASP A 52 -4.89 5.25 6.28
CA ASP A 52 -4.31 5.93 5.12
C ASP A 52 -4.74 5.24 3.83
N MET A 53 -4.92 6.04 2.78
CA MET A 53 -5.34 5.50 1.50
C MET A 53 -4.16 5.43 0.54
N LEU A 54 -4.05 4.32 -0.18
CA LEU A 54 -2.97 4.13 -1.13
C LEU A 54 -3.38 4.69 -2.49
N LEU A 55 -2.60 5.63 -2.99
CA LEU A 55 -2.90 6.23 -4.29
C LEU A 55 -2.01 5.62 -5.35
N GLN A 56 -0.72 5.90 -5.26
CA GLN A 56 0.24 5.40 -6.23
C GLN A 56 1.31 4.57 -5.54
N VAL A 57 1.64 3.45 -6.13
CA VAL A 57 2.67 2.56 -5.60
C VAL A 57 3.67 2.25 -6.70
N ASN A 58 4.86 2.82 -6.59
CA ASN A 58 5.91 2.60 -7.58
C ASN A 58 5.45 3.02 -8.97
N ASP A 59 5.16 4.31 -9.12
CA ASP A 59 4.75 4.92 -10.40
C ASP A 59 3.29 4.62 -10.78
N VAL A 60 2.84 3.38 -10.63
CA VAL A 60 1.47 3.04 -11.01
C VAL A 60 0.46 3.64 -10.03
N ASN A 61 -0.59 4.27 -10.57
CA ASN A 61 -1.62 4.90 -9.77
C ASN A 61 -2.89 4.06 -9.77
N PHE A 62 -3.42 3.77 -8.58
CA PHE A 62 -4.62 2.96 -8.44
C PHE A 62 -5.86 3.82 -8.18
N GLU A 63 -5.67 5.13 -8.18
CA GLU A 63 -6.75 6.09 -7.93
C GLU A 63 -8.01 5.81 -8.77
N ASN A 64 -7.80 5.47 -10.04
CA ASN A 64 -8.90 5.22 -10.94
C ASN A 64 -8.95 3.75 -11.36
N MET A 65 -8.69 2.86 -10.42
CA MET A 65 -8.71 1.44 -10.70
C MET A 65 -9.70 0.72 -9.80
N SER A 66 -9.81 -0.59 -9.96
CA SER A 66 -10.72 -1.38 -9.16
C SER A 66 -10.01 -1.86 -7.90
N ASN A 67 -10.78 -2.16 -6.86
CA ASN A 67 -10.22 -2.62 -5.59
C ASN A 67 -9.40 -3.89 -5.78
N ASP A 68 -9.92 -4.78 -6.61
CA ASP A 68 -9.26 -6.05 -6.89
C ASP A 68 -7.94 -5.86 -7.63
N ASP A 69 -7.98 -5.10 -8.73
CA ASP A 69 -6.80 -4.87 -9.55
C ASP A 69 -5.75 -4.05 -8.80
N ALA A 70 -6.19 -3.17 -7.92
CA ALA A 70 -5.28 -2.34 -7.15
C ALA A 70 -4.33 -3.21 -6.32
N VAL A 71 -4.88 -4.17 -5.61
CA VAL A 71 -4.07 -5.06 -4.79
C VAL A 71 -3.30 -6.05 -5.66
N ARG A 72 -3.88 -6.42 -6.80
CA ARG A 72 -3.23 -7.35 -7.74
C ARG A 72 -1.85 -6.83 -8.12
N VAL A 73 -1.81 -5.57 -8.57
CA VAL A 73 -0.56 -4.95 -8.96
C VAL A 73 0.34 -4.70 -7.75
N LEU A 74 -0.28 -4.28 -6.64
CA LEU A 74 0.44 -4.01 -5.41
C LEU A 74 1.24 -5.24 -4.96
N ARG A 75 0.55 -6.37 -4.88
CA ARG A 75 1.18 -7.60 -4.44
C ARG A 75 2.28 -8.02 -5.40
N GLU A 76 2.05 -7.82 -6.70
CA GLU A 76 3.04 -8.16 -7.71
C GLU A 76 4.32 -7.35 -7.49
N ILE A 77 4.17 -6.06 -7.25
CA ILE A 77 5.31 -5.18 -7.01
C ILE A 77 6.07 -5.61 -5.76
N VAL A 78 5.32 -5.95 -4.71
CA VAL A 78 5.93 -6.37 -3.46
C VAL A 78 6.56 -7.77 -3.60
N SER A 79 6.29 -8.44 -4.71
CA SER A 79 6.84 -9.76 -4.96
C SER A 79 8.18 -9.65 -5.69
N GLN A 80 8.51 -8.45 -6.13
CA GLN A 80 9.77 -8.22 -6.84
C GLN A 80 10.81 -7.59 -5.92
N THR A 81 12.08 -7.71 -6.28
CA THR A 81 13.15 -7.16 -5.48
C THR A 81 13.51 -5.74 -5.94
N GLY A 82 13.31 -4.77 -5.07
CA GLY A 82 13.63 -3.40 -5.41
C GLY A 82 13.02 -2.42 -4.42
N PRO A 83 13.40 -1.14 -4.48
CA PRO A 83 12.87 -0.12 -3.58
C PRO A 83 11.41 0.23 -3.91
N ILE A 84 10.54 -0.01 -2.95
CA ILE A 84 9.13 0.27 -3.14
C ILE A 84 8.77 1.67 -2.67
N SER A 85 8.28 2.49 -3.59
CA SER A 85 7.89 3.85 -3.28
C SER A 85 6.38 3.91 -3.05
N LEU A 86 6.00 4.18 -1.81
CA LEU A 86 4.59 4.25 -1.45
C LEU A 86 4.09 5.70 -1.35
N THR A 87 3.09 6.01 -2.16
CA THR A 87 2.48 7.33 -2.14
C THR A 87 1.11 7.23 -1.47
N VAL A 88 1.06 7.63 -0.20
CA VAL A 88 -0.16 7.54 0.57
C VAL A 88 -0.85 8.89 0.70
N ALA A 89 -2.16 8.84 0.95
CA ALA A 89 -2.96 10.03 1.13
C ALA A 89 -3.44 10.10 2.56
N LYS A 90 -2.96 11.10 3.28
CA LYS A 90 -3.31 11.29 4.67
C LYS A 90 -4.14 12.56 4.83
C1 PHQ B 1 -4.16 -8.37 1.34
O1 PHQ B 1 -4.40 -7.58 2.25
O2 PHQ B 1 -5.21 -8.66 0.27
C2 PHQ B 1 -6.17 -7.48 0.11
C3 PHQ B 1 -7.28 -7.73 -0.88
C4 PHQ B 1 -8.47 -6.99 -0.80
C5 PHQ B 1 -9.38 -7.00 -1.88
C6 PHQ B 1 -9.16 -7.88 -2.96
C7 PHQ B 1 -8.04 -8.72 -2.97
C8 PHQ B 1 -7.14 -8.70 -1.88
H21 PHQ B 1 -5.60 -6.62 -0.22
H22 PHQ B 1 -6.61 -7.25 1.08
H41 PHQ B 1 -8.68 -6.40 0.09
H51 PHQ B 1 -10.24 -6.35 -1.88
H61 PHQ B 1 -9.85 -7.90 -3.79
H71 PHQ B 1 -7.87 -9.40 -3.80
H81 PHQ B 1 -6.33 -9.42 -1.84
N TRP B 2 -2.99 -8.99 1.28
CA TRP B 2 -1.94 -8.77 2.28
C TRP B 2 -0.57 -8.78 1.61
N VAL B 3 0.33 -7.92 2.06
CA VAL B 3 1.68 -7.87 1.56
C VAL B 3 2.63 -7.46 2.65
N ASN A 1 -4.11 14.77 3.35
CA ASN A 1 -2.65 15.01 3.34
C ASN A 1 -1.94 13.82 2.70
N ILE A 2 -1.36 14.05 1.52
CA ILE A 2 -0.67 12.98 0.81
C ILE A 2 0.82 12.97 1.14
N ILE A 3 1.30 11.83 1.58
CA ILE A 3 2.71 11.67 1.94
C ILE A 3 3.35 10.57 1.10
N THR A 4 4.51 10.86 0.54
CA THR A 4 5.23 9.89 -0.27
C THR A 4 6.44 9.38 0.50
N VAL A 5 6.39 8.12 0.92
CA VAL A 5 7.49 7.53 1.67
C VAL A 5 8.13 6.39 0.91
N THR A 6 9.40 6.14 1.18
CA THR A 6 10.12 5.06 0.53
C THR A 6 10.56 4.07 1.59
N LEU A 7 10.30 2.80 1.36
CA LEU A 7 10.67 1.76 2.32
C LEU A 7 11.85 0.94 1.86
N ASN A 8 12.72 0.61 2.79
CA ASN A 8 13.91 -0.18 2.52
C ASN A 8 13.56 -1.66 2.53
N MET A 9 13.79 -2.32 1.41
CA MET A 9 13.49 -3.75 1.28
C MET A 9 14.74 -4.59 1.42
N GLU A 10 15.80 -4.00 1.97
CA GLU A 10 17.05 -4.72 2.17
C GLU A 10 17.04 -5.43 3.52
N ARG A 11 16.69 -4.67 4.56
CA ARG A 11 16.62 -5.24 5.90
C ARG A 11 15.19 -5.69 6.19
N HIS A 12 14.37 -5.73 5.15
CA HIS A 12 12.99 -6.15 5.26
C HIS A 12 12.69 -7.14 4.14
N HIS A 13 11.64 -7.94 4.31
CA HIS A 13 11.30 -8.92 3.29
C HIS A 13 9.82 -8.82 2.91
N PHE A 14 9.10 -7.89 3.51
CA PHE A 14 7.68 -7.72 3.22
C PHE A 14 7.20 -6.36 3.71
N LEU A 15 6.02 -5.96 3.24
CA LEU A 15 5.45 -4.69 3.62
C LEU A 15 4.90 -4.77 5.04
N GLY A 16 4.03 -5.75 5.26
CA GLY A 16 3.45 -5.95 6.57
C GLY A 16 2.19 -5.13 6.77
N ILE A 17 1.33 -5.12 5.77
CA ILE A 17 0.08 -4.36 5.85
C ILE A 17 -1.07 -5.08 5.18
N SER A 18 -2.27 -4.83 5.69
CA SER A 18 -3.48 -5.41 5.13
C SER A 18 -4.17 -4.38 4.26
N ILE A 19 -4.57 -4.78 3.07
CA ILE A 19 -5.23 -3.86 2.17
C ILE A 19 -6.75 -4.05 2.23
N VAL A 20 -7.45 -3.01 2.64
CA VAL A 20 -8.89 -3.06 2.74
C VAL A 20 -9.55 -2.27 1.62
N GLY A 21 -10.11 -2.97 0.65
CA GLY A 21 -10.76 -2.33 -0.46
C GLY A 21 -12.21 -2.01 -0.15
N GLN A 22 -12.54 -0.72 -0.17
CA GLN A 22 -13.91 -0.27 0.12
C GLN A 22 -14.87 -0.78 -0.96
N SER A 23 -15.56 -1.86 -0.66
CA SER A 23 -16.49 -2.47 -1.59
C SER A 23 -17.92 -2.00 -1.33
N ASN A 24 -18.27 -0.85 -1.91
CA ASN A 24 -19.60 -0.28 -1.74
C ASN A 24 -20.49 -0.66 -2.92
N ASP A 25 -21.70 -0.14 -2.94
CA ASP A 25 -22.65 -0.41 -4.01
C ASP A 25 -22.14 0.19 -5.32
N ARG A 26 -21.26 1.17 -5.19
CA ARG A 26 -20.67 1.84 -6.35
C ARG A 26 -19.52 1.01 -6.91
N GLY A 27 -19.14 -0.04 -6.19
CA GLY A 27 -18.05 -0.88 -6.64
C GLY A 27 -16.71 -0.39 -6.12
N ASP A 28 -16.15 0.59 -6.80
CA ASP A 28 -14.87 1.16 -6.41
C ASP A 28 -15.04 2.13 -5.26
N GLY A 29 -13.97 2.32 -4.49
CA GLY A 29 -14.03 3.22 -3.36
C GLY A 29 -12.64 3.61 -2.89
N GLY A 30 -11.70 2.68 -2.99
CA GLY A 30 -10.34 2.94 -2.58
C GLY A 30 -9.80 1.86 -1.67
N ILE A 31 -8.49 1.74 -1.62
CA ILE A 31 -7.85 0.74 -0.78
C ILE A 31 -7.19 1.41 0.42
N TYR A 32 -7.67 1.05 1.60
CA TYR A 32 -7.15 1.63 2.84
C TYR A 32 -6.34 0.61 3.62
N ILE A 33 -5.37 1.09 4.38
CA ILE A 33 -4.53 0.23 5.19
C ILE A 33 -5.31 -0.28 6.40
N GLY A 34 -5.48 -1.60 6.47
CA GLY A 34 -6.21 -2.20 7.57
C GLY A 34 -5.43 -2.16 8.86
N SER A 35 -4.31 -2.86 8.88
CA SER A 35 -3.46 -2.91 10.06
C SER A 35 -2.01 -3.10 9.64
N ILE A 36 -1.08 -2.78 10.54
CA ILE A 36 0.34 -2.90 10.26
C ILE A 36 0.97 -4.00 11.10
N MET A 37 1.69 -4.89 10.44
CA MET A 37 2.36 -6.00 11.10
C MET A 37 3.75 -5.56 11.56
N LYS A 38 3.97 -5.63 12.87
CA LYS A 38 5.26 -5.25 13.43
C LYS A 38 6.36 -6.17 12.91
N GLY A 39 7.31 -5.58 12.21
CA GLY A 39 8.40 -6.36 11.63
C GLY A 39 8.53 -6.11 10.15
N GLY A 40 7.45 -5.58 9.56
CA GLY A 40 7.45 -5.29 8.15
C GLY A 40 8.10 -3.96 7.84
N ALA A 41 8.24 -3.65 6.55
CA ALA A 41 8.86 -2.40 6.14
C ALA A 41 8.04 -1.20 6.59
N VAL A 42 6.72 -1.33 6.55
CA VAL A 42 5.82 -0.25 6.94
C VAL A 42 5.91 0.03 8.44
N ALA A 43 6.07 -1.03 9.23
CA ALA A 43 6.15 -0.92 10.68
C ALA A 43 7.41 -0.19 11.12
N ALA A 44 8.42 -0.16 10.25
CA ALA A 44 9.68 0.50 10.56
C ALA A 44 9.64 1.98 10.20
N ASP A 45 8.63 2.35 9.41
CA ASP A 45 8.49 3.74 9.00
C ASP A 45 7.82 4.56 10.10
N GLY A 46 6.52 4.38 10.27
CA GLY A 46 5.81 5.09 11.32
C GLY A 46 4.89 6.19 10.82
N ARG A 47 4.97 6.54 9.53
CA ARG A 47 4.12 7.59 8.99
C ARG A 47 2.80 7.02 8.51
N ILE A 48 2.85 5.80 7.97
CA ILE A 48 1.67 5.12 7.50
C ILE A 48 0.95 4.47 8.67
N GLU A 49 -0.37 4.57 8.70
CA GLU A 49 -1.16 4.00 9.78
C GLU A 49 -2.49 3.46 9.24
N PRO A 50 -3.17 2.60 10.02
CA PRO A 50 -4.47 2.03 9.64
C PRO A 50 -5.48 3.12 9.32
N GLY A 51 -5.93 3.16 8.08
CA GLY A 51 -6.87 4.17 7.66
C GLY A 51 -6.36 4.94 6.47
N ASP A 52 -5.04 4.96 6.31
CA ASP A 52 -4.41 5.64 5.19
C ASP A 52 -4.79 4.96 3.88
N MET A 53 -5.13 5.75 2.88
CA MET A 53 -5.53 5.19 1.60
C MET A 53 -4.35 5.20 0.62
N LEU A 54 -4.12 4.06 -0.01
CA LEU A 54 -3.03 3.93 -0.98
C LEU A 54 -3.45 4.51 -2.32
N LEU A 55 -2.66 5.43 -2.84
CA LEU A 55 -2.96 6.04 -4.13
C LEU A 55 -2.03 5.51 -5.20
N GLN A 56 -0.78 5.91 -5.14
CA GLN A 56 0.22 5.49 -6.11
C GLN A 56 1.33 4.67 -5.45
N VAL A 57 1.67 3.56 -6.07
CA VAL A 57 2.72 2.68 -5.56
C VAL A 57 3.73 2.39 -6.65
N ASN A 58 4.89 3.05 -6.55
CA ASN A 58 5.97 2.86 -7.52
C ASN A 58 5.53 3.24 -8.94
N ASP A 59 5.30 4.54 -9.14
CA ASP A 59 4.90 5.10 -10.45
C ASP A 59 3.46 4.82 -10.84
N VAL A 60 2.99 3.59 -10.66
CA VAL A 60 1.62 3.24 -11.04
C VAL A 60 0.60 3.77 -10.02
N ASN A 61 -0.38 4.48 -10.53
CA ASN A 61 -1.43 5.06 -9.70
C ASN A 61 -2.66 4.16 -9.71
N PHE A 62 -3.19 3.86 -8.53
CA PHE A 62 -4.36 2.98 -8.43
C PHE A 62 -5.65 3.79 -8.20
N GLU A 63 -5.52 5.11 -8.19
CA GLU A 63 -6.67 5.99 -7.97
C GLU A 63 -7.77 5.77 -9.01
N ASN A 64 -7.39 5.32 -10.19
CA ASN A 64 -8.35 5.11 -11.27
C ASN A 64 -8.57 3.62 -11.55
N MET A 65 -8.22 2.78 -10.58
CA MET A 65 -8.37 1.34 -10.76
C MET A 65 -9.33 0.77 -9.72
N SER A 66 -9.75 -0.47 -9.95
CA SER A 66 -10.68 -1.15 -9.05
C SER A 66 -9.96 -1.59 -7.78
N ASN A 67 -10.73 -1.89 -6.73
CA ASN A 67 -10.15 -2.32 -5.46
C ASN A 67 -9.35 -3.61 -5.64
N ASP A 68 -9.93 -4.55 -6.39
CA ASP A 68 -9.29 -5.83 -6.63
C ASP A 68 -7.98 -5.66 -7.41
N ASP A 69 -8.07 -5.03 -8.57
CA ASP A 69 -6.92 -4.82 -9.44
C ASP A 69 -5.81 -4.04 -8.75
N ALA A 70 -6.19 -3.08 -7.92
CA ALA A 70 -5.21 -2.25 -7.20
C ALA A 70 -4.28 -3.11 -6.36
N VAL A 71 -4.85 -4.04 -5.60
CA VAL A 71 -4.05 -4.92 -4.75
C VAL A 71 -3.31 -5.97 -5.56
N ARG A 72 -3.91 -6.38 -6.68
CA ARG A 72 -3.29 -7.36 -7.57
C ARG A 72 -1.92 -6.87 -8.02
N VAL A 73 -1.86 -5.62 -8.44
CA VAL A 73 -0.61 -5.02 -8.90
C VAL A 73 0.32 -4.79 -7.70
N LEU A 74 -0.27 -4.39 -6.59
CA LEU A 74 0.49 -4.12 -5.37
C LEU A 74 1.25 -5.37 -4.93
N ARG A 75 0.54 -6.48 -4.83
CA ARG A 75 1.15 -7.74 -4.42
C ARG A 75 2.23 -8.17 -5.40
N GLU A 76 2.04 -7.82 -6.67
CA GLU A 76 3.02 -8.15 -7.70
C GLU A 76 4.30 -7.35 -7.47
N ILE A 77 4.14 -6.03 -7.31
CA ILE A 77 5.27 -5.14 -7.08
C ILE A 77 6.04 -5.52 -5.82
N VAL A 78 5.32 -5.84 -4.76
CA VAL A 78 5.93 -6.21 -3.49
C VAL A 78 6.64 -7.57 -3.59
N SER A 79 6.36 -8.31 -4.65
CA SER A 79 6.98 -9.61 -4.85
C SER A 79 8.31 -9.46 -5.60
N GLN A 80 8.60 -8.24 -6.04
CA GLN A 80 9.83 -7.95 -6.76
C GLN A 80 10.89 -7.41 -5.80
N THR A 81 12.13 -7.86 -5.99
CA THR A 81 13.23 -7.44 -5.14
C THR A 81 13.70 -6.04 -5.50
N GLY A 82 13.13 -5.03 -4.85
CA GLY A 82 13.53 -3.66 -5.10
C GLY A 82 12.89 -2.70 -4.13
N PRO A 83 13.28 -1.42 -4.15
CA PRO A 83 12.72 -0.40 -3.25
C PRO A 83 11.28 -0.06 -3.62
N ILE A 84 10.46 0.20 -2.61
CA ILE A 84 9.06 0.53 -2.84
C ILE A 84 8.70 1.88 -2.24
N SER A 85 8.15 2.75 -3.08
CA SER A 85 7.73 4.07 -2.65
C SER A 85 6.20 4.11 -2.59
N LEU A 86 5.67 4.40 -1.41
CA LEU A 86 4.22 4.43 -1.22
C LEU A 86 3.70 5.85 -1.09
N THR A 87 2.68 6.16 -1.87
CA THR A 87 2.04 7.46 -1.84
C THR A 87 0.66 7.30 -1.21
N VAL A 88 0.56 7.58 0.07
CA VAL A 88 -0.70 7.43 0.78
C VAL A 88 -1.40 8.76 1.02
N ALA A 89 -2.71 8.69 1.13
CA ALA A 89 -3.54 9.86 1.38
C ALA A 89 -4.14 9.78 2.77
N LYS A 90 -3.62 10.59 3.67
CA LYS A 90 -4.10 10.60 5.04
C LYS A 90 -5.22 11.61 5.20
C1 PHQ B 1 -4.10 -8.26 1.26
O1 PHQ B 1 -4.34 -7.50 2.21
O2 PHQ B 1 -5.14 -8.47 0.17
C2 PHQ B 1 -6.19 -7.37 0.20
C3 PHQ B 1 -7.28 -7.52 -0.85
C4 PHQ B 1 -7.19 -8.52 -1.82
C5 PHQ B 1 -8.07 -8.52 -2.92
C6 PHQ B 1 -9.09 -7.55 -2.99
C7 PHQ B 1 -9.24 -6.61 -1.96
C8 PHQ B 1 -8.38 -6.64 -0.85
H21 PHQ B 1 -5.69 -6.41 0.04
H22 PHQ B 1 -6.66 -7.36 1.18
H41 PHQ B 1 -6.44 -9.30 -1.73
H51 PHQ B 1 -7.96 -9.25 -3.70
H61 PHQ B 1 -9.75 -7.53 -3.84
H71 PHQ B 1 -10.03 -5.88 -2.02
H81 PHQ B 1 -8.56 -6.00 0.00
N TRP B 2 -2.94 -8.89 1.20
CA TRP B 2 -1.90 -8.73 2.21
C TRP B 2 -0.52 -8.73 1.57
N VAL B 3 0.38 -7.89 2.05
CA VAL B 3 1.74 -7.85 1.53
C VAL B 3 2.71 -7.44 2.62
N ASN A 1 -3.30 15.12 2.68
CA ASN A 1 -1.83 15.31 2.55
C ASN A 1 -1.21 14.14 1.80
N ILE A 2 -0.48 14.42 0.74
CA ILE A 2 0.17 13.40 -0.05
C ILE A 2 1.58 13.13 0.46
N ILE A 3 1.77 11.95 1.04
CA ILE A 3 3.07 11.56 1.58
C ILE A 3 3.64 10.42 0.77
N THR A 4 4.91 10.54 0.39
CA THR A 4 5.58 9.51 -0.38
C THR A 4 6.81 9.00 0.35
N VAL A 5 6.71 7.81 0.92
CA VAL A 5 7.81 7.22 1.67
C VAL A 5 8.48 6.11 0.87
N THR A 6 9.72 5.81 1.21
CA THR A 6 10.46 4.76 0.54
C THR A 6 10.64 3.58 1.50
N LEU A 7 10.17 2.42 1.08
CA LEU A 7 10.27 1.23 1.90
C LEU A 7 11.51 0.42 1.56
N ASN A 8 12.37 0.23 2.54
CA ASN A 8 13.60 -0.53 2.37
C ASN A 8 13.30 -2.03 2.39
N MET A 9 13.54 -2.68 1.26
CA MET A 9 13.29 -4.12 1.15
C MET A 9 14.57 -4.92 1.34
N GLU A 10 15.56 -4.29 1.96
CA GLU A 10 16.83 -4.95 2.21
C GLU A 10 16.77 -5.66 3.56
N ARG A 11 16.38 -4.92 4.58
CA ARG A 11 16.27 -5.47 5.93
C ARG A 11 14.85 -5.98 6.17
N HIS A 12 14.01 -5.89 5.14
CA HIS A 12 12.64 -6.34 5.24
C HIS A 12 12.31 -7.29 4.09
N HIS A 13 11.43 -8.23 4.35
CA HIS A 13 11.04 -9.20 3.34
C HIS A 13 9.60 -8.99 2.89
N PHE A 14 8.89 -8.11 3.57
CA PHE A 14 7.49 -7.84 3.24
C PHE A 14 7.08 -6.44 3.67
N LEU A 15 5.90 -6.02 3.23
CA LEU A 15 5.37 -4.70 3.56
C LEU A 15 4.85 -4.72 4.99
N GLY A 16 4.01 -5.70 5.28
CA GLY A 16 3.45 -5.83 6.61
C GLY A 16 2.16 -5.06 6.79
N ILE A 17 1.33 -5.05 5.77
CA ILE A 17 0.06 -4.32 5.83
C ILE A 17 -1.05 -5.08 5.13
N SER A 18 -2.26 -4.89 5.62
CA SER A 18 -3.43 -5.52 5.03
C SER A 18 -4.20 -4.46 4.26
N ILE A 19 -4.54 -4.76 3.02
CA ILE A 19 -5.26 -3.82 2.19
C ILE A 19 -6.76 -4.02 2.35
N VAL A 20 -7.46 -2.92 2.65
CA VAL A 20 -8.90 -2.97 2.83
C VAL A 20 -9.59 -2.12 1.76
N GLY A 21 -10.27 -2.79 0.84
CA GLY A 21 -10.95 -2.09 -0.22
C GLY A 21 -12.37 -1.73 0.17
N GLN A 22 -12.84 -0.59 -0.32
CA GLN A 22 -14.19 -0.12 -0.01
C GLN A 22 -15.23 -0.95 -0.77
N SER A 23 -16.04 -1.68 -0.04
CA SER A 23 -17.08 -2.51 -0.64
C SER A 23 -18.36 -1.70 -0.84
N ASN A 24 -18.48 -1.09 -2.01
CA ASN A 24 -19.65 -0.29 -2.34
C ASN A 24 -20.52 -1.04 -3.33
N ASP A 25 -21.36 -0.32 -4.06
CA ASP A 25 -22.24 -0.92 -5.06
C ASP A 25 -21.39 -1.55 -6.16
N ARG A 26 -20.26 -0.91 -6.44
CA ARG A 26 -19.34 -1.39 -7.47
C ARG A 26 -18.04 -1.87 -6.82
N GLY A 27 -17.45 -1.02 -5.99
CA GLY A 27 -16.21 -1.38 -5.33
C GLY A 27 -15.03 -0.61 -5.85
N ASP A 28 -15.17 0.71 -5.88
CA ASP A 28 -14.12 1.59 -6.38
C ASP A 28 -13.94 2.79 -5.46
N GLY A 29 -14.25 2.60 -4.19
CA GLY A 29 -14.11 3.67 -3.22
C GLY A 29 -12.66 3.91 -2.83
N GLY A 30 -11.80 2.97 -3.18
CA GLY A 30 -10.39 3.08 -2.87
C GLY A 30 -9.93 2.04 -1.88
N ILE A 31 -8.62 1.91 -1.75
CA ILE A 31 -8.05 0.94 -0.82
C ILE A 31 -7.38 1.65 0.35
N TYR A 32 -7.67 1.18 1.55
CA TYR A 32 -7.11 1.77 2.75
C TYR A 32 -6.27 0.76 3.52
N ILE A 33 -5.45 1.25 4.43
CA ILE A 33 -4.60 0.40 5.26
C ILE A 33 -5.39 -0.11 6.45
N GLY A 34 -5.52 -1.42 6.57
CA GLY A 34 -6.27 -2.01 7.66
C GLY A 34 -5.44 -2.16 8.92
N SER A 35 -4.44 -3.01 8.87
CA SER A 35 -3.58 -3.24 10.02
C SER A 35 -2.12 -3.33 9.60
N ILE A 36 -1.23 -2.99 10.53
CA ILE A 36 0.20 -3.03 10.27
C ILE A 36 0.84 -4.12 11.13
N MET A 37 1.70 -4.91 10.51
CA MET A 37 2.38 -5.99 11.19
C MET A 37 3.79 -5.57 11.61
N LYS A 38 4.10 -5.76 12.88
CA LYS A 38 5.40 -5.40 13.43
C LYS A 38 6.49 -6.23 12.75
N GLY A 39 7.41 -5.55 12.08
CA GLY A 39 8.48 -6.25 11.40
C GLY A 39 8.50 -5.96 9.91
N GLY A 40 7.39 -5.44 9.41
CA GLY A 40 7.29 -5.11 8.00
C GLY A 40 7.98 -3.80 7.68
N ALA A 41 8.15 -3.52 6.39
CA ALA A 41 8.80 -2.30 5.95
C ALA A 41 7.99 -1.07 6.34
N VAL A 42 6.68 -1.22 6.34
CA VAL A 42 5.78 -0.12 6.69
C VAL A 42 5.92 0.24 8.17
N ALA A 43 6.11 -0.76 9.01
CA ALA A 43 6.24 -0.55 10.45
C ALA A 43 7.57 0.14 10.80
N ALA A 44 8.49 0.14 9.86
CA ALA A 44 9.79 0.76 10.06
C ALA A 44 9.72 2.28 9.85
N ASP A 45 8.77 2.71 9.02
CA ASP A 45 8.61 4.13 8.75
C ASP A 45 7.85 4.79 9.89
N GLY A 46 6.56 4.51 9.97
CA GLY A 46 5.76 5.09 11.04
C GLY A 46 4.76 6.13 10.58
N ARG A 47 4.98 6.71 9.40
CA ARG A 47 4.08 7.73 8.89
C ARG A 47 2.79 7.11 8.37
N ILE A 48 2.87 5.84 7.99
CA ILE A 48 1.71 5.12 7.49
C ILE A 48 0.98 4.48 8.66
N GLU A 49 -0.32 4.69 8.73
CA GLU A 49 -1.13 4.13 9.81
C GLU A 49 -2.48 3.65 9.28
N PRO A 50 -3.19 2.80 10.05
CA PRO A 50 -4.51 2.30 9.64
C PRO A 50 -5.47 3.44 9.33
N GLY A 51 -6.10 3.37 8.19
CA GLY A 51 -7.03 4.41 7.79
C GLY A 51 -6.50 5.22 6.63
N ASP A 52 -5.18 5.13 6.39
CA ASP A 52 -4.56 5.84 5.28
C ASP A 52 -5.00 5.23 3.97
N MET A 53 -5.22 6.07 2.96
CA MET A 53 -5.65 5.61 1.66
C MET A 53 -4.47 5.52 0.69
N LEU A 54 -4.38 4.40 -0.01
CA LEU A 54 -3.31 4.19 -0.98
C LEU A 54 -3.72 4.72 -2.34
N LEU A 55 -2.87 5.52 -2.96
CA LEU A 55 -3.17 6.07 -4.26
C LEU A 55 -2.21 5.56 -5.32
N GLN A 56 -0.92 5.83 -5.13
CA GLN A 56 0.08 5.41 -6.10
C GLN A 56 1.21 4.63 -5.41
N VAL A 57 1.61 3.53 -6.03
CA VAL A 57 2.66 2.68 -5.48
C VAL A 57 3.76 2.48 -6.51
N ASN A 58 4.76 3.34 -6.48
CA ASN A 58 5.89 3.29 -7.41
C ASN A 58 5.42 3.42 -8.86
N ASP A 59 5.16 4.66 -9.25
CA ASP A 59 4.71 5.02 -10.61
C ASP A 59 3.26 4.65 -10.90
N VAL A 60 2.91 3.37 -10.75
CA VAL A 60 1.55 2.93 -11.03
C VAL A 60 0.53 3.59 -10.09
N ASN A 61 -0.52 4.14 -10.69
CA ASN A 61 -1.56 4.82 -9.93
C ASN A 61 -2.85 3.99 -9.89
N PHE A 62 -3.45 3.91 -8.71
CA PHE A 62 -4.68 3.14 -8.53
C PHE A 62 -5.86 4.06 -8.18
N GLU A 63 -5.71 5.35 -8.48
CA GLU A 63 -6.76 6.33 -8.19
C GLU A 63 -8.06 5.99 -8.90
N ASN A 64 -7.96 5.46 -10.11
CA ASN A 64 -9.13 5.09 -10.88
C ASN A 64 -9.09 3.61 -11.23
N MET A 65 -8.84 2.78 -10.22
CA MET A 65 -8.78 1.34 -10.41
C MET A 65 -9.65 0.64 -9.37
N SER A 66 -10.13 -0.55 -9.72
CA SER A 66 -10.98 -1.32 -8.81
C SER A 66 -10.17 -1.83 -7.63
N ASN A 67 -10.84 -2.10 -6.50
CA ASN A 67 -10.18 -2.60 -5.29
C ASN A 67 -9.29 -3.79 -5.60
N ASP A 68 -9.84 -4.76 -6.31
CA ASP A 68 -9.12 -5.97 -6.69
C ASP A 68 -7.86 -5.64 -7.48
N ASP A 69 -8.04 -4.87 -8.55
CA ASP A 69 -6.94 -4.47 -9.43
C ASP A 69 -5.83 -3.78 -8.66
N ALA A 70 -6.20 -2.92 -7.73
CA ALA A 70 -5.23 -2.19 -6.93
C ALA A 70 -4.29 -3.14 -6.19
N VAL A 71 -4.85 -4.15 -5.53
CA VAL A 71 -4.04 -5.10 -4.78
C VAL A 71 -3.37 -6.11 -5.72
N ARG A 72 -4.03 -6.39 -6.84
CA ARG A 72 -3.49 -7.33 -7.84
C ARG A 72 -2.10 -6.92 -8.26
N VAL A 73 -1.95 -5.65 -8.62
CA VAL A 73 -0.66 -5.12 -9.06
C VAL A 73 0.25 -4.89 -7.86
N LEU A 74 -0.34 -4.46 -6.74
CA LEU A 74 0.42 -4.19 -5.52
C LEU A 74 1.25 -5.39 -5.08
N ARG A 75 0.61 -6.55 -5.05
CA ARG A 75 1.29 -7.77 -4.63
C ARG A 75 2.43 -8.14 -5.57
N GLU A 76 2.29 -7.81 -6.84
CA GLU A 76 3.32 -8.11 -7.83
C GLU A 76 4.56 -7.27 -7.55
N ILE A 77 4.33 -6.01 -7.18
CA ILE A 77 5.42 -5.08 -6.88
C ILE A 77 6.12 -5.45 -5.58
N VAL A 78 5.33 -5.79 -4.55
CA VAL A 78 5.87 -6.14 -3.25
C VAL A 78 6.67 -7.45 -3.32
N SER A 79 6.42 -8.24 -4.35
CA SER A 79 7.13 -9.50 -4.52
C SER A 79 8.44 -9.29 -5.29
N GLN A 80 8.83 -8.04 -5.45
CA GLN A 80 10.06 -7.71 -6.16
C GLN A 80 11.08 -7.12 -5.20
N THR A 81 12.36 -7.29 -5.51
CA THR A 81 13.42 -6.79 -4.67
C THR A 81 13.88 -5.40 -5.10
N GLY A 82 13.42 -4.38 -4.38
CA GLY A 82 13.78 -3.02 -4.69
C GLY A 82 13.05 -2.03 -3.81
N PRO A 83 13.42 -0.73 -3.88
CA PRO A 83 12.77 0.31 -3.08
C PRO A 83 11.34 0.59 -3.54
N ILE A 84 10.40 0.49 -2.62
CA ILE A 84 9.00 0.72 -2.95
C ILE A 84 8.54 2.08 -2.41
N SER A 85 8.13 2.95 -3.32
CA SER A 85 7.66 4.26 -2.94
C SER A 85 6.15 4.28 -2.76
N LEU A 86 5.71 4.47 -1.53
CA LEU A 86 4.28 4.50 -1.22
C LEU A 86 3.75 5.92 -1.20
N THR A 87 2.79 6.19 -2.08
CA THR A 87 2.17 7.49 -2.14
C THR A 87 0.80 7.42 -1.48
N VAL A 88 0.77 7.76 -0.19
CA VAL A 88 -0.46 7.68 0.58
C VAL A 88 -1.16 9.03 0.68
N ALA A 89 -2.47 8.98 0.86
CA ALA A 89 -3.27 10.17 1.01
C ALA A 89 -3.81 10.23 2.43
N LYS A 90 -3.13 10.97 3.28
CA LYS A 90 -3.53 11.10 4.67
C LYS A 90 -4.50 12.24 4.83
C1 PHQ B 1 -4.09 -8.34 1.45
O1 PHQ B 1 -4.27 -7.56 2.38
O2 PHQ B 1 -5.15 -8.53 0.38
C2 PHQ B 1 -6.18 -7.41 0.41
C3 PHQ B 1 -7.26 -7.51 -0.64
C4 PHQ B 1 -8.35 -6.61 -0.64
C5 PHQ B 1 -9.17 -6.52 -1.78
C6 PHQ B 1 -9.01 -7.43 -2.84
C7 PHQ B 1 -8.02 -8.42 -2.76
C8 PHQ B 1 -7.19 -8.51 -1.62
H21 PHQ B 1 -5.66 -6.45 0.27
H22 PHQ B 1 -6.65 -7.40 1.40
H41 PHQ B 1 -8.54 -6.01 0.23
H51 PHQ B 1 -9.92 -5.75 -1.84
H61 PHQ B 1 -9.64 -7.35 -3.71
H71 PHQ B 1 -7.89 -9.12 -3.58
H81 PHQ B 1 -6.52 -9.34 -1.51
N TRP B 2 -2.96 -9.03 1.37
CA TRP B 2 -1.89 -8.91 2.36
C TRP B 2 -0.54 -8.92 1.67
N VAL B 3 0.35 -8.01 2.08
CA VAL B 3 1.69 -7.96 1.50
C VAL B 3 2.69 -7.48 2.54
N ASN A 1 -2.86 15.35 3.40
CA ASN A 1 -1.42 15.43 3.09
C ASN A 1 -0.94 14.13 2.47
N ILE A 2 -0.42 14.21 1.24
CA ILE A 2 0.07 13.05 0.54
C ILE A 2 1.57 12.89 0.78
N ILE A 3 1.96 11.77 1.37
CA ILE A 3 3.36 11.51 1.69
C ILE A 3 3.88 10.29 0.95
N THR A 4 5.09 10.39 0.42
CA THR A 4 5.73 9.30 -0.30
C THR A 4 6.86 8.71 0.54
N VAL A 5 6.79 7.42 0.81
CA VAL A 5 7.82 6.75 1.61
C VAL A 5 8.58 5.74 0.77
N THR A 6 9.88 5.63 1.02
CA THR A 6 10.74 4.69 0.31
C THR A 6 11.10 3.52 1.22
N LEU A 7 10.51 2.36 0.96
CA LEU A 7 10.76 1.18 1.76
C LEU A 7 11.91 0.34 1.22
N ASN A 8 12.67 -0.27 2.13
CA ASN A 8 13.79 -1.11 1.76
C ASN A 8 13.40 -2.57 1.83
N MET A 9 13.46 -3.25 0.69
CA MET A 9 13.09 -4.66 0.61
C MET A 9 14.33 -5.56 0.66
N GLU A 10 15.39 -5.06 1.27
CA GLU A 10 16.61 -5.84 1.39
C GLU A 10 16.65 -6.54 2.75
N ARG A 11 16.48 -5.75 3.79
CA ARG A 11 16.47 -6.28 5.15
C ARG A 11 15.08 -6.82 5.49
N HIS A 12 14.10 -6.41 4.70
CA HIS A 12 12.72 -6.84 4.91
C HIS A 12 12.29 -7.73 3.76
N HIS A 13 11.44 -8.71 4.06
CA HIS A 13 10.96 -9.63 3.04
C HIS A 13 9.48 -9.43 2.75
N PHE A 14 8.88 -8.44 3.39
CA PHE A 14 7.46 -8.16 3.19
C PHE A 14 7.13 -6.75 3.62
N LEU A 15 5.96 -6.27 3.21
CA LEU A 15 5.51 -4.93 3.54
C LEU A 15 4.98 -4.89 4.96
N GLY A 16 4.02 -5.77 5.24
CA GLY A 16 3.45 -5.85 6.56
C GLY A 16 2.20 -5.01 6.71
N ILE A 17 1.33 -5.04 5.71
CA ILE A 17 0.10 -4.27 5.76
C ILE A 17 -1.08 -5.03 5.20
N SER A 18 -2.26 -4.70 5.70
CA SER A 18 -3.49 -5.31 5.25
C SER A 18 -4.21 -4.35 4.30
N ILE A 19 -4.43 -4.78 3.08
CA ILE A 19 -5.08 -3.94 2.09
C ILE A 19 -6.59 -4.09 2.16
N VAL A 20 -7.27 -3.08 2.67
CA VAL A 20 -8.71 -3.11 2.79
C VAL A 20 -9.36 -2.26 1.70
N GLY A 21 -10.07 -2.90 0.79
CA GLY A 21 -10.73 -2.17 -0.28
C GLY A 21 -12.21 -2.03 -0.04
N GLN A 22 -12.65 -0.80 0.17
CA GLN A 22 -14.07 -0.52 0.42
C GLN A 22 -14.90 -0.78 -0.84
N SER A 23 -15.56 -1.92 -0.86
CA SER A 23 -16.39 -2.32 -1.98
C SER A 23 -17.80 -2.65 -1.52
N ASN A 24 -18.70 -1.70 -1.62
CA ASN A 24 -20.09 -1.90 -1.20
C ASN A 24 -21.04 -1.90 -2.39
N ASP A 25 -21.64 -0.75 -2.69
CA ASP A 25 -22.58 -0.65 -3.80
C ASP A 25 -21.91 -0.13 -5.06
N ARG A 26 -20.99 0.80 -4.89
CA ARG A 26 -20.27 1.39 -6.02
C ARG A 26 -19.16 0.48 -6.50
N GLY A 27 -18.41 -0.07 -5.56
CA GLY A 27 -17.32 -0.96 -5.91
C GLY A 27 -15.99 -0.24 -5.83
N ASP A 28 -15.93 0.95 -6.41
CA ASP A 28 -14.72 1.75 -6.37
C ASP A 28 -14.73 2.67 -5.17
N GLY A 29 -13.85 2.38 -4.22
CA GLY A 29 -13.77 3.18 -3.01
C GLY A 29 -12.35 3.51 -2.64
N GLY A 30 -11.44 2.60 -2.93
CA GLY A 30 -10.04 2.82 -2.61
C GLY A 30 -9.53 1.80 -1.63
N ILE A 31 -8.22 1.63 -1.59
CA ILE A 31 -7.59 0.68 -0.68
C ILE A 31 -6.96 1.40 0.51
N TYR A 32 -7.39 1.00 1.70
CA TYR A 32 -6.88 1.61 2.92
C TYR A 32 -6.07 0.62 3.73
N ILE A 33 -5.20 1.14 4.58
CA ILE A 33 -4.36 0.32 5.45
C ILE A 33 -5.17 -0.19 6.64
N GLY A 34 -5.37 -1.49 6.70
CA GLY A 34 -6.13 -2.07 7.79
C GLY A 34 -5.31 -2.17 9.06
N SER A 35 -4.19 -2.86 8.99
CA SER A 35 -3.32 -3.02 10.15
C SER A 35 -1.87 -3.17 9.69
N ILE A 36 -0.94 -2.80 10.55
CA ILE A 36 0.48 -2.90 10.25
C ILE A 36 1.11 -4.02 11.07
N MET A 37 1.85 -4.88 10.40
CA MET A 37 2.50 -5.99 11.08
C MET A 37 3.93 -5.63 11.46
N LYS A 38 4.23 -5.74 12.76
CA LYS A 38 5.56 -5.43 13.27
C LYS A 38 6.58 -6.37 12.65
N GLY A 39 7.55 -5.80 11.95
CA GLY A 39 8.56 -6.61 11.30
C GLY A 39 8.59 -6.36 9.81
N GLY A 40 7.52 -5.75 9.31
CA GLY A 40 7.45 -5.44 7.90
C GLY A 40 8.14 -4.13 7.58
N ALA A 41 8.33 -3.85 6.30
CA ALA A 41 8.99 -2.63 5.87
C ALA A 41 8.22 -1.38 6.29
N VAL A 42 6.90 -1.50 6.32
CA VAL A 42 6.04 -0.38 6.71
C VAL A 42 6.21 -0.05 8.19
N ALA A 43 6.39 -1.09 9.01
CA ALA A 43 6.56 -0.92 10.44
C ALA A 43 7.91 -0.28 10.77
N ALA A 44 8.79 -0.24 9.78
CA ALA A 44 10.11 0.34 9.98
C ALA A 44 10.10 1.84 9.69
N ASP A 45 9.03 2.31 9.06
CA ASP A 45 8.92 3.73 8.73
C ASP A 45 8.22 4.49 9.86
N GLY A 46 6.92 4.24 10.02
CA GLY A 46 6.18 4.89 11.10
C GLY A 46 5.25 6.00 10.63
N ARG A 47 5.42 6.47 9.40
CA ARG A 47 4.56 7.55 8.89
C ARG A 47 3.22 7.00 8.41
N ILE A 48 3.19 5.72 8.08
CA ILE A 48 1.96 5.08 7.63
C ILE A 48 1.22 4.52 8.84
N GLU A 49 -0.09 4.69 8.86
CA GLU A 49 -0.91 4.21 9.97
C GLU A 49 -2.24 3.64 9.47
N PRO A 50 -2.94 2.86 10.30
CA PRO A 50 -4.25 2.29 9.94
C PRO A 50 -5.24 3.38 9.53
N GLY A 51 -5.74 3.29 8.31
CA GLY A 51 -6.68 4.28 7.84
C GLY A 51 -6.18 5.00 6.61
N ASP A 52 -4.85 5.03 6.46
CA ASP A 52 -4.21 5.70 5.31
C ASP A 52 -4.67 5.06 4.01
N MET A 53 -4.91 5.87 3.00
CA MET A 53 -5.34 5.38 1.70
C MET A 53 -4.16 5.37 0.72
N LEU A 54 -3.97 4.24 0.05
CA LEU A 54 -2.90 4.10 -0.91
C LEU A 54 -3.33 4.64 -2.27
N LEU A 55 -2.53 5.53 -2.83
CA LEU A 55 -2.84 6.12 -4.12
C LEU A 55 -1.92 5.56 -5.19
N GLN A 56 -0.67 6.01 -5.16
CA GLN A 56 0.33 5.58 -6.13
C GLN A 56 1.33 4.65 -5.48
N VAL A 57 1.69 3.58 -6.19
CA VAL A 57 2.65 2.62 -5.71
C VAL A 57 3.66 2.33 -6.80
N ASN A 58 4.80 3.00 -6.72
CA ASN A 58 5.87 2.84 -7.71
C ASN A 58 5.40 3.23 -9.11
N ASP A 59 5.21 4.53 -9.31
CA ASP A 59 4.80 5.11 -10.60
C ASP A 59 3.32 4.92 -10.92
N VAL A 60 2.82 3.69 -10.82
CA VAL A 60 1.42 3.43 -11.14
C VAL A 60 0.47 3.93 -10.08
N ASN A 61 -0.57 4.64 -10.51
CA ASN A 61 -1.59 5.19 -9.62
C ASN A 61 -2.82 4.31 -9.67
N PHE A 62 -3.35 3.93 -8.52
CA PHE A 62 -4.51 3.05 -8.47
C PHE A 62 -5.82 3.81 -8.29
N GLU A 63 -5.76 5.14 -8.31
CA GLU A 63 -6.95 5.97 -8.14
C GLU A 63 -7.94 5.77 -9.30
N ASN A 64 -7.44 5.30 -10.42
CA ASN A 64 -8.29 5.08 -11.60
C ASN A 64 -8.51 3.61 -11.84
N MET A 65 -8.36 2.81 -10.80
CA MET A 65 -8.54 1.36 -10.92
C MET A 65 -9.46 0.83 -9.83
N SER A 66 -9.87 -0.42 -9.98
CA SER A 66 -10.75 -1.06 -9.02
C SER A 66 -9.96 -1.55 -7.82
N ASN A 67 -10.63 -1.71 -6.68
CA ASN A 67 -10.00 -2.17 -5.43
C ASN A 67 -9.23 -3.47 -5.64
N ASP A 68 -9.89 -4.46 -6.24
CA ASP A 68 -9.28 -5.76 -6.48
C ASP A 68 -8.05 -5.63 -7.38
N ASP A 69 -8.22 -4.97 -8.52
CA ASP A 69 -7.14 -4.77 -9.48
C ASP A 69 -5.97 -4.04 -8.84
N ALA A 70 -6.28 -3.12 -7.94
CA ALA A 70 -5.27 -2.34 -7.24
C ALA A 70 -4.32 -3.23 -6.46
N VAL A 71 -4.88 -4.14 -5.66
CA VAL A 71 -4.05 -5.04 -4.86
C VAL A 71 -3.35 -6.07 -5.73
N ARG A 72 -3.93 -6.38 -6.88
CA ARG A 72 -3.32 -7.34 -7.81
C ARG A 72 -1.91 -6.89 -8.16
N VAL A 73 -1.80 -5.65 -8.59
CA VAL A 73 -0.52 -5.06 -8.97
C VAL A 73 0.33 -4.81 -7.74
N LEU A 74 -0.32 -4.40 -6.66
CA LEU A 74 0.36 -4.12 -5.39
C LEU A 74 1.19 -5.32 -4.95
N ARG A 75 0.55 -6.48 -4.88
CA ARG A 75 1.22 -7.71 -4.47
C ARG A 75 2.32 -8.09 -5.45
N GLU A 76 2.10 -7.80 -6.72
CA GLU A 76 3.08 -8.11 -7.76
C GLU A 76 4.35 -7.27 -7.56
N ILE A 77 4.14 -6.00 -7.21
CA ILE A 77 5.25 -5.09 -6.98
C ILE A 77 6.01 -5.46 -5.70
N VAL A 78 5.26 -5.80 -4.66
CA VAL A 78 5.86 -6.17 -3.38
C VAL A 78 6.62 -7.50 -3.50
N SER A 79 6.27 -8.30 -4.49
CA SER A 79 6.93 -9.58 -4.71
C SER A 79 8.22 -9.40 -5.50
N GLN A 80 8.54 -8.16 -5.83
CA GLN A 80 9.75 -7.85 -6.59
C GLN A 80 10.78 -7.19 -5.69
N THR A 81 12.04 -7.55 -5.88
CA THR A 81 13.12 -7.00 -5.08
C THR A 81 13.57 -5.63 -5.59
N GLY A 82 13.36 -4.60 -4.78
CA GLY A 82 13.76 -3.27 -5.16
C GLY A 82 13.20 -2.22 -4.21
N PRO A 83 13.33 -0.94 -4.55
CA PRO A 83 12.83 0.16 -3.73
C PRO A 83 11.36 0.43 -3.98
N ILE A 84 10.54 0.24 -2.95
CA ILE A 84 9.11 0.46 -3.07
C ILE A 84 8.72 1.84 -2.54
N SER A 85 8.17 2.66 -3.43
CA SER A 85 7.75 4.00 -3.08
C SER A 85 6.22 4.04 -2.92
N LEU A 86 5.78 4.21 -1.69
CA LEU A 86 4.35 4.26 -1.40
C LEU A 86 3.88 5.69 -1.24
N THR A 87 2.87 6.07 -2.02
CA THR A 87 2.29 7.39 -1.94
C THR A 87 0.94 7.29 -1.23
N VAL A 88 0.92 7.61 0.05
CA VAL A 88 -0.29 7.51 0.84
C VAL A 88 -0.99 8.86 1.01
N ALA A 89 -2.31 8.80 1.09
CA ALA A 89 -3.12 10.00 1.27
C ALA A 89 -3.61 10.08 2.69
N LYS A 90 -2.99 10.93 3.49
CA LYS A 90 -3.37 11.10 4.88
C LYS A 90 -4.26 12.33 5.02
C1 PHQ B 1 -4.20 -8.36 1.24
O1 PHQ B 1 -4.42 -7.52 2.10
O2 PHQ B 1 -5.23 -8.62 0.14
C2 PHQ B 1 -6.19 -7.45 0.01
C3 PHQ B 1 -7.27 -7.64 -1.03
C4 PHQ B 1 -8.54 -7.07 -0.84
C5 PHQ B 1 -9.47 -7.04 -1.90
C6 PHQ B 1 -9.17 -7.71 -3.10
C7 PHQ B 1 -7.94 -8.38 -3.24
C8 PHQ B 1 -7.01 -8.39 -2.19
H21 PHQ B 1 -5.61 -6.56 -0.26
H22 PHQ B 1 -6.66 -7.27 0.97
H41 PHQ B 1 -8.79 -6.63 0.12
H51 PHQ B 1 -10.39 -6.50 -1.79
H61 PHQ B 1 -9.88 -7.70 -3.91
H71 PHQ B 1 -7.72 -8.90 -4.16
H81 PHQ B 1 -6.11 -8.98 -2.27
N TRP B 2 -3.07 -9.05 1.25
CA TRP B 2 -2.04 -8.85 2.28
C TRP B 2 -0.65 -8.90 1.66
N VAL B 3 0.23 -8.03 2.14
CA VAL B 3 1.62 -7.99 1.68
C VAL B 3 2.51 -7.49 2.79
N ASN A 1 -3.92 15.04 3.16
CA ASN A 1 -2.44 15.13 3.22
C ASN A 1 -1.81 13.93 2.52
N ILE A 2 -1.15 14.18 1.40
CA ILE A 2 -0.50 13.12 0.64
C ILE A 2 0.96 12.95 1.08
N ILE A 3 1.32 11.75 1.49
CA ILE A 3 2.67 11.48 1.94
C ILE A 3 3.30 10.33 1.14
N THR A 4 4.42 10.62 0.50
CA THR A 4 5.14 9.63 -0.29
C THR A 4 6.35 9.12 0.48
N VAL A 5 6.41 7.84 0.74
CA VAL A 5 7.53 7.26 1.48
C VAL A 5 8.18 6.12 0.72
N THR A 6 9.50 6.00 0.85
CA THR A 6 10.23 4.92 0.21
C THR A 6 10.74 3.97 1.29
N LEU A 7 10.34 2.72 1.19
CA LEU A 7 10.72 1.74 2.19
C LEU A 7 11.84 0.83 1.69
N ASN A 8 12.83 0.61 2.54
CA ASN A 8 13.96 -0.25 2.23
C ASN A 8 13.52 -1.70 2.10
N MET A 9 13.73 -2.30 0.93
CA MET A 9 13.34 -3.68 0.70
C MET A 9 14.55 -4.60 0.76
N GLU A 10 15.63 -4.11 1.35
CA GLU A 10 16.84 -4.91 1.50
C GLU A 10 16.78 -5.71 2.79
N ARG A 11 16.53 -5.00 3.89
CA ARG A 11 16.45 -5.62 5.21
C ARG A 11 15.07 -6.25 5.41
N HIS A 12 14.06 -5.66 4.78
CA HIS A 12 12.70 -6.18 4.91
C HIS A 12 12.42 -7.14 3.76
N HIS A 13 11.45 -8.02 3.96
CA HIS A 13 11.11 -8.99 2.93
C HIS A 13 9.66 -8.82 2.48
N PHE A 14 8.94 -7.95 3.18
CA PHE A 14 7.54 -7.68 2.86
C PHE A 14 7.14 -6.30 3.38
N LEU A 15 5.93 -5.87 3.04
CA LEU A 15 5.41 -4.58 3.45
C LEU A 15 4.89 -4.68 4.88
N GLY A 16 4.00 -5.63 5.12
CA GLY A 16 3.45 -5.83 6.43
C GLY A 16 2.19 -5.02 6.67
N ILE A 17 1.28 -5.05 5.71
CA ILE A 17 0.03 -4.30 5.83
C ILE A 17 -1.12 -5.05 5.15
N SER A 18 -2.33 -4.86 5.70
CA SER A 18 -3.52 -5.47 5.15
C SER A 18 -4.24 -4.44 4.29
N ILE A 19 -4.50 -4.80 3.04
CA ILE A 19 -5.17 -3.90 2.11
C ILE A 19 -6.68 -4.07 2.18
N VAL A 20 -7.35 -3.06 2.71
CA VAL A 20 -8.80 -3.09 2.84
C VAL A 20 -9.47 -2.19 1.80
N GLY A 21 -10.14 -2.80 0.84
CA GLY A 21 -10.82 -2.05 -0.19
C GLY A 21 -12.28 -1.82 0.16
N GLN A 22 -12.67 -0.57 0.29
CA GLN A 22 -14.04 -0.23 0.63
C GLN A 22 -14.97 -0.50 -0.56
N SER A 23 -15.56 -1.68 -0.58
CA SER A 23 -16.46 -2.06 -1.64
C SER A 23 -17.90 -1.84 -1.21
N ASN A 24 -18.43 -0.68 -1.57
CA ASN A 24 -19.81 -0.32 -1.22
C ASN A 24 -20.71 -0.61 -2.41
N ASP A 25 -21.88 0.01 -2.44
CA ASP A 25 -22.83 -0.18 -3.55
C ASP A 25 -22.25 0.40 -4.84
N ARG A 26 -21.31 1.31 -4.68
CA ARG A 26 -20.64 1.95 -5.81
C ARG A 26 -19.55 1.04 -6.37
N GLY A 27 -19.15 0.05 -5.58
CA GLY A 27 -18.12 -0.87 -6.00
C GLY A 27 -16.75 -0.36 -5.62
N ASP A 28 -16.21 0.54 -6.41
CA ASP A 28 -14.89 1.10 -6.15
C ASP A 28 -15.01 2.17 -5.07
N GLY A 29 -13.97 2.29 -4.27
CA GLY A 29 -13.97 3.26 -3.20
C GLY A 29 -12.56 3.65 -2.81
N GLY A 30 -11.67 2.67 -2.86
CA GLY A 30 -10.29 2.92 -2.50
C GLY A 30 -9.76 1.87 -1.56
N ILE A 31 -8.45 1.68 -1.58
CA ILE A 31 -7.81 0.70 -0.72
C ILE A 31 -7.15 1.39 0.46
N TYR A 32 -7.60 1.05 1.65
CA TYR A 32 -7.07 1.65 2.88
C TYR A 32 -6.23 0.65 3.66
N ILE A 33 -5.39 1.17 4.53
CA ILE A 33 -4.55 0.35 5.37
C ILE A 33 -5.35 -0.17 6.55
N GLY A 34 -5.59 -1.47 6.59
CA GLY A 34 -6.36 -2.04 7.68
C GLY A 34 -5.57 -2.08 8.97
N SER A 35 -4.40 -2.71 8.93
CA SER A 35 -3.54 -2.82 10.09
C SER A 35 -2.09 -2.96 9.66
N ILE A 36 -1.18 -2.60 10.56
CA ILE A 36 0.24 -2.68 10.28
C ILE A 36 0.85 -3.85 11.06
N MET A 37 1.69 -4.61 10.39
CA MET A 37 2.35 -5.76 11.01
C MET A 37 3.75 -5.38 11.47
N LYS A 38 4.10 -5.77 12.68
CA LYS A 38 5.41 -5.48 13.24
C LYS A 38 6.48 -6.28 12.52
N GLY A 39 7.59 -5.63 12.19
CA GLY A 39 8.67 -6.30 11.50
C GLY A 39 8.62 -6.04 10.01
N GLY A 40 7.52 -5.45 9.55
CA GLY A 40 7.36 -5.14 8.14
C GLY A 40 8.05 -3.85 7.77
N ALA A 41 8.03 -3.53 6.49
CA ALA A 41 8.66 -2.32 5.99
C ALA A 41 7.93 -1.07 6.47
N VAL A 42 6.61 -1.17 6.53
CA VAL A 42 5.77 -0.04 6.96
C VAL A 42 5.98 0.24 8.45
N ALA A 43 6.21 -0.81 9.22
CA ALA A 43 6.41 -0.68 10.67
C ALA A 43 7.68 0.11 10.98
N ALA A 44 8.60 0.16 10.03
CA ALA A 44 9.86 0.88 10.22
C ALA A 44 9.70 2.36 9.90
N ASP A 45 8.62 2.71 9.22
CA ASP A 45 8.38 4.10 8.86
C ASP A 45 7.69 4.86 9.99
N GLY A 46 6.40 4.60 10.19
CA GLY A 46 5.68 5.24 11.27
C GLY A 46 4.73 6.34 10.79
N ARG A 47 4.90 6.81 9.56
CA ARG A 47 4.03 7.86 9.04
C ARG A 47 2.70 7.29 8.57
N ILE A 48 2.72 6.04 8.11
CA ILE A 48 1.51 5.38 7.65
C ILE A 48 0.77 4.76 8.83
N GLU A 49 -0.55 4.91 8.85
CA GLU A 49 -1.36 4.38 9.93
C GLU A 49 -2.61 3.70 9.40
N PRO A 50 -3.29 2.90 10.24
CA PRO A 50 -4.54 2.23 9.84
C PRO A 50 -5.62 3.25 9.52
N GLY A 51 -5.99 3.33 8.26
CA GLY A 51 -6.99 4.27 7.83
C GLY A 51 -6.53 5.07 6.62
N ASP A 52 -5.22 5.07 6.39
CA ASP A 52 -4.64 5.79 5.26
C ASP A 52 -5.03 5.09 3.96
N MET A 53 -5.18 5.87 2.90
CA MET A 53 -5.55 5.32 1.60
C MET A 53 -4.36 5.26 0.67
N LEU A 54 -4.22 4.15 -0.04
CA LEU A 54 -3.13 3.97 -0.98
C LEU A 54 -3.52 4.52 -2.35
N LEU A 55 -2.73 5.45 -2.86
CA LEU A 55 -3.02 6.03 -4.16
C LEU A 55 -2.11 5.45 -5.22
N GLN A 56 -0.87 5.90 -5.25
CA GLN A 56 0.11 5.44 -6.21
C GLN A 56 1.23 4.66 -5.54
N VAL A 57 1.57 3.52 -6.12
CA VAL A 57 2.64 2.68 -5.60
C VAL A 57 3.64 2.38 -6.70
N ASN A 58 4.69 3.19 -6.76
CA ASN A 58 5.75 3.03 -7.76
C ASN A 58 5.19 3.17 -9.18
N ASP A 59 4.92 4.42 -9.57
CA ASP A 59 4.40 4.77 -10.90
C ASP A 59 2.91 4.47 -11.06
N VAL A 60 2.55 3.20 -10.93
CA VAL A 60 1.16 2.78 -11.10
C VAL A 60 0.25 3.41 -10.03
N ASN A 61 -0.80 4.06 -10.50
CA ASN A 61 -1.75 4.71 -9.64
C ASN A 61 -3.05 3.91 -9.59
N PHE A 62 -3.57 3.69 -8.40
CA PHE A 62 -4.80 2.92 -8.23
C PHE A 62 -5.98 3.83 -7.92
N GLU A 63 -5.78 5.14 -8.08
CA GLU A 63 -6.84 6.12 -7.82
C GLU A 63 -8.10 5.81 -8.62
N ASN A 64 -7.91 5.36 -9.86
CA ASN A 64 -9.02 5.05 -10.73
C ASN A 64 -8.94 3.61 -11.22
N MET A 65 -8.93 2.67 -10.28
CA MET A 65 -8.86 1.25 -10.61
C MET A 65 -9.78 0.46 -9.68
N SER A 66 -10.09 -0.78 -10.06
CA SER A 66 -10.94 -1.64 -9.24
C SER A 66 -10.21 -2.03 -7.96
N ASN A 67 -10.96 -2.20 -6.87
CA ASN A 67 -10.38 -2.58 -5.59
C ASN A 67 -9.50 -3.82 -5.71
N ASP A 68 -10.03 -4.83 -6.39
CA ASP A 68 -9.32 -6.09 -6.60
C ASP A 68 -8.05 -5.88 -7.41
N ASP A 69 -8.19 -5.18 -8.53
CA ASP A 69 -7.08 -4.91 -9.44
C ASP A 69 -5.99 -4.09 -8.76
N ALA A 70 -6.39 -3.19 -7.87
CA ALA A 70 -5.47 -2.34 -7.14
C ALA A 70 -4.47 -3.18 -6.35
N VAL A 71 -4.97 -4.15 -5.59
CA VAL A 71 -4.10 -5.01 -4.79
C VAL A 71 -3.38 -6.03 -5.66
N ARG A 72 -4.00 -6.40 -6.78
CA ARG A 72 -3.41 -7.36 -7.71
C ARG A 72 -2.02 -6.90 -8.14
N VAL A 73 -1.93 -5.66 -8.60
CA VAL A 73 -0.66 -5.10 -9.03
C VAL A 73 0.26 -4.86 -7.84
N LEU A 74 -0.32 -4.39 -6.74
CA LEU A 74 0.44 -4.10 -5.52
C LEU A 74 1.24 -5.31 -5.07
N ARG A 75 0.58 -6.46 -5.00
CA ARG A 75 1.22 -7.69 -4.56
C ARG A 75 2.39 -8.08 -5.46
N GLU A 76 2.22 -7.86 -6.76
CA GLU A 76 3.28 -8.19 -7.71
C GLU A 76 4.52 -7.32 -7.47
N ILE A 77 4.29 -6.05 -7.14
CA ILE A 77 5.37 -5.12 -6.88
C ILE A 77 6.10 -5.49 -5.59
N VAL A 78 5.33 -5.85 -4.56
CA VAL A 78 5.91 -6.22 -3.27
C VAL A 78 6.66 -7.55 -3.36
N SER A 79 6.35 -8.33 -4.39
CA SER A 79 7.00 -9.62 -4.59
C SER A 79 8.25 -9.46 -5.47
N GLN A 80 8.53 -8.23 -5.85
CA GLN A 80 9.68 -7.93 -6.70
C GLN A 80 10.77 -7.25 -5.88
N THR A 81 12.01 -7.66 -6.12
CA THR A 81 13.15 -7.11 -5.42
C THR A 81 13.51 -5.71 -5.92
N GLY A 82 13.08 -4.70 -5.18
CA GLY A 82 13.36 -3.33 -5.55
C GLY A 82 12.71 -2.34 -4.59
N PRO A 83 13.19 -1.09 -4.55
CA PRO A 83 12.65 -0.06 -3.67
C PRO A 83 11.17 0.24 -3.96
N ILE A 84 10.35 0.24 -2.91
CA ILE A 84 8.94 0.49 -3.06
C ILE A 84 8.54 1.82 -2.41
N SER A 85 7.98 2.70 -3.22
CA SER A 85 7.53 4.00 -2.73
C SER A 85 6.01 4.03 -2.66
N LEU A 86 5.50 4.28 -1.46
CA LEU A 86 4.07 4.32 -1.23
C LEU A 86 3.56 5.74 -1.11
N THR A 87 2.56 6.07 -1.89
CA THR A 87 1.96 7.39 -1.86
C THR A 87 0.60 7.27 -1.18
N VAL A 88 0.54 7.59 0.10
CA VAL A 88 -0.69 7.48 0.86
C VAL A 88 -1.41 8.82 1.01
N ALA A 89 -2.73 8.73 1.14
CA ALA A 89 -3.56 9.91 1.32
C ALA A 89 -4.16 9.90 2.72
N LYS A 90 -3.73 10.85 3.54
CA LYS A 90 -4.23 10.97 4.89
C LYS A 90 -5.21 12.13 4.99
C1 PHQ B 1 -4.04 -8.34 1.16
O1 PHQ B 1 -4.24 -7.50 2.05
O2 PHQ B 1 -5.07 -8.53 0.04
C2 PHQ B 1 -6.16 -7.47 0.11
C3 PHQ B 1 -7.26 -7.66 -0.91
C4 PHQ B 1 -8.53 -7.12 -0.68
C5 PHQ B 1 -9.49 -7.11 -1.71
C6 PHQ B 1 -9.20 -7.73 -2.94
C7 PHQ B 1 -7.95 -8.34 -3.14
C8 PHQ B 1 -7.01 -8.37 -2.10
H21 PHQ B 1 -5.70 -6.49 -0.05
H22 PHQ B 1 -6.60 -7.49 1.10
H41 PHQ B 1 -8.78 -6.70 0.29
H51 PHQ B 1 -10.45 -6.65 -1.56
H61 PHQ B 1 -9.93 -7.71 -3.74
H71 PHQ B 1 -7.73 -8.82 -4.08
H81 PHQ B 1 -6.08 -8.92 -2.22
N TRP B 2 -2.95 -9.07 1.18
CA TRP B 2 -1.93 -8.94 2.23
C TRP B 2 -0.54 -8.92 1.62
N VAL B 3 0.29 -7.99 2.06
CA VAL B 3 1.66 -7.88 1.58
C VAL B 3 2.53 -7.25 2.65
N ASN A 1 -3.09 15.36 2.61
CA ASN A 1 -1.63 15.33 2.85
C ASN A 1 -1.01 14.11 2.16
N ILE A 2 -0.36 14.35 1.04
CA ILE A 2 0.26 13.27 0.28
C ILE A 2 1.74 13.13 0.64
N ILE A 3 2.15 11.92 1.00
CA ILE A 3 3.54 11.66 1.35
C ILE A 3 4.06 10.42 0.62
N THR A 4 5.20 10.56 -0.02
CA THR A 4 5.83 9.46 -0.73
C THR A 4 6.94 8.88 0.14
N VAL A 5 6.72 7.67 0.65
CA VAL A 5 7.70 7.02 1.50
C VAL A 5 8.54 6.01 0.74
N THR A 6 9.74 5.76 1.23
CA THR A 6 10.63 4.80 0.62
C THR A 6 10.99 3.73 1.65
N LEU A 7 10.80 2.48 1.30
CA LEU A 7 11.09 1.38 2.22
C LEU A 7 12.24 0.52 1.71
N ASN A 8 12.98 -0.04 2.64
CA ASN A 8 14.11 -0.91 2.32
C ASN A 8 13.68 -2.36 2.32
N MET A 9 13.83 -3.02 1.18
CA MET A 9 13.44 -4.42 1.05
C MET A 9 14.65 -5.34 1.13
N GLU A 10 15.75 -4.81 1.65
CA GLU A 10 16.96 -5.60 1.81
C GLU A 10 16.95 -6.28 3.17
N ARG A 11 16.56 -5.52 4.18
CA ARG A 11 16.47 -6.04 5.54
C ARG A 11 15.07 -6.57 5.80
N HIS A 12 14.13 -6.19 4.95
CA HIS A 12 12.75 -6.63 5.08
C HIS A 12 12.37 -7.51 3.90
N HIS A 13 11.53 -8.51 4.14
CA HIS A 13 11.12 -9.43 3.08
C HIS A 13 9.67 -9.19 2.66
N PHE A 14 8.97 -8.34 3.40
CA PHE A 14 7.58 -8.05 3.10
C PHE A 14 7.21 -6.65 3.56
N LEU A 15 6.04 -6.19 3.13
CA LEU A 15 5.56 -4.87 3.50
C LEU A 15 5.02 -4.90 4.93
N GLY A 16 4.07 -5.80 5.16
CA GLY A 16 3.50 -5.95 6.48
C GLY A 16 2.27 -5.09 6.66
N ILE A 17 1.40 -5.07 5.66
CA ILE A 17 0.18 -4.28 5.73
C ILE A 17 -1.00 -5.02 5.14
N SER A 18 -2.17 -4.69 5.66
CA SER A 18 -3.42 -5.27 5.19
C SER A 18 -4.13 -4.26 4.31
N ILE A 19 -4.52 -4.68 3.12
CA ILE A 19 -5.19 -3.79 2.20
C ILE A 19 -6.70 -3.97 2.27
N VAL A 20 -7.39 -2.94 2.73
CA VAL A 20 -8.84 -2.99 2.83
C VAL A 20 -9.47 -2.32 1.62
N GLY A 21 -10.16 -3.11 0.82
CA GLY A 21 -10.82 -2.57 -0.36
C GLY A 21 -12.22 -2.11 -0.05
N GLN A 22 -12.43 -0.81 -0.05
CA GLN A 22 -13.74 -0.25 0.23
C GLN A 22 -14.57 -0.16 -1.05
N SER A 23 -15.62 -0.96 -1.12
CA SER A 23 -16.49 -0.97 -2.29
C SER A 23 -17.90 -0.55 -1.92
N ASN A 24 -18.29 0.64 -2.35
CA ASN A 24 -19.62 1.16 -2.09
C ASN A 24 -20.67 0.37 -2.86
N ASP A 25 -20.50 0.28 -4.17
CA ASP A 25 -21.44 -0.45 -5.01
C ASP A 25 -20.73 -1.29 -6.06
N ARG A 26 -19.78 -0.69 -6.78
CA ARG A 26 -19.06 -1.41 -7.82
C ARG A 26 -17.55 -1.34 -7.60
N GLY A 27 -17.15 -1.13 -6.36
CA GLY A 27 -15.73 -1.04 -6.04
C GLY A 27 -15.30 0.38 -5.80
N ASP A 28 -16.28 1.25 -5.68
CA ASP A 28 -16.06 2.67 -5.44
C ASP A 28 -15.68 2.89 -3.98
N GLY A 29 -14.48 3.37 -3.76
CA GLY A 29 -14.03 3.63 -2.41
C GLY A 29 -12.53 3.81 -2.33
N GLY A 30 -11.79 2.75 -2.63
CA GLY A 30 -10.35 2.82 -2.60
C GLY A 30 -9.75 1.79 -1.67
N ILE A 31 -8.43 1.72 -1.65
CA ILE A 31 -7.72 0.77 -0.81
C ILE A 31 -7.08 1.48 0.38
N TYR A 32 -7.51 1.12 1.57
CA TYR A 32 -7.01 1.73 2.79
C TYR A 32 -6.19 0.72 3.60
N ILE A 33 -5.25 1.24 4.38
CA ILE A 33 -4.41 0.39 5.22
C ILE A 33 -5.19 -0.08 6.44
N GLY A 34 -5.44 -1.37 6.52
CA GLY A 34 -6.17 -1.92 7.65
C GLY A 34 -5.35 -1.96 8.90
N SER A 35 -4.24 -2.68 8.86
CA SER A 35 -3.36 -2.81 10.00
C SER A 35 -1.91 -2.95 9.56
N ILE A 36 -0.99 -2.69 10.47
CA ILE A 36 0.44 -2.80 10.18
C ILE A 36 1.05 -3.92 11.00
N MET A 37 1.81 -4.78 10.34
CA MET A 37 2.46 -5.89 11.01
C MET A 37 3.91 -5.56 11.35
N LYS A 38 4.27 -5.77 12.62
CA LYS A 38 5.62 -5.48 13.08
C LYS A 38 6.62 -6.43 12.42
N GLY A 39 7.71 -5.88 11.92
CA GLY A 39 8.71 -6.68 11.24
C GLY A 39 8.73 -6.42 9.76
N GLY A 40 7.70 -5.74 9.28
CA GLY A 40 7.60 -5.42 7.87
C GLY A 40 8.31 -4.12 7.55
N ALA A 41 8.42 -3.83 6.26
CA ALA A 41 9.08 -2.62 5.80
C ALA A 41 8.30 -1.37 6.21
N VAL A 42 6.98 -1.46 6.19
CA VAL A 42 6.13 -0.34 6.55
C VAL A 42 6.29 0.03 8.03
N ALA A 43 6.48 -0.98 8.86
CA ALA A 43 6.65 -0.78 10.30
C ALA A 43 7.95 -0.06 10.63
N ALA A 44 8.85 0.00 9.66
CA ALA A 44 10.13 0.66 9.88
C ALA A 44 10.03 2.15 9.58
N ASP A 45 9.04 2.52 8.78
CA ASP A 45 8.83 3.92 8.42
C ASP A 45 8.14 4.65 9.56
N GLY A 46 6.89 4.30 9.80
CA GLY A 46 6.15 4.93 10.89
C GLY A 46 5.19 6.01 10.44
N ARG A 47 5.39 6.56 9.25
CA ARG A 47 4.51 7.62 8.75
C ARG A 47 3.15 7.06 8.37
N ILE A 48 3.15 5.86 7.79
CA ILE A 48 1.92 5.21 7.39
C ILE A 48 1.21 4.65 8.63
N GLU A 49 -0.09 4.84 8.72
CA GLU A 49 -0.86 4.36 9.84
C GLU A 49 -2.16 3.69 9.36
N PRO A 50 -2.80 2.86 10.20
CA PRO A 50 -4.06 2.22 9.86
C PRO A 50 -5.14 3.26 9.55
N GLY A 51 -5.51 3.36 8.29
CA GLY A 51 -6.51 4.33 7.88
C GLY A 51 -6.06 5.11 6.68
N ASP A 52 -4.76 5.07 6.39
CA ASP A 52 -4.20 5.78 5.24
C ASP A 52 -4.65 5.11 3.94
N MET A 53 -4.78 5.90 2.89
CA MET A 53 -5.18 5.38 1.59
C MET A 53 -4.01 5.34 0.62
N LEU A 54 -3.88 4.24 -0.09
CA LEU A 54 -2.80 4.09 -1.07
C LEU A 54 -3.24 4.62 -2.42
N LEU A 55 -2.53 5.62 -2.91
CA LEU A 55 -2.87 6.21 -4.20
C LEU A 55 -1.94 5.68 -5.29
N GLN A 56 -0.66 6.01 -5.16
CA GLN A 56 0.34 5.60 -6.13
C GLN A 56 1.41 4.75 -5.48
N VAL A 57 1.75 3.64 -6.11
CA VAL A 57 2.77 2.74 -5.59
C VAL A 57 3.79 2.42 -6.66
N ASN A 58 4.97 3.03 -6.56
CA ASN A 58 6.05 2.80 -7.51
C ASN A 58 5.61 3.16 -8.94
N ASP A 59 5.44 4.46 -9.18
CA ASP A 59 5.07 5.00 -10.49
C ASP A 59 3.61 4.73 -10.89
N VAL A 60 3.13 3.51 -10.68
CA VAL A 60 1.75 3.18 -11.04
C VAL A 60 0.75 3.80 -10.06
N ASN A 61 -0.34 4.31 -10.60
CA ASN A 61 -1.38 4.96 -9.81
C ASN A 61 -2.65 4.12 -9.81
N PHE A 62 -3.26 3.96 -8.64
CA PHE A 62 -4.48 3.16 -8.52
C PHE A 62 -5.70 4.03 -8.25
N GLU A 63 -5.56 5.34 -8.42
CA GLU A 63 -6.66 6.26 -8.19
C GLU A 63 -7.82 6.02 -9.14
N ASN A 64 -7.52 5.52 -10.33
CA ASN A 64 -8.55 5.26 -11.32
C ASN A 64 -8.60 3.77 -11.67
N MET A 65 -8.39 2.93 -10.67
CA MET A 65 -8.43 1.49 -10.88
C MET A 65 -9.32 0.82 -9.85
N SER A 66 -9.88 -0.33 -10.22
CA SER A 66 -10.76 -1.08 -9.34
C SER A 66 -10.00 -1.61 -8.12
N ASN A 67 -10.71 -1.76 -7.00
CA ASN A 67 -10.11 -2.25 -5.75
C ASN A 67 -9.36 -3.56 -5.96
N ASP A 68 -10.01 -4.49 -6.66
CA ASP A 68 -9.41 -5.80 -6.95
C ASP A 68 -8.09 -5.64 -7.70
N ASP A 69 -8.13 -4.85 -8.76
CA ASP A 69 -6.96 -4.62 -9.61
C ASP A 69 -5.85 -3.91 -8.85
N ALA A 70 -6.23 -2.99 -7.98
CA ALA A 70 -5.27 -2.22 -7.19
C ALA A 70 -4.33 -3.14 -6.40
N VAL A 71 -4.91 -4.08 -5.66
CA VAL A 71 -4.11 -5.00 -4.86
C VAL A 71 -3.39 -6.01 -5.74
N ARG A 72 -4.01 -6.36 -6.88
CA ARG A 72 -3.42 -7.32 -7.82
C ARG A 72 -2.03 -6.87 -8.24
N VAL A 73 -1.92 -5.59 -8.59
CA VAL A 73 -0.65 -5.02 -9.02
C VAL A 73 0.26 -4.80 -7.82
N LEU A 74 -0.32 -4.33 -6.72
CA LEU A 74 0.43 -4.05 -5.49
C LEU A 74 1.22 -5.28 -5.04
N ARG A 75 0.54 -6.42 -5.01
CA ARG A 75 1.16 -7.65 -4.57
C ARG A 75 2.28 -8.09 -5.50
N GLU A 76 2.17 -7.74 -6.78
CA GLU A 76 3.21 -8.09 -7.74
C GLU A 76 4.48 -7.31 -7.46
N ILE A 77 4.30 -6.03 -7.11
CA ILE A 77 5.42 -5.15 -6.82
C ILE A 77 6.11 -5.59 -5.52
N VAL A 78 5.32 -5.90 -4.51
CA VAL A 78 5.85 -6.31 -3.22
C VAL A 78 6.52 -7.70 -3.29
N SER A 79 6.20 -8.45 -4.33
CA SER A 79 6.78 -9.77 -4.51
C SER A 79 8.04 -9.70 -5.37
N GLN A 80 8.43 -8.48 -5.73
CA GLN A 80 9.61 -8.27 -6.54
C GLN A 80 10.69 -7.56 -5.73
N THR A 81 11.95 -7.85 -6.03
CA THR A 81 13.06 -7.24 -5.31
C THR A 81 13.32 -5.82 -5.83
N GLY A 82 13.62 -4.90 -4.94
CA GLY A 82 13.90 -3.54 -5.34
C GLY A 82 13.36 -2.52 -4.35
N PRO A 83 13.43 -1.23 -4.67
CA PRO A 83 12.94 -0.16 -3.82
C PRO A 83 11.48 0.18 -4.10
N ILE A 84 10.62 -0.02 -3.10
CA ILE A 84 9.20 0.25 -3.25
C ILE A 84 8.84 1.63 -2.70
N SER A 85 8.32 2.48 -3.58
CA SER A 85 7.91 3.82 -3.20
C SER A 85 6.39 3.87 -2.99
N LEU A 86 5.97 4.13 -1.76
CA LEU A 86 4.55 4.17 -1.44
C LEU A 86 4.07 5.61 -1.27
N THR A 87 3.04 5.97 -2.03
CA THR A 87 2.47 7.30 -1.96
C THR A 87 1.09 7.24 -1.29
N VAL A 88 1.03 7.64 -0.03
CA VAL A 88 -0.20 7.61 0.73
C VAL A 88 -0.81 9.00 0.88
N ALA A 89 -2.12 9.03 1.14
CA ALA A 89 -2.83 10.28 1.32
C ALA A 89 -3.42 10.34 2.72
N LYS A 90 -2.85 11.20 3.53
CA LYS A 90 -3.28 11.39 4.91
C LYS A 90 -3.92 12.77 5.08
C1 PHQ B 1 -4.20 -8.33 1.43
O1 PHQ B 1 -4.40 -7.56 2.38
O2 PHQ B 1 -5.26 -8.52 0.35
C2 PHQ B 1 -6.16 -7.30 0.23
C3 PHQ B 1 -7.29 -7.46 -0.75
C4 PHQ B 1 -7.14 -8.31 -1.87
C5 PHQ B 1 -8.05 -8.22 -2.94
C6 PHQ B 1 -9.21 -7.42 -2.80
C7 PHQ B 1 -9.43 -6.69 -1.61
C8 PHQ B 1 -8.50 -6.78 -0.56
H21 PHQ B 1 -5.54 -6.46 -0.10
H22 PHQ B 1 -6.57 -7.08 1.21
H41 PHQ B 1 -6.32 -9.01 -1.92
H51 PHQ B 1 -7.88 -8.77 -3.85
H61 PHQ B 1 -9.91 -7.35 -3.62
H71 PHQ B 1 -10.31 -6.08 -1.52
H81 PHQ B 1 -8.71 -6.32 0.40
N TRP B 2 -3.05 -9.00 1.33
CA TRP B 2 -1.98 -8.86 2.33
C TRP B 2 -0.62 -8.88 1.65
N VAL B 3 0.28 -8.01 2.09
CA VAL B 3 1.63 -7.95 1.56
C VAL B 3 2.58 -7.45 2.62
#